data_5XGA
# 
_entry.id   5XGA 
# 
_audit_conform.dict_name       mmcif_pdbx.dic 
_audit_conform.dict_version    5.387 
_audit_conform.dict_location   http://mmcif.pdb.org/dictionaries/ascii/mmcif_pdbx.dic 
# 
loop_
_database_2.database_id 
_database_2.database_code 
_database_2.pdbx_database_accession 
_database_2.pdbx_DOI 
PDB   5XGA         pdb_00005xga 10.2210/pdb5xga/pdb 
WWPDB D_1300003470 ?            ?                   
# 
loop_
_pdbx_audit_revision_history.ordinal 
_pdbx_audit_revision_history.data_content_type 
_pdbx_audit_revision_history.major_revision 
_pdbx_audit_revision_history.minor_revision 
_pdbx_audit_revision_history.revision_date 
1 'Structure model' 1 0 2017-07-19 
2 'Structure model' 1 1 2017-08-30 
3 'Structure model' 1 2 2024-03-27 
# 
_pdbx_audit_revision_details.ordinal             1 
_pdbx_audit_revision_details.revision_ordinal    1 
_pdbx_audit_revision_details.data_content_type   'Structure model' 
_pdbx_audit_revision_details.provider            repository 
_pdbx_audit_revision_details.type                'Initial release' 
_pdbx_audit_revision_details.description         ? 
_pdbx_audit_revision_details.details             ? 
# 
loop_
_pdbx_audit_revision_group.ordinal 
_pdbx_audit_revision_group.revision_ordinal 
_pdbx_audit_revision_group.data_content_type 
_pdbx_audit_revision_group.group 
1 2 'Structure model' 'Data collection'     
2 3 'Structure model' 'Data collection'     
3 3 'Structure model' 'Database references' 
# 
loop_
_pdbx_audit_revision_category.ordinal 
_pdbx_audit_revision_category.revision_ordinal 
_pdbx_audit_revision_category.data_content_type 
_pdbx_audit_revision_category.category 
1 2 'Structure model' diffrn_detector 
2 3 'Structure model' chem_comp_atom  
3 3 'Structure model' chem_comp_bond  
4 3 'Structure model' database_2      
# 
loop_
_pdbx_audit_revision_item.ordinal 
_pdbx_audit_revision_item.revision_ordinal 
_pdbx_audit_revision_item.data_content_type 
_pdbx_audit_revision_item.item 
1 2 'Structure model' '_diffrn_detector.detector'           
2 3 'Structure model' '_database_2.pdbx_DOI'                
3 3 'Structure model' '_database_2.pdbx_database_accession' 
# 
_pdbx_database_PDB_obs_spr.id               SPRSDE 
_pdbx_database_PDB_obs_spr.date             2017-07-19 
_pdbx_database_PDB_obs_spr.pdb_id           5XGA 
_pdbx_database_PDB_obs_spr.replace_pdb_id   5DCJ 
_pdbx_database_PDB_obs_spr.details          ? 
# 
_pdbx_database_status.status_code                     REL 
_pdbx_database_status.status_code_sf                  REL 
_pdbx_database_status.status_code_mr                  ? 
_pdbx_database_status.entry_id                        5XGA 
_pdbx_database_status.recvd_initial_deposition_date   2017-04-13 
_pdbx_database_status.SG_entry                        N 
_pdbx_database_status.deposit_site                    PDBJ 
_pdbx_database_status.process_site                    PDBJ 
_pdbx_database_status.status_code_cs                  ? 
_pdbx_database_status.methods_development_category    ? 
_pdbx_database_status.pdb_format_compatible           Y 
_pdbx_database_status.status_code_nmr_data            ? 
# 
loop_
_audit_author.name 
_audit_author.pdbx_ordinal 
_audit_author.identifier_ORCID 
'Hwang, E.'    1 ? 
'Cheong, H.K.' 2 ? 
'Jeon, Y.H.'   3 ? 
'Cheong, C.'   4 ? 
# 
_citation.abstract                  ? 
_citation.abstract_id_CAS           ? 
_citation.book_id_ISBN              ? 
_citation.book_publisher            ? 
_citation.book_publisher_city       ? 
_citation.book_title                ? 
_citation.coordinate_linkage        ? 
_citation.country                   NE 
_citation.database_id_Medline       ? 
_citation.details                   ? 
_citation.id                        primary 
_citation.journal_abbrev            'FEBS Lett.' 
_citation.journal_id_ASTM           FEBLAL 
_citation.journal_id_CSD            0165 
_citation.journal_id_ISSN           1873-3468 
_citation.journal_full              ? 
_citation.journal_issue             ? 
_citation.journal_volume            591 
_citation.language                  ? 
_citation.page_first                1419 
_citation.page_last                 1428 
_citation.title                     'Crystal structure of the EnvZ periplasmic domain with CHAPS.' 
_citation.year                      2017 
_citation.database_id_CSD           ? 
_citation.pdbx_database_id_DOI      10.1002/1873-3468.12658 
_citation.pdbx_database_id_PubMed   28423182 
_citation.unpublished_flag          ? 
# 
loop_
_citation_author.citation_id 
_citation_author.name 
_citation_author.ordinal 
_citation_author.identifier_ORCID 
primary 'Hwang, E.'    1  ? 
primary 'Cheong, H.K.' 2  ? 
primary 'Kim, S.Y.'    3  ? 
primary 'Kwon, O.'     4  ? 
primary 'Blain, K.Y.'  5  ? 
primary 'Choe, S.'     6  ? 
primary 'Yeo, K.J.'    7  ? 
primary 'Jung, Y.W.'   8  ? 
primary 'Jeon, Y.H.'   9  ? 
primary 'Cheong, C.'   10 ? 
# 
loop_
_entity.id 
_entity.type 
_entity.src_method 
_entity.pdbx_description 
_entity.formula_weight 
_entity.pdbx_number_of_molecules 
_entity.pdbx_ec 
_entity.pdbx_mutation 
_entity.pdbx_fragment 
_entity.details 
1 polymer     man 'Osmolarity sensor protein EnvZ'                            14356.311 1  2.7.13.3 ? 'UNP RESIDUES 36-158' ? 
2 non-polymer syn '3-[(3-CHOLAMIDOPROPYL)DIMETHYLAMMONIO]-1-PROPANESULFONATE' 614.877   2  ?        ? ?                     ? 
3 non-polymer syn 'ACETIC ACID'                                               60.052    1  ?        ? ?                     ? 
4 water       nat water                                                       18.015    64 ?        ? ?                     ? 
# 
_entity_poly.entity_id                      1 
_entity_poly.type                           'polypeptide(L)' 
_entity_poly.nstd_linkage                   no 
_entity_poly.nstd_monomer                   no 
_entity_poly.pdbx_seq_one_letter_code       
;GSNFAILPSLQQFNKVLAYEVRMLMTDKLQLEDGTQLVVPPAFRREIYRELGISLYSNEAAEEAGLRWAQHYEFLSHQMA
QQLGGPTEVRVEVNKSSPVVWLKTWLSPNIWVRVPLTEIHQGDFS
;
_entity_poly.pdbx_seq_one_letter_code_can   
;GSNFAILPSLQQFNKVLAYEVRMLMTDKLQLEDGTQLVVPPAFRREIYRELGISLYSNEAAEEAGLRWAQHYEFLSHQMA
QQLGGPTEVRVEVNKSSPVVWLKTWLSPNIWVRVPLTEIHQGDFS
;
_entity_poly.pdbx_strand_id                 A 
_entity_poly.pdbx_target_identifier         ? 
# 
loop_
_pdbx_entity_nonpoly.entity_id 
_pdbx_entity_nonpoly.name 
_pdbx_entity_nonpoly.comp_id 
2 '3-[(3-CHOLAMIDOPROPYL)DIMETHYLAMMONIO]-1-PROPANESULFONATE' CPS 
3 'ACETIC ACID'                                               ACY 
4 water                                                       HOH 
# 
loop_
_entity_poly_seq.entity_id 
_entity_poly_seq.num 
_entity_poly_seq.mon_id 
_entity_poly_seq.hetero 
1 1   GLY n 
1 2   SER n 
1 3   ASN n 
1 4   PHE n 
1 5   ALA n 
1 6   ILE n 
1 7   LEU n 
1 8   PRO n 
1 9   SER n 
1 10  LEU n 
1 11  GLN n 
1 12  GLN n 
1 13  PHE n 
1 14  ASN n 
1 15  LYS n 
1 16  VAL n 
1 17  LEU n 
1 18  ALA n 
1 19  TYR n 
1 20  GLU n 
1 21  VAL n 
1 22  ARG n 
1 23  MET n 
1 24  LEU n 
1 25  MET n 
1 26  THR n 
1 27  ASP n 
1 28  LYS n 
1 29  LEU n 
1 30  GLN n 
1 31  LEU n 
1 32  GLU n 
1 33  ASP n 
1 34  GLY n 
1 35  THR n 
1 36  GLN n 
1 37  LEU n 
1 38  VAL n 
1 39  VAL n 
1 40  PRO n 
1 41  PRO n 
1 42  ALA n 
1 43  PHE n 
1 44  ARG n 
1 45  ARG n 
1 46  GLU n 
1 47  ILE n 
1 48  TYR n 
1 49  ARG n 
1 50  GLU n 
1 51  LEU n 
1 52  GLY n 
1 53  ILE n 
1 54  SER n 
1 55  LEU n 
1 56  TYR n 
1 57  SER n 
1 58  ASN n 
1 59  GLU n 
1 60  ALA n 
1 61  ALA n 
1 62  GLU n 
1 63  GLU n 
1 64  ALA n 
1 65  GLY n 
1 66  LEU n 
1 67  ARG n 
1 68  TRP n 
1 69  ALA n 
1 70  GLN n 
1 71  HIS n 
1 72  TYR n 
1 73  GLU n 
1 74  PHE n 
1 75  LEU n 
1 76  SER n 
1 77  HIS n 
1 78  GLN n 
1 79  MET n 
1 80  ALA n 
1 81  GLN n 
1 82  GLN n 
1 83  LEU n 
1 84  GLY n 
1 85  GLY n 
1 86  PRO n 
1 87  THR n 
1 88  GLU n 
1 89  VAL n 
1 90  ARG n 
1 91  VAL n 
1 92  GLU n 
1 93  VAL n 
1 94  ASN n 
1 95  LYS n 
1 96  SER n 
1 97  SER n 
1 98  PRO n 
1 99  VAL n 
1 100 VAL n 
1 101 TRP n 
1 102 LEU n 
1 103 LYS n 
1 104 THR n 
1 105 TRP n 
1 106 LEU n 
1 107 SER n 
1 108 PRO n 
1 109 ASN n 
1 110 ILE n 
1 111 TRP n 
1 112 VAL n 
1 113 ARG n 
1 114 VAL n 
1 115 PRO n 
1 116 LEU n 
1 117 THR n 
1 118 GLU n 
1 119 ILE n 
1 120 HIS n 
1 121 GLN n 
1 122 GLY n 
1 123 ASP n 
1 124 PHE n 
1 125 SER n 
# 
_entity_src_gen.entity_id                          1 
_entity_src_gen.pdbx_src_id                        1 
_entity_src_gen.pdbx_alt_source_flag               sample 
_entity_src_gen.pdbx_seq_type                      'Biological sequence' 
_entity_src_gen.pdbx_beg_seq_num                   1 
_entity_src_gen.pdbx_end_seq_num                   125 
_entity_src_gen.gene_src_common_name               ? 
_entity_src_gen.gene_src_genus                     ? 
_entity_src_gen.pdbx_gene_src_gene                 'envZ, ompB, perA, tpo, b3404, JW3367' 
_entity_src_gen.gene_src_species                   ? 
_entity_src_gen.gene_src_strain                    K12 
_entity_src_gen.gene_src_tissue                    ? 
_entity_src_gen.gene_src_tissue_fraction           ? 
_entity_src_gen.gene_src_details                   ? 
_entity_src_gen.pdbx_gene_src_fragment             ? 
_entity_src_gen.pdbx_gene_src_scientific_name      'Escherichia coli (strain K12)' 
_entity_src_gen.pdbx_gene_src_ncbi_taxonomy_id     83333 
_entity_src_gen.pdbx_gene_src_variant              ? 
_entity_src_gen.pdbx_gene_src_cell_line            ? 
_entity_src_gen.pdbx_gene_src_atcc                 ? 
_entity_src_gen.pdbx_gene_src_organ                ? 
_entity_src_gen.pdbx_gene_src_organelle            ? 
_entity_src_gen.pdbx_gene_src_cell                 ? 
_entity_src_gen.pdbx_gene_src_cellular_location    ? 
_entity_src_gen.host_org_common_name               ? 
_entity_src_gen.pdbx_host_org_scientific_name      'Escherichia coli' 
_entity_src_gen.pdbx_host_org_ncbi_taxonomy_id     469008 
_entity_src_gen.host_org_genus                     ? 
_entity_src_gen.pdbx_host_org_gene                 ? 
_entity_src_gen.pdbx_host_org_organ                ? 
_entity_src_gen.host_org_species                   ? 
_entity_src_gen.pdbx_host_org_tissue               ? 
_entity_src_gen.pdbx_host_org_tissue_fraction      ? 
_entity_src_gen.pdbx_host_org_strain               'BL21(DE3)' 
_entity_src_gen.pdbx_host_org_variant              ? 
_entity_src_gen.pdbx_host_org_cell_line            ? 
_entity_src_gen.pdbx_host_org_atcc                 ? 
_entity_src_gen.pdbx_host_org_culture_collection   ? 
_entity_src_gen.pdbx_host_org_cell                 ? 
_entity_src_gen.pdbx_host_org_organelle            ? 
_entity_src_gen.pdbx_host_org_cellular_location    ? 
_entity_src_gen.pdbx_host_org_vector_type          plasmid 
_entity_src_gen.pdbx_host_org_vector               ? 
_entity_src_gen.host_org_details                   ? 
_entity_src_gen.expression_system_id               ? 
_entity_src_gen.plasmid_name                       pGEX4T-1 
_entity_src_gen.plasmid_details                    ? 
_entity_src_gen.pdbx_description                   ? 
# 
loop_
_chem_comp.id 
_chem_comp.type 
_chem_comp.mon_nstd_flag 
_chem_comp.name 
_chem_comp.pdbx_synonyms 
_chem_comp.formula 
_chem_comp.formula_weight 
ACY non-polymer         . 'ACETIC ACID'                                               ?     'C2 H4 O2'        60.052  
ALA 'L-peptide linking' y ALANINE                                                     ?     'C3 H7 N O2'      89.093  
ARG 'L-peptide linking' y ARGININE                                                    ?     'C6 H15 N4 O2 1'  175.209 
ASN 'L-peptide linking' y ASPARAGINE                                                  ?     'C4 H8 N2 O3'     132.118 
ASP 'L-peptide linking' y 'ASPARTIC ACID'                                             ?     'C4 H7 N O4'      133.103 
CPS non-polymer         . '3-[(3-CHOLAMIDOPROPYL)DIMETHYLAMMONIO]-1-PROPANESULFONATE' CHAPS 'C32 H58 N2 O7 S' 614.877 
GLN 'L-peptide linking' y GLUTAMINE                                                   ?     'C5 H10 N2 O3'    146.144 
GLU 'L-peptide linking' y 'GLUTAMIC ACID'                                             ?     'C5 H9 N O4'      147.129 
GLY 'peptide linking'   y GLYCINE                                                     ?     'C2 H5 N O2'      75.067  
HIS 'L-peptide linking' y HISTIDINE                                                   ?     'C6 H10 N3 O2 1'  156.162 
HOH non-polymer         . WATER                                                       ?     'H2 O'            18.015  
ILE 'L-peptide linking' y ISOLEUCINE                                                  ?     'C6 H13 N O2'     131.173 
LEU 'L-peptide linking' y LEUCINE                                                     ?     'C6 H13 N O2'     131.173 
LYS 'L-peptide linking' y LYSINE                                                      ?     'C6 H15 N2 O2 1'  147.195 
MET 'L-peptide linking' y METHIONINE                                                  ?     'C5 H11 N O2 S'   149.211 
PHE 'L-peptide linking' y PHENYLALANINE                                               ?     'C9 H11 N O2'     165.189 
PRO 'L-peptide linking' y PROLINE                                                     ?     'C5 H9 N O2'      115.130 
SER 'L-peptide linking' y SERINE                                                      ?     'C3 H7 N O3'      105.093 
THR 'L-peptide linking' y THREONINE                                                   ?     'C4 H9 N O3'      119.119 
TRP 'L-peptide linking' y TRYPTOPHAN                                                  ?     'C11 H12 N2 O2'   204.225 
TYR 'L-peptide linking' y TYROSINE                                                    ?     'C9 H11 N O3'     181.189 
VAL 'L-peptide linking' y VALINE                                                      ?     'C5 H11 N O2'     117.146 
# 
loop_
_pdbx_poly_seq_scheme.asym_id 
_pdbx_poly_seq_scheme.entity_id 
_pdbx_poly_seq_scheme.seq_id 
_pdbx_poly_seq_scheme.mon_id 
_pdbx_poly_seq_scheme.ndb_seq_num 
_pdbx_poly_seq_scheme.pdb_seq_num 
_pdbx_poly_seq_scheme.auth_seq_num 
_pdbx_poly_seq_scheme.pdb_mon_id 
_pdbx_poly_seq_scheme.auth_mon_id 
_pdbx_poly_seq_scheme.pdb_strand_id 
_pdbx_poly_seq_scheme.pdb_ins_code 
_pdbx_poly_seq_scheme.hetero 
A 1 1   GLY 1   1   ?   ?   ?   A . n 
A 1 2   SER 2   2   ?   ?   ?   A . n 
A 1 3   ASN 3   3   3   ASN ASN A . n 
A 1 4   PHE 4   4   4   PHE PHE A . n 
A 1 5   ALA 5   5   5   ALA ALA A . n 
A 1 6   ILE 6   6   6   ILE ILE A . n 
A 1 7   LEU 7   7   7   LEU LEU A . n 
A 1 8   PRO 8   8   8   PRO PRO A . n 
A 1 9   SER 9   9   9   SER SER A . n 
A 1 10  LEU 10  10  10  LEU LEU A . n 
A 1 11  GLN 11  11  11  GLN GLN A . n 
A 1 12  GLN 12  12  12  GLN GLN A . n 
A 1 13  PHE 13  13  13  PHE PHE A . n 
A 1 14  ASN 14  14  14  ASN ASN A . n 
A 1 15  LYS 15  15  15  LYS LYS A . n 
A 1 16  VAL 16  16  16  VAL VAL A . n 
A 1 17  LEU 17  17  17  LEU LEU A . n 
A 1 18  ALA 18  18  18  ALA ALA A . n 
A 1 19  TYR 19  19  19  TYR TYR A . n 
A 1 20  GLU 20  20  20  GLU GLU A . n 
A 1 21  VAL 21  21  21  VAL VAL A . n 
A 1 22  ARG 22  22  22  ARG ARG A . n 
A 1 23  MET 23  23  23  MET MET A . n 
A 1 24  LEU 24  24  24  LEU LEU A . n 
A 1 25  MET 25  25  25  MET MET A . n 
A 1 26  THR 26  26  26  THR THR A . n 
A 1 27  ASP 27  27  27  ASP ASP A . n 
A 1 28  LYS 28  28  28  LYS LYS A . n 
A 1 29  LEU 29  29  29  LEU LEU A . n 
A 1 30  GLN 30  30  30  GLN GLN A . n 
A 1 31  LEU 31  31  31  LEU LEU A . n 
A 1 32  GLU 32  32  32  GLU GLU A . n 
A 1 33  ASP 33  33  33  ASP ASP A . n 
A 1 34  GLY 34  34  34  GLY GLY A . n 
A 1 35  THR 35  35  35  THR THR A . n 
A 1 36  GLN 36  36  36  GLN GLN A . n 
A 1 37  LEU 37  37  37  LEU LEU A . n 
A 1 38  VAL 38  38  38  VAL VAL A . n 
A 1 39  VAL 39  39  39  VAL VAL A . n 
A 1 40  PRO 40  40  40  PRO PRO A . n 
A 1 41  PRO 41  41  41  PRO PRO A . n 
A 1 42  ALA 42  42  42  ALA ALA A . n 
A 1 43  PHE 43  43  43  PHE PHE A . n 
A 1 44  ARG 44  44  44  ARG ARG A . n 
A 1 45  ARG 45  45  45  ARG ARG A . n 
A 1 46  GLU 46  46  46  GLU GLU A . n 
A 1 47  ILE 47  47  47  ILE ILE A . n 
A 1 48  TYR 48  48  48  TYR TYR A . n 
A 1 49  ARG 49  49  49  ARG ARG A . n 
A 1 50  GLU 50  50  50  GLU GLU A . n 
A 1 51  LEU 51  51  51  LEU LEU A . n 
A 1 52  GLY 52  52  52  GLY GLY A . n 
A 1 53  ILE 53  53  53  ILE ILE A . n 
A 1 54  SER 54  54  54  SER SER A . n 
A 1 55  LEU 55  55  55  LEU LEU A . n 
A 1 56  TYR 56  56  56  TYR TYR A . n 
A 1 57  SER 57  57  57  SER SER A . n 
A 1 58  ASN 58  58  58  ASN ASN A . n 
A 1 59  GLU 59  59  59  GLU GLU A . n 
A 1 60  ALA 60  60  60  ALA ALA A . n 
A 1 61  ALA 61  61  61  ALA ALA A . n 
A 1 62  GLU 62  62  62  GLU GLU A . n 
A 1 63  GLU 63  63  63  GLU GLU A . n 
A 1 64  ALA 64  64  64  ALA ALA A . n 
A 1 65  GLY 65  65  65  GLY GLY A . n 
A 1 66  LEU 66  66  66  LEU LEU A . n 
A 1 67  ARG 67  67  67  ARG ARG A . n 
A 1 68  TRP 68  68  68  TRP TRP A . n 
A 1 69  ALA 69  69  69  ALA ALA A . n 
A 1 70  GLN 70  70  70  GLN GLN A . n 
A 1 71  HIS 71  71  71  HIS HIS A . n 
A 1 72  TYR 72  72  72  TYR TYR A . n 
A 1 73  GLU 73  73  73  GLU GLU A . n 
A 1 74  PHE 74  74  74  PHE PHE A . n 
A 1 75  LEU 75  75  75  LEU LEU A . n 
A 1 76  SER 76  76  76  SER SER A . n 
A 1 77  HIS 77  77  77  HIS HIS A . n 
A 1 78  GLN 78  78  78  GLN GLN A . n 
A 1 79  MET 79  79  79  MET MET A . n 
A 1 80  ALA 80  80  80  ALA ALA A . n 
A 1 81  GLN 81  81  81  GLN GLN A . n 
A 1 82  GLN 82  82  82  GLN GLN A . n 
A 1 83  LEU 83  83  83  LEU LEU A . n 
A 1 84  GLY 84  84  84  GLY GLY A . n 
A 1 85  GLY 85  85  85  GLY GLY A . n 
A 1 86  PRO 86  86  86  PRO PRO A . n 
A 1 87  THR 87  87  87  THR THR A . n 
A 1 88  GLU 88  88  88  GLU GLU A . n 
A 1 89  VAL 89  89  89  VAL VAL A . n 
A 1 90  ARG 90  90  90  ARG ARG A . n 
A 1 91  VAL 91  91  91  VAL VAL A . n 
A 1 92  GLU 92  92  92  GLU GLU A . n 
A 1 93  VAL 93  93  93  VAL VAL A . n 
A 1 94  ASN 94  94  94  ASN ASN A . n 
A 1 95  LYS 95  95  95  LYS LYS A . n 
A 1 96  SER 96  96  96  SER SER A . n 
A 1 97  SER 97  97  97  SER SER A . n 
A 1 98  PRO 98  98  98  PRO PRO A . n 
A 1 99  VAL 99  99  99  VAL VAL A . n 
A 1 100 VAL 100 100 100 VAL VAL A . n 
A 1 101 TRP 101 101 101 TRP TRP A . n 
A 1 102 LEU 102 102 102 LEU LEU A . n 
A 1 103 LYS 103 103 103 LYS LYS A . n 
A 1 104 THR 104 104 104 THR THR A . n 
A 1 105 TRP 105 105 105 TRP TRP A . n 
A 1 106 LEU 106 106 106 LEU LEU A . n 
A 1 107 SER 107 107 107 SER SER A . n 
A 1 108 PRO 108 108 108 PRO PRO A . n 
A 1 109 ASN 109 109 109 ASN ASN A . n 
A 1 110 ILE 110 110 110 ILE ILE A . n 
A 1 111 TRP 111 111 111 TRP TRP A . n 
A 1 112 VAL 112 112 112 VAL VAL A . n 
A 1 113 ARG 113 113 113 ARG ARG A . n 
A 1 114 VAL 114 114 114 VAL VAL A . n 
A 1 115 PRO 115 115 115 PRO PRO A . n 
A 1 116 LEU 116 116 116 LEU LEU A . n 
A 1 117 THR 117 117 117 THR THR A . n 
A 1 118 GLU 118 118 118 GLU GLU A . n 
A 1 119 ILE 119 119 119 ILE ILE A . n 
A 1 120 HIS 120 120 120 HIS HIS A . n 
A 1 121 GLN 121 121 ?   ?   ?   A . n 
A 1 122 GLY 122 122 ?   ?   ?   A . n 
A 1 123 ASP 123 123 ?   ?   ?   A . n 
A 1 124 PHE 124 124 ?   ?   ?   A . n 
A 1 125 SER 125 125 ?   ?   ?   A . n 
# 
loop_
_pdbx_nonpoly_scheme.asym_id 
_pdbx_nonpoly_scheme.entity_id 
_pdbx_nonpoly_scheme.mon_id 
_pdbx_nonpoly_scheme.ndb_seq_num 
_pdbx_nonpoly_scheme.pdb_seq_num 
_pdbx_nonpoly_scheme.auth_seq_num 
_pdbx_nonpoly_scheme.pdb_mon_id 
_pdbx_nonpoly_scheme.auth_mon_id 
_pdbx_nonpoly_scheme.pdb_strand_id 
_pdbx_nonpoly_scheme.pdb_ins_code 
B 2 CPS 1  201 2647 CPS CPS A . 
C 2 CPS 1  202 2648 CPS CPS A . 
D 3 ACY 1  203 1    ACY ACY A . 
E 4 HOH 1  301 39   HOH HOH A . 
E 4 HOH 2  302 76   HOH HOH A . 
E 4 HOH 3  303 22   HOH HOH A . 
E 4 HOH 4  304 25   HOH HOH A . 
E 4 HOH 5  305 6    HOH HOH A . 
E 4 HOH 6  306 11   HOH HOH A . 
E 4 HOH 7  307 10   HOH HOH A . 
E 4 HOH 8  308 32   HOH HOH A . 
E 4 HOH 9  309 3    HOH HOH A . 
E 4 HOH 10 310 15   HOH HOH A . 
E 4 HOH 11 311 43   HOH HOH A . 
E 4 HOH 12 312 1    HOH HOH A . 
E 4 HOH 13 313 5    HOH HOH A . 
E 4 HOH 14 314 28   HOH HOH A . 
E 4 HOH 15 315 14   HOH HOH A . 
E 4 HOH 16 316 17   HOH HOH A . 
E 4 HOH 17 317 24   HOH HOH A . 
E 4 HOH 18 318 4    HOH HOH A . 
E 4 HOH 19 319 12   HOH HOH A . 
E 4 HOH 20 320 7    HOH HOH A . 
E 4 HOH 21 321 16   HOH HOH A . 
E 4 HOH 22 322 35   HOH HOH A . 
E 4 HOH 23 323 2    HOH HOH A . 
E 4 HOH 24 324 8    HOH HOH A . 
E 4 HOH 25 325 29   HOH HOH A . 
E 4 HOH 26 326 13   HOH HOH A . 
E 4 HOH 27 327 61   HOH HOH A . 
E 4 HOH 28 328 82   HOH HOH A . 
E 4 HOH 29 329 53   HOH HOH A . 
E 4 HOH 30 330 75   HOH HOH A . 
E 4 HOH 31 331 9    HOH HOH A . 
E 4 HOH 32 332 85   HOH HOH A . 
E 4 HOH 33 333 44   HOH HOH A . 
E 4 HOH 34 334 46   HOH HOH A . 
E 4 HOH 35 335 20   HOH HOH A . 
E 4 HOH 36 336 59   HOH HOH A . 
E 4 HOH 37 337 51   HOH HOH A . 
E 4 HOH 38 338 27   HOH HOH A . 
E 4 HOH 39 339 83   HOH HOH A . 
E 4 HOH 40 340 38   HOH HOH A . 
E 4 HOH 41 341 65   HOH HOH A . 
E 4 HOH 42 342 77   HOH HOH A . 
E 4 HOH 43 343 37   HOH HOH A . 
E 4 HOH 44 344 89   HOH HOH A . 
E 4 HOH 45 345 81   HOH HOH A . 
E 4 HOH 46 346 33   HOH HOH A . 
E 4 HOH 47 347 64   HOH HOH A . 
E 4 HOH 48 348 54   HOH HOH A . 
E 4 HOH 49 349 72   HOH HOH A . 
E 4 HOH 50 350 18   HOH HOH A . 
E 4 HOH 51 351 79   HOH HOH A . 
E 4 HOH 52 352 73   HOH HOH A . 
E 4 HOH 53 353 78   HOH HOH A . 
E 4 HOH 54 354 26   HOH HOH A . 
E 4 HOH 55 355 40   HOH HOH A . 
E 4 HOH 56 356 74   HOH HOH A . 
E 4 HOH 57 357 86   HOH HOH A . 
E 4 HOH 58 358 42   HOH HOH A . 
E 4 HOH 59 359 84   HOH HOH A . 
E 4 HOH 60 360 88   HOH HOH A . 
E 4 HOH 61 361 30   HOH HOH A . 
E 4 HOH 62 362 49   HOH HOH A . 
E 4 HOH 63 363 70   HOH HOH A . 
E 4 HOH 64 364 87   HOH HOH A . 
# 
loop_
_pdbx_unobs_or_zero_occ_atoms.id 
_pdbx_unobs_or_zero_occ_atoms.PDB_model_num 
_pdbx_unobs_or_zero_occ_atoms.polymer_flag 
_pdbx_unobs_or_zero_occ_atoms.occupancy_flag 
_pdbx_unobs_or_zero_occ_atoms.auth_asym_id 
_pdbx_unobs_or_zero_occ_atoms.auth_comp_id 
_pdbx_unobs_or_zero_occ_atoms.auth_seq_id 
_pdbx_unobs_or_zero_occ_atoms.PDB_ins_code 
_pdbx_unobs_or_zero_occ_atoms.auth_atom_id 
_pdbx_unobs_or_zero_occ_atoms.label_alt_id 
_pdbx_unobs_or_zero_occ_atoms.label_asym_id 
_pdbx_unobs_or_zero_occ_atoms.label_comp_id 
_pdbx_unobs_or_zero_occ_atoms.label_seq_id 
_pdbx_unobs_or_zero_occ_atoms.label_atom_id 
1  1 N 1 A CPS 201 ? C31 ? B CPS 1 C31 
2  1 N 1 A CPS 201 ? C32 ? B CPS 1 C32 
3  1 N 1 A CPS 201 ? O2S ? B CPS 1 O2S 
4  1 N 1 A CPS 201 ? O3S ? B CPS 1 O3S 
5  1 N 1 A CPS 201 ? O1S ? B CPS 1 O1S 
6  1 N 1 A CPS 201 ? S   ? B CPS 1 S   
7  1 N 1 A CPS 202 ? C31 ? C CPS 1 C31 
8  1 N 1 A CPS 202 ? C32 ? C CPS 1 C32 
9  1 N 1 A CPS 202 ? O2S ? C CPS 1 O2S 
10 1 N 1 A CPS 202 ? O3S ? C CPS 1 O3S 
11 1 N 1 A CPS 202 ? O1S ? C CPS 1 O1S 
12 1 N 1 A CPS 202 ? S   ? C CPS 1 S   
# 
loop_
_software.citation_id 
_software.classification 
_software.compiler_name 
_software.compiler_version 
_software.contact_author 
_software.contact_author_email 
_software.date 
_software.description 
_software.dependencies 
_software.hardware 
_software.language 
_software.location 
_software.mods 
_software.name 
_software.os 
_software.os_version 
_software.type 
_software.version 
_software.pdbx_ordinal 
? refinement       ? ? ? ? ? ? ? ? ? ? ? PHENIX   ? ? ? 1.9_1692 1 
? 'data reduction' ? ? ? ? ? ? ? ? ? ? ? HKL-2000 ? ? ? .        2 
? 'data scaling'   ? ? ? ? ? ? ? ? ? ? ? HKL-2000 ? ? ? .        3 
? phasing          ? ? ? ? ? ? ? ? ? ? ? SOLVE    ? ? ? .        4 
# 
_cell.angle_alpha                  90.00 
_cell.angle_alpha_esd              ? 
_cell.angle_beta                   90.00 
_cell.angle_beta_esd               ? 
_cell.angle_gamma                  90.00 
_cell.angle_gamma_esd              ? 
_cell.entry_id                     5XGA 
_cell.details                      ? 
_cell.formula_units_Z              ? 
_cell.length_a                     43.654 
_cell.length_a_esd                 ? 
_cell.length_b                     45.214 
_cell.length_b_esd                 ? 
_cell.length_c                     70.721 
_cell.length_c_esd                 ? 
_cell.volume                       ? 
_cell.volume_esd                   ? 
_cell.Z_PDB                        4 
_cell.reciprocal_angle_alpha       ? 
_cell.reciprocal_angle_beta        ? 
_cell.reciprocal_angle_gamma       ? 
_cell.reciprocal_angle_alpha_esd   ? 
_cell.reciprocal_angle_beta_esd    ? 
_cell.reciprocal_angle_gamma_esd   ? 
_cell.reciprocal_length_a          ? 
_cell.reciprocal_length_b          ? 
_cell.reciprocal_length_c          ? 
_cell.reciprocal_length_a_esd      ? 
_cell.reciprocal_length_b_esd      ? 
_cell.reciprocal_length_c_esd      ? 
_cell.pdbx_unique_axis             ? 
# 
_symmetry.entry_id                         5XGA 
_symmetry.cell_setting                     ? 
_symmetry.Int_Tables_number                19 
_symmetry.space_group_name_Hall            ? 
_symmetry.space_group_name_H-M             'P 21 21 21' 
_symmetry.pdbx_full_space_group_name_H-M   ? 
# 
_exptl.absorpt_coefficient_mu     ? 
_exptl.absorpt_correction_T_max   ? 
_exptl.absorpt_correction_T_min   ? 
_exptl.absorpt_correction_type    ? 
_exptl.absorpt_process_details    ? 
_exptl.entry_id                   5XGA 
_exptl.crystals_number            1 
_exptl.details                    ? 
_exptl.method                     'X-RAY DIFFRACTION' 
_exptl.method_details             ? 
# 
_exptl_crystal.colour                      ? 
_exptl_crystal.density_diffrn              ? 
_exptl_crystal.density_Matthews            2.52 
_exptl_crystal.density_method              ? 
_exptl_crystal.density_percent_sol         51.14 
_exptl_crystal.description                 ? 
_exptl_crystal.F_000                       ? 
_exptl_crystal.id                          1 
_exptl_crystal.preparation                 ? 
_exptl_crystal.size_max                    ? 
_exptl_crystal.size_mid                    ? 
_exptl_crystal.size_min                    ? 
_exptl_crystal.size_rad                    ? 
_exptl_crystal.colour_lustre               ? 
_exptl_crystal.colour_modifier             ? 
_exptl_crystal.colour_primary              ? 
_exptl_crystal.density_meas                ? 
_exptl_crystal.density_meas_esd            ? 
_exptl_crystal.density_meas_gt             ? 
_exptl_crystal.density_meas_lt             ? 
_exptl_crystal.density_meas_temp           ? 
_exptl_crystal.density_meas_temp_esd       ? 
_exptl_crystal.density_meas_temp_gt        ? 
_exptl_crystal.density_meas_temp_lt        ? 
_exptl_crystal.pdbx_crystal_image_url      ? 
_exptl_crystal.pdbx_crystal_image_format   ? 
_exptl_crystal.pdbx_mosaicity              ? 
_exptl_crystal.pdbx_mosaicity_esd          ? 
# 
_exptl_crystal_grow.apparatus       ? 
_exptl_crystal_grow.atmosphere      ? 
_exptl_crystal_grow.crystal_id      1 
_exptl_crystal_grow.details         ? 
_exptl_crystal_grow.method          'VAPOR DIFFUSION, HANGING DROP' 
_exptl_crystal_grow.method_ref      ? 
_exptl_crystal_grow.pH              ? 
_exptl_crystal_grow.pressure        ? 
_exptl_crystal_grow.pressure_esd    ? 
_exptl_crystal_grow.seeding         ? 
_exptl_crystal_grow.seeding_ref     ? 
_exptl_crystal_grow.temp            293 
_exptl_crystal_grow.temp_details    ? 
_exptl_crystal_grow.temp_esd        ? 
_exptl_crystal_grow.time            ? 
_exptl_crystal_grow.pdbx_details    '4M ammonium acetate, 0.1M sodium acetate' 
_exptl_crystal_grow.pdbx_pH_range   4.5-4.7 
# 
_diffrn.ambient_environment    ? 
_diffrn.ambient_temp           100 
_diffrn.ambient_temp_details   ? 
_diffrn.ambient_temp_esd       ? 
_diffrn.crystal_id             1 
_diffrn.crystal_support        ? 
_diffrn.crystal_treatment      ? 
_diffrn.details                ? 
_diffrn.id                     1 
_diffrn.ambient_pressure       ? 
_diffrn.ambient_pressure_esd   ? 
_diffrn.ambient_pressure_gt    ? 
_diffrn.ambient_pressure_lt    ? 
_diffrn.ambient_temp_gt        ? 
_diffrn.ambient_temp_lt        ? 
# 
_diffrn_detector.details                      ? 
_diffrn_detector.detector                     CCD 
_diffrn_detector.diffrn_id                    1 
_diffrn_detector.type                         'ADSC QUANTUM 210' 
_diffrn_detector.area_resol_mean              ? 
_diffrn_detector.dtime                        ? 
_diffrn_detector.pdbx_frames_total            ? 
_diffrn_detector.pdbx_collection_time_total   ? 
_diffrn_detector.pdbx_collection_date         2009-04-23 
# 
_diffrn_radiation.collimation                      ? 
_diffrn_radiation.diffrn_id                        1 
_diffrn_radiation.filter_edge                      ? 
_diffrn_radiation.inhomogeneity                    ? 
_diffrn_radiation.monochromator                    ? 
_diffrn_radiation.polarisn_norm                    ? 
_diffrn_radiation.polarisn_ratio                   ? 
_diffrn_radiation.probe                            ? 
_diffrn_radiation.type                             ? 
_diffrn_radiation.xray_symbol                      ? 
_diffrn_radiation.wavelength_id                    1 
_diffrn_radiation.pdbx_monochromatic_or_laue_m_l   M 
_diffrn_radiation.pdbx_wavelength_list             ? 
_diffrn_radiation.pdbx_wavelength                  ? 
_diffrn_radiation.pdbx_diffrn_protocol             'SINGLE WAVELENGTH' 
_diffrn_radiation.pdbx_analyzer                    ? 
_diffrn_radiation.pdbx_scattering_type             x-ray 
# 
_diffrn_radiation_wavelength.id           1 
_diffrn_radiation_wavelength.wavelength   1 
_diffrn_radiation_wavelength.wt           1.0 
# 
_diffrn_source.current                     ? 
_diffrn_source.details                     ? 
_diffrn_source.diffrn_id                   1 
_diffrn_source.power                       ? 
_diffrn_source.size                        ? 
_diffrn_source.source                      SYNCHROTRON 
_diffrn_source.target                      ? 
_diffrn_source.type                        'PAL/PLS BEAMLINE 4A' 
_diffrn_source.voltage                     ? 
_diffrn_source.take-off_angle              ? 
_diffrn_source.pdbx_wavelength_list        1 
_diffrn_source.pdbx_wavelength             ? 
_diffrn_source.pdbx_synchrotron_beamline   4A 
_diffrn_source.pdbx_synchrotron_site       PAL/PLS 
# 
_reflns.B_iso_Wilson_estimate            ? 
_reflns.entry_id                         5XGA 
_reflns.data_reduction_details           ? 
_reflns.data_reduction_method            ? 
_reflns.d_resolution_high                1.95 
_reflns.d_resolution_low                 50 
_reflns.details                          ? 
_reflns.limit_h_max                      ? 
_reflns.limit_h_min                      ? 
_reflns.limit_k_max                      ? 
_reflns.limit_k_min                      ? 
_reflns.limit_l_max                      ? 
_reflns.limit_l_min                      ? 
_reflns.number_all                       ? 
_reflns.number_obs                       9978 
_reflns.observed_criterion               ? 
_reflns.observed_criterion_F_max         ? 
_reflns.observed_criterion_F_min         ? 
_reflns.observed_criterion_I_max         ? 
_reflns.observed_criterion_I_min         ? 
_reflns.observed_criterion_sigma_F       ? 
_reflns.observed_criterion_sigma_I       ? 
_reflns.percent_possible_obs             93.2 
_reflns.R_free_details                   ? 
_reflns.Rmerge_F_all                     ? 
_reflns.Rmerge_F_obs                     ? 
_reflns.Friedel_coverage                 ? 
_reflns.number_gt                        ? 
_reflns.threshold_expression             ? 
_reflns.pdbx_redundancy                  4.0 
_reflns.pdbx_Rmerge_I_obs                ? 
_reflns.pdbx_Rmerge_I_all                ? 
_reflns.pdbx_Rsym_value                  ? 
_reflns.pdbx_netI_over_av_sigmaI         ? 
_reflns.pdbx_netI_over_sigmaI            19.2 
_reflns.pdbx_res_netI_over_av_sigmaI_2   ? 
_reflns.pdbx_res_netI_over_sigmaI_2      ? 
_reflns.pdbx_chi_squared                 ? 
_reflns.pdbx_scaling_rejects             ? 
_reflns.pdbx_d_res_high_opt              ? 
_reflns.pdbx_d_res_low_opt               ? 
_reflns.pdbx_d_res_opt_method            ? 
_reflns.phase_calculation_details        ? 
_reflns.pdbx_Rrim_I_all                  ? 
_reflns.pdbx_Rpim_I_all                  ? 
_reflns.pdbx_d_opt                       ? 
_reflns.pdbx_number_measured_all         ? 
_reflns.pdbx_diffrn_id                   1 
_reflns.pdbx_ordinal                     1 
_reflns.pdbx_CC_half                     ? 
_reflns.pdbx_R_split                     ? 
# 
_reflns_shell.d_res_high                  . 
_reflns_shell.d_res_low                   ? 
_reflns_shell.meanI_over_sigI_all         ? 
_reflns_shell.meanI_over_sigI_obs         ? 
_reflns_shell.number_measured_all         ? 
_reflns_shell.number_measured_obs         ? 
_reflns_shell.number_possible             ? 
_reflns_shell.number_unique_all           ? 
_reflns_shell.number_unique_obs           ? 
_reflns_shell.percent_possible_all        ? 
_reflns_shell.percent_possible_obs        ? 
_reflns_shell.Rmerge_F_all                ? 
_reflns_shell.Rmerge_F_obs                ? 
_reflns_shell.Rmerge_I_all                ? 
_reflns_shell.Rmerge_I_obs                ? 
_reflns_shell.meanI_over_sigI_gt          ? 
_reflns_shell.meanI_over_uI_all           ? 
_reflns_shell.meanI_over_uI_gt            ? 
_reflns_shell.number_measured_gt          ? 
_reflns_shell.number_unique_gt            ? 
_reflns_shell.percent_possible_gt         ? 
_reflns_shell.Rmerge_F_gt                 ? 
_reflns_shell.Rmerge_I_gt                 ? 
_reflns_shell.pdbx_redundancy             ? 
_reflns_shell.pdbx_Rsym_value             ? 
_reflns_shell.pdbx_chi_squared            ? 
_reflns_shell.pdbx_netI_over_sigmaI_all   ? 
_reflns_shell.pdbx_netI_over_sigmaI_obs   ? 
_reflns_shell.pdbx_Rrim_I_all             ? 
_reflns_shell.pdbx_Rpim_I_all             ? 
_reflns_shell.pdbx_rejects                ? 
_reflns_shell.pdbx_ordinal                1 
_reflns_shell.pdbx_diffrn_id              1 
_reflns_shell.pdbx_CC_half                ? 
_reflns_shell.pdbx_R_split                ? 
# 
_refine.aniso_B[1][1]                            ? 
_refine.aniso_B[1][2]                            ? 
_refine.aniso_B[1][3]                            ? 
_refine.aniso_B[2][2]                            ? 
_refine.aniso_B[2][3]                            ? 
_refine.aniso_B[3][3]                            ? 
_refine.B_iso_max                                ? 
_refine.B_iso_mean                               ? 
_refine.B_iso_min                                ? 
_refine.correlation_coeff_Fo_to_Fc               ? 
_refine.correlation_coeff_Fo_to_Fc_free          ? 
_refine.details                                  ? 
_refine.diff_density_max                         ? 
_refine.diff_density_max_esd                     ? 
_refine.diff_density_min                         ? 
_refine.diff_density_min_esd                     ? 
_refine.diff_density_rms                         ? 
_refine.diff_density_rms_esd                     ? 
_refine.entry_id                                 5XGA 
_refine.pdbx_refine_id                           'X-RAY DIFFRACTION' 
_refine.ls_abs_structure_details                 ? 
_refine.ls_abs_structure_Flack                   ? 
_refine.ls_abs_structure_Flack_esd               ? 
_refine.ls_abs_structure_Rogers                  ? 
_refine.ls_abs_structure_Rogers_esd              ? 
_refine.ls_d_res_high                            1.951 
_refine.ls_d_res_low                             27.854 
_refine.ls_extinction_coef                       ? 
_refine.ls_extinction_coef_esd                   ? 
_refine.ls_extinction_expression                 ? 
_refine.ls_extinction_method                     ? 
_refine.ls_goodness_of_fit_all                   ? 
_refine.ls_goodness_of_fit_all_esd               ? 
_refine.ls_goodness_of_fit_obs                   ? 
_refine.ls_goodness_of_fit_obs_esd               ? 
_refine.ls_hydrogen_treatment                    ? 
_refine.ls_matrix_type                           ? 
_refine.ls_number_constraints                    ? 
_refine.ls_number_parameters                     ? 
_refine.ls_number_reflns_all                     ? 
_refine.ls_number_reflns_obs                     9978 
_refine.ls_number_reflns_R_free                  528 
_refine.ls_number_reflns_R_work                  ? 
_refine.ls_number_restraints                     ? 
_refine.ls_percent_reflns_obs                    93.54 
_refine.ls_percent_reflns_R_free                 5.29 
_refine.ls_R_factor_all                          ? 
_refine.ls_R_factor_obs                          0.1984 
_refine.ls_R_factor_R_free                       0.2414 
_refine.ls_R_factor_R_free_error                 ? 
_refine.ls_R_factor_R_free_error_details         ? 
_refine.ls_R_factor_R_work                       0.1961 
_refine.ls_R_Fsqd_factor_obs                     ? 
_refine.ls_R_I_factor_obs                        ? 
_refine.ls_redundancy_reflns_all                 ? 
_refine.ls_redundancy_reflns_obs                 ? 
_refine.ls_restrained_S_all                      ? 
_refine.ls_restrained_S_obs                      ? 
_refine.ls_shift_over_esd_max                    ? 
_refine.ls_shift_over_esd_mean                   ? 
_refine.ls_structure_factor_coef                 ? 
_refine.ls_weighting_details                     ? 
_refine.ls_weighting_scheme                      ? 
_refine.ls_wR_factor_all                         ? 
_refine.ls_wR_factor_obs                         ? 
_refine.ls_wR_factor_R_free                      ? 
_refine.ls_wR_factor_R_work                      ? 
_refine.occupancy_max                            ? 
_refine.occupancy_min                            ? 
_refine.solvent_model_details                    ? 
_refine.solvent_model_param_bsol                 ? 
_refine.solvent_model_param_ksol                 ? 
_refine.ls_R_factor_gt                           ? 
_refine.ls_goodness_of_fit_gt                    ? 
_refine.ls_goodness_of_fit_ref                   ? 
_refine.ls_shift_over_su_max                     ? 
_refine.ls_shift_over_su_max_lt                  ? 
_refine.ls_shift_over_su_mean                    ? 
_refine.ls_shift_over_su_mean_lt                 ? 
_refine.pdbx_ls_sigma_I                          ? 
_refine.pdbx_ls_sigma_F                          1.56 
_refine.pdbx_ls_sigma_Fsqd                       ? 
_refine.pdbx_data_cutoff_high_absF               ? 
_refine.pdbx_data_cutoff_high_rms_absF           ? 
_refine.pdbx_data_cutoff_low_absF                ? 
_refine.pdbx_isotropic_thermal_model             ? 
_refine.pdbx_ls_cross_valid_method               'FREE R-VALUE' 
_refine.pdbx_method_to_determine_struct          SAD 
_refine.pdbx_starting_model                      ? 
_refine.pdbx_stereochemistry_target_values       ? 
_refine.pdbx_R_Free_selection_details            ? 
_refine.pdbx_stereochem_target_val_spec_case     ? 
_refine.pdbx_overall_ESU_R                       ? 
_refine.pdbx_overall_ESU_R_Free                  ? 
_refine.pdbx_solvent_vdw_probe_radii             1.11 
_refine.pdbx_solvent_ion_probe_radii             ? 
_refine.pdbx_solvent_shrinkage_radii             0.90 
_refine.pdbx_real_space_R                        ? 
_refine.pdbx_density_correlation                 ? 
_refine.pdbx_pd_number_of_powder_patterns        ? 
_refine.pdbx_pd_number_of_points                 ? 
_refine.pdbx_pd_meas_number_of_points            ? 
_refine.pdbx_pd_proc_ls_prof_R_factor            ? 
_refine.pdbx_pd_proc_ls_prof_wR_factor           ? 
_refine.pdbx_pd_Marquardt_correlation_coeff      ? 
_refine.pdbx_pd_Fsqrd_R_factor                   ? 
_refine.pdbx_pd_ls_matrix_band_width             ? 
_refine.pdbx_overall_phase_error                 25.18 
_refine.pdbx_overall_SU_R_free_Cruickshank_DPI   ? 
_refine.pdbx_overall_SU_R_free_Blow_DPI          ? 
_refine.pdbx_overall_SU_R_Blow_DPI               ? 
_refine.pdbx_TLS_residual_ADP_flag               ? 
_refine.pdbx_diffrn_id                           1 
_refine.overall_SU_B                             ? 
_refine.overall_SU_ML                            0.21 
_refine.overall_SU_R_Cruickshank_DPI             ? 
_refine.overall_SU_R_free                        ? 
_refine.overall_FOM_free_R_set                   ? 
_refine.overall_FOM_work_R_set                   ? 
_refine.pdbx_average_fsc_overall                 ? 
_refine.pdbx_average_fsc_work                    ? 
_refine.pdbx_average_fsc_free                    ? 
# 
_refine_hist.pdbx_refine_id                   'X-RAY DIFFRACTION' 
_refine_hist.cycle_id                         LAST 
_refine_hist.pdbx_number_atoms_protein        965 
_refine_hist.pdbx_number_atoms_nucleic_acid   0 
_refine_hist.pdbx_number_atoms_ligand         76 
_refine_hist.number_atoms_solvent             65 
_refine_hist.number_atoms_total               1106 
_refine_hist.d_res_high                       1.951 
_refine_hist.d_res_low                        27.854 
# 
loop_
_refine_ls_restr.pdbx_refine_id 
_refine_ls_restr.criterion 
_refine_ls_restr.dev_ideal 
_refine_ls_restr.dev_ideal_target 
_refine_ls_restr.number 
_refine_ls_restr.rejects 
_refine_ls_restr.type 
_refine_ls_restr.weight 
_refine_ls_restr.pdbx_restraint_function 
'X-RAY DIFFRACTION' ? 0.007  ? 1079 ? f_bond_d           ? ? 
'X-RAY DIFFRACTION' ? 1.145  ? 1486 ? f_angle_d          ? ? 
'X-RAY DIFFRACTION' ? 17.866 ? 385  ? f_dihedral_angle_d ? ? 
'X-RAY DIFFRACTION' ? 0.051  ? 173  ? f_chiral_restr     ? ? 
'X-RAY DIFFRACTION' ? 0.004  ? 177  ? f_plane_restr      ? ? 
# 
loop_
_refine_ls_shell.pdbx_refine_id 
_refine_ls_shell.d_res_high 
_refine_ls_shell.d_res_low 
_refine_ls_shell.number_reflns_all 
_refine_ls_shell.number_reflns_obs 
_refine_ls_shell.number_reflns_R_free 
_refine_ls_shell.number_reflns_R_work 
_refine_ls_shell.percent_reflns_obs 
_refine_ls_shell.percent_reflns_R_free 
_refine_ls_shell.R_factor_all 
_refine_ls_shell.R_factor_obs 
_refine_ls_shell.R_factor_R_free 
_refine_ls_shell.R_factor_R_free_error 
_refine_ls_shell.R_factor_R_work 
_refine_ls_shell.redundancy_reflns_all 
_refine_ls_shell.redundancy_reflns_obs 
_refine_ls_shell.wR_factor_all 
_refine_ls_shell.wR_factor_obs 
_refine_ls_shell.wR_factor_R_free 
_refine_ls_shell.wR_factor_R_work 
_refine_ls_shell.pdbx_total_number_of_bins_used 
_refine_ls_shell.pdbx_phase_error 
_refine_ls_shell.pdbx_fsc_work 
_refine_ls_shell.pdbx_fsc_free 
'X-RAY DIFFRACTION' 1.9514 2.1477  . . 139 2248 91.00 . . . 0.2855 . 0.1988 . . . . . . . . . . 
'X-RAY DIFFRACTION' 2.1477 2.4583  . . 141 2316 94.00 . . . 0.2478 . 0.1798 . . . . . . . . . . 
'X-RAY DIFFRACTION' 2.4583 3.0966  . . 125 2395 95.00 . . . 0.2452 . 0.2115 . . . . . . . . . . 
'X-RAY DIFFRACTION' 3.0966 27.8567 . . 123 2491 94.00 . . . 0.2290 . 0.1937 . . . . . . . . . . 
# 
_struct.entry_id                     5XGA 
_struct.title                        'Crystal structure of the EnvZ periplasmic domain with CHAPS' 
_struct.pdbx_model_details           ? 
_struct.pdbx_formula_weight          ? 
_struct.pdbx_formula_weight_method   ? 
_struct.pdbx_model_type_details      ? 
_struct.pdbx_CASP_flag               N 
# 
_struct_keywords.entry_id        5XGA 
_struct_keywords.text            'histidine kinase, EnvZ, TRANSFERASE' 
_struct_keywords.pdbx_keywords   TRANSFERASE 
# 
loop_
_struct_asym.id 
_struct_asym.pdbx_blank_PDB_chainid_flag 
_struct_asym.pdbx_modified 
_struct_asym.entity_id 
_struct_asym.details 
A N N 1 ? 
B N N 2 ? 
C N N 2 ? 
D N N 3 ? 
E N N 4 ? 
# 
_struct_ref.id                         1 
_struct_ref.db_name                    UNP 
_struct_ref.db_code                    ENVZ_ECOLI 
_struct_ref.pdbx_db_accession          P0AEJ4 
_struct_ref.pdbx_db_isoform            ? 
_struct_ref.entity_id                  1 
_struct_ref.pdbx_seq_one_letter_code   
;NFAILPSLQQFNKVLAYEVRMLMTDKLQLEDGTQLVVPPAFRREIYRELGISLYSNEAAEEAGLRWAQHYEFLSHQMAQQ
LGGPTEVRVEVNKSSPVVWLKTWLSPNIWVRVPLTEIHQGDFS
;
_struct_ref.pdbx_align_begin           36 
# 
_struct_ref_seq.align_id                      1 
_struct_ref_seq.ref_id                        1 
_struct_ref_seq.pdbx_PDB_id_code              5XGA 
_struct_ref_seq.pdbx_strand_id                A 
_struct_ref_seq.seq_align_beg                 3 
_struct_ref_seq.pdbx_seq_align_beg_ins_code   ? 
_struct_ref_seq.seq_align_end                 125 
_struct_ref_seq.pdbx_seq_align_end_ins_code   ? 
_struct_ref_seq.pdbx_db_accession             P0AEJ4 
_struct_ref_seq.db_align_beg                  36 
_struct_ref_seq.pdbx_db_align_beg_ins_code    ? 
_struct_ref_seq.db_align_end                  158 
_struct_ref_seq.pdbx_db_align_end_ins_code    ? 
_struct_ref_seq.pdbx_auth_seq_align_beg       3 
_struct_ref_seq.pdbx_auth_seq_align_end       125 
# 
loop_
_struct_ref_seq_dif.align_id 
_struct_ref_seq_dif.pdbx_pdb_id_code 
_struct_ref_seq_dif.mon_id 
_struct_ref_seq_dif.pdbx_pdb_strand_id 
_struct_ref_seq_dif.seq_num 
_struct_ref_seq_dif.pdbx_pdb_ins_code 
_struct_ref_seq_dif.pdbx_seq_db_name 
_struct_ref_seq_dif.pdbx_seq_db_accession_code 
_struct_ref_seq_dif.db_mon_id 
_struct_ref_seq_dif.pdbx_seq_db_seq_num 
_struct_ref_seq_dif.details 
_struct_ref_seq_dif.pdbx_auth_seq_num 
_struct_ref_seq_dif.pdbx_ordinal 
1 5XGA GLY A 1 ? UNP P0AEJ4 ? ? 'expression tag' 1 1 
1 5XGA SER A 2 ? UNP P0AEJ4 ? ? 'expression tag' 2 2 
# 
_pdbx_struct_assembly.id                   1 
_pdbx_struct_assembly.details              author_defined_assembly 
_pdbx_struct_assembly.method_details       ? 
_pdbx_struct_assembly.oligomeric_details   monomeric 
_pdbx_struct_assembly.oligomeric_count     1 
# 
loop_
_pdbx_struct_assembly_prop.biol_id 
_pdbx_struct_assembly_prop.type 
_pdbx_struct_assembly_prop.value 
_pdbx_struct_assembly_prop.details 
1 'ABSA (A^2)' 1120 ? 
1 MORE         1    ? 
1 'SSA (A^2)'  7610 ? 
# 
_pdbx_struct_assembly_gen.assembly_id       1 
_pdbx_struct_assembly_gen.oper_expression   1 
_pdbx_struct_assembly_gen.asym_id_list      A,B,C,D,E 
# 
_pdbx_struct_assembly_auth_evidence.id                     1 
_pdbx_struct_assembly_auth_evidence.assembly_id            1 
_pdbx_struct_assembly_auth_evidence.experimental_support   none 
_pdbx_struct_assembly_auth_evidence.details                ? 
# 
_pdbx_struct_oper_list.id                   1 
_pdbx_struct_oper_list.type                 'identity operation' 
_pdbx_struct_oper_list.name                 1_555 
_pdbx_struct_oper_list.symmetry_operation   x,y,z 
_pdbx_struct_oper_list.matrix[1][1]         1.0000000000 
_pdbx_struct_oper_list.matrix[1][2]         0.0000000000 
_pdbx_struct_oper_list.matrix[1][3]         0.0000000000 
_pdbx_struct_oper_list.vector[1]            0.0000000000 
_pdbx_struct_oper_list.matrix[2][1]         0.0000000000 
_pdbx_struct_oper_list.matrix[2][2]         1.0000000000 
_pdbx_struct_oper_list.matrix[2][3]         0.0000000000 
_pdbx_struct_oper_list.vector[2]            0.0000000000 
_pdbx_struct_oper_list.matrix[3][1]         0.0000000000 
_pdbx_struct_oper_list.matrix[3][2]         0.0000000000 
_pdbx_struct_oper_list.matrix[3][3]         1.0000000000 
_pdbx_struct_oper_list.vector[3]            0.0000000000 
# 
loop_
_struct_conf.conf_type_id 
_struct_conf.id 
_struct_conf.pdbx_PDB_helix_id 
_struct_conf.beg_label_comp_id 
_struct_conf.beg_label_asym_id 
_struct_conf.beg_label_seq_id 
_struct_conf.pdbx_beg_PDB_ins_code 
_struct_conf.end_label_comp_id 
_struct_conf.end_label_asym_id 
_struct_conf.end_label_seq_id 
_struct_conf.pdbx_end_PDB_ins_code 
_struct_conf.beg_auth_comp_id 
_struct_conf.beg_auth_asym_id 
_struct_conf.beg_auth_seq_id 
_struct_conf.end_auth_comp_id 
_struct_conf.end_auth_asym_id 
_struct_conf.end_auth_seq_id 
_struct_conf.pdbx_PDB_helix_class 
_struct_conf.details 
_struct_conf.pdbx_PDB_helix_length 
HELX_P HELX_P1 AA1 SER A 9  ? MET A 25 ? SER A 9  MET A 25 1 ? 17 
HELX_P HELX_P2 AA2 PRO A 40 ? GLY A 52 ? PRO A 40 GLY A 52 1 ? 13 
HELX_P HELX_P3 AA3 ASN A 58 ? GLY A 65 ? ASN A 58 GLY A 65 1 ? 8  
HELX_P HELX_P4 AA4 LEU A 66 ? ALA A 69 ? LEU A 66 ALA A 69 5 ? 4  
HELX_P HELX_P5 AA5 TYR A 72 ? GLY A 84 ? TYR A 72 GLY A 84 1 ? 13 
# 
_struct_conf_type.id          HELX_P 
_struct_conf_type.criteria    ? 
_struct_conf_type.reference   ? 
# 
loop_
_struct_sheet.id 
_struct_sheet.type 
_struct_sheet.number_strands 
_struct_sheet.details 
AA1 ? 2 ? 
AA2 ? 5 ? 
# 
loop_
_struct_sheet_order.sheet_id 
_struct_sheet_order.range_id_1 
_struct_sheet_order.range_id_2 
_struct_sheet_order.offset 
_struct_sheet_order.sense 
AA1 1 2 ? anti-parallel 
AA2 1 2 ? anti-parallel 
AA2 2 3 ? anti-parallel 
AA2 3 4 ? anti-parallel 
AA2 4 5 ? anti-parallel 
# 
loop_
_struct_sheet_range.sheet_id 
_struct_sheet_range.id 
_struct_sheet_range.beg_label_comp_id 
_struct_sheet_range.beg_label_asym_id 
_struct_sheet_range.beg_label_seq_id 
_struct_sheet_range.pdbx_beg_PDB_ins_code 
_struct_sheet_range.end_label_comp_id 
_struct_sheet_range.end_label_asym_id 
_struct_sheet_range.end_label_seq_id 
_struct_sheet_range.pdbx_end_PDB_ins_code 
_struct_sheet_range.beg_auth_comp_id 
_struct_sheet_range.beg_auth_asym_id 
_struct_sheet_range.beg_auth_seq_id 
_struct_sheet_range.end_auth_comp_id 
_struct_sheet_range.end_auth_asym_id 
_struct_sheet_range.end_auth_seq_id 
AA1 1 LYS A 28  ? GLN A 30  ? LYS A 28  GLN A 30  
AA1 2 GLN A 36  ? VAL A 38  ? GLN A 36  VAL A 38  
AA2 1 SER A 54  ? SER A 57  ? SER A 54  SER A 57  
AA2 2 ILE A 110 ? PRO A 115 ? ILE A 110 PRO A 115 
AA2 3 VAL A 99  ? THR A 104 ? VAL A 99  THR A 104 
AA2 4 THR A 87  ? GLU A 92  ? THR A 87  GLU A 92  
AA2 5 GLN A 70  ? HIS A 71  ? GLN A 70  HIS A 71  
# 
loop_
_pdbx_struct_sheet_hbond.sheet_id 
_pdbx_struct_sheet_hbond.range_id_1 
_pdbx_struct_sheet_hbond.range_id_2 
_pdbx_struct_sheet_hbond.range_1_label_atom_id 
_pdbx_struct_sheet_hbond.range_1_label_comp_id 
_pdbx_struct_sheet_hbond.range_1_label_asym_id 
_pdbx_struct_sheet_hbond.range_1_label_seq_id 
_pdbx_struct_sheet_hbond.range_1_PDB_ins_code 
_pdbx_struct_sheet_hbond.range_1_auth_atom_id 
_pdbx_struct_sheet_hbond.range_1_auth_comp_id 
_pdbx_struct_sheet_hbond.range_1_auth_asym_id 
_pdbx_struct_sheet_hbond.range_1_auth_seq_id 
_pdbx_struct_sheet_hbond.range_2_label_atom_id 
_pdbx_struct_sheet_hbond.range_2_label_comp_id 
_pdbx_struct_sheet_hbond.range_2_label_asym_id 
_pdbx_struct_sheet_hbond.range_2_label_seq_id 
_pdbx_struct_sheet_hbond.range_2_PDB_ins_code 
_pdbx_struct_sheet_hbond.range_2_auth_atom_id 
_pdbx_struct_sheet_hbond.range_2_auth_comp_id 
_pdbx_struct_sheet_hbond.range_2_auth_asym_id 
_pdbx_struct_sheet_hbond.range_2_auth_seq_id 
AA1 1 2 N LEU A 29  ? N LEU A 29  O LEU A 37  ? O LEU A 37  
AA2 1 2 N SER A 54  ? N SER A 54  O ARG A 113 ? O ARG A 113 
AA2 2 3 O VAL A 112 ? O VAL A 112 N LEU A 102 ? N LEU A 102 
AA2 3 4 O TRP A 101 ? O TRP A 101 N ARG A 90  ? N ARG A 90  
AA2 4 5 O VAL A 91  ? O VAL A 91  N GLN A 70  ? N GLN A 70  
# 
loop_
_struct_site.id 
_struct_site.pdbx_evidence_code 
_struct_site.pdbx_auth_asym_id 
_struct_site.pdbx_auth_comp_id 
_struct_site.pdbx_auth_seq_id 
_struct_site.pdbx_auth_ins_code 
_struct_site.pdbx_num_residues 
_struct_site.details 
AC1 Software A CPS 201 ? 8 'binding site for residue CPS A 201' 
AC2 Software A CPS 202 ? 9 'binding site for residue CPS A 202' 
AC3 Software A ACY 203 ? 1 'binding site for residue ACY A 203' 
# 
loop_
_struct_site_gen.id 
_struct_site_gen.site_id 
_struct_site_gen.pdbx_num_res 
_struct_site_gen.label_comp_id 
_struct_site_gen.label_asym_id 
_struct_site_gen.label_seq_id 
_struct_site_gen.pdbx_auth_ins_code 
_struct_site_gen.auth_comp_id 
_struct_site_gen.auth_asym_id 
_struct_site_gen.auth_seq_id 
_struct_site_gen.label_atom_id 
_struct_site_gen.label_alt_id 
_struct_site_gen.symmetry 
_struct_site_gen.details 
1  AC1 8 MET A 25  ? MET A 25  . ? 1_555 ? 
2  AC1 8 TRP A 68  ? TRP A 68  . ? 2_464 ? 
3  AC1 8 THR A 104 ? THR A 104 . ? 1_555 ? 
4  AC1 8 SER A 107 ? SER A 107 . ? 1_555 ? 
5  AC1 8 CPS C .   ? CPS A 202 . ? 1_555 ? 
6  AC1 8 HOH E .   ? HOH A 309 . ? 1_555 ? 
7  AC1 8 HOH E .   ? HOH A 317 . ? 1_555 ? 
8  AC1 8 HOH E .   ? HOH A 319 . ? 1_555 ? 
9  AC2 9 PHE A 4   ? PHE A 4   . ? 4_455 ? 
10 AC2 9 LEU A 7   ? LEU A 7   . ? 4_455 ? 
11 AC2 9 ARG A 45  ? ARG A 45  . ? 1_555 ? 
12 AC2 9 TYR A 48  ? TYR A 48  . ? 1_555 ? 
13 AC2 9 SER A 96  ? SER A 96  . ? 4_455 ? 
14 AC2 9 ILE A 110 ? ILE A 110 . ? 1_555 ? 
15 AC2 9 GLU A 118 ? GLU A 118 . ? 4_455 ? 
16 AC2 9 CPS B .   ? CPS A 201 . ? 1_555 ? 
17 AC2 9 HOH E .   ? HOH A 332 . ? 1_555 ? 
18 AC3 1 GLY A 84  ? GLY A 84  . ? 3_544 ? 
# 
loop_
_pdbx_validate_close_contact.id 
_pdbx_validate_close_contact.PDB_model_num 
_pdbx_validate_close_contact.auth_atom_id_1 
_pdbx_validate_close_contact.auth_asym_id_1 
_pdbx_validate_close_contact.auth_comp_id_1 
_pdbx_validate_close_contact.auth_seq_id_1 
_pdbx_validate_close_contact.PDB_ins_code_1 
_pdbx_validate_close_contact.label_alt_id_1 
_pdbx_validate_close_contact.auth_atom_id_2 
_pdbx_validate_close_contact.auth_asym_id_2 
_pdbx_validate_close_contact.auth_comp_id_2 
_pdbx_validate_close_contact.auth_seq_id_2 
_pdbx_validate_close_contact.PDB_ins_code_2 
_pdbx_validate_close_contact.label_alt_id_2 
_pdbx_validate_close_contact.dist 
1 1 O A HOH 351 ? ? O A HOH 353 ? ? 2.13 
2 1 O A HOH 344 ? ? O A HOH 360 ? ? 2.15 
3 1 O A HOH 301 ? ? O A HOH 321 ? ? 2.19 
# 
_pdbx_validate_symm_contact.id                1 
_pdbx_validate_symm_contact.PDB_model_num     1 
_pdbx_validate_symm_contact.auth_atom_id_1    O 
_pdbx_validate_symm_contact.auth_asym_id_1    A 
_pdbx_validate_symm_contact.auth_comp_id_1    HOH 
_pdbx_validate_symm_contact.auth_seq_id_1     335 
_pdbx_validate_symm_contact.PDB_ins_code_1    ? 
_pdbx_validate_symm_contact.label_alt_id_1    ? 
_pdbx_validate_symm_contact.site_symmetry_1   1_555 
_pdbx_validate_symm_contact.auth_atom_id_2    O 
_pdbx_validate_symm_contact.auth_asym_id_2    A 
_pdbx_validate_symm_contact.auth_comp_id_2    HOH 
_pdbx_validate_symm_contact.auth_seq_id_2     340 
_pdbx_validate_symm_contact.PDB_ins_code_2    ? 
_pdbx_validate_symm_contact.label_alt_id_2    ? 
_pdbx_validate_symm_contact.site_symmetry_2   3_554 
_pdbx_validate_symm_contact.dist              2.11 
# 
loop_
_pdbx_validate_torsion.id 
_pdbx_validate_torsion.PDB_model_num 
_pdbx_validate_torsion.auth_comp_id 
_pdbx_validate_torsion.auth_asym_id 
_pdbx_validate_torsion.auth_seq_id 
_pdbx_validate_torsion.PDB_ins_code 
_pdbx_validate_torsion.label_alt_id 
_pdbx_validate_torsion.phi 
_pdbx_validate_torsion.psi 
1 1 ALA A 5  ? ? -138.07 -50.31 
2 1 SER A 96 ? ? 60.45   -44.00 
# 
loop_
_pdbx_distant_solvent_atoms.id 
_pdbx_distant_solvent_atoms.PDB_model_num 
_pdbx_distant_solvent_atoms.auth_atom_id 
_pdbx_distant_solvent_atoms.label_alt_id 
_pdbx_distant_solvent_atoms.auth_asym_id 
_pdbx_distant_solvent_atoms.auth_comp_id 
_pdbx_distant_solvent_atoms.auth_seq_id 
_pdbx_distant_solvent_atoms.PDB_ins_code 
_pdbx_distant_solvent_atoms.neighbor_macromolecule_distance 
_pdbx_distant_solvent_atoms.neighbor_ligand_distance 
1 1 O ? A HOH 361 ? 6.02 .    
2 1 O ? A HOH 362 ? 6.15 .    
3 1 O ? A HOH 363 ? .    6.46 
4 1 O ? A HOH 364 ? 8.86 .    
# 
loop_
_pdbx_unobs_or_zero_occ_residues.id 
_pdbx_unobs_or_zero_occ_residues.PDB_model_num 
_pdbx_unobs_or_zero_occ_residues.polymer_flag 
_pdbx_unobs_or_zero_occ_residues.occupancy_flag 
_pdbx_unobs_or_zero_occ_residues.auth_asym_id 
_pdbx_unobs_or_zero_occ_residues.auth_comp_id 
_pdbx_unobs_or_zero_occ_residues.auth_seq_id 
_pdbx_unobs_or_zero_occ_residues.PDB_ins_code 
_pdbx_unobs_or_zero_occ_residues.label_asym_id 
_pdbx_unobs_or_zero_occ_residues.label_comp_id 
_pdbx_unobs_or_zero_occ_residues.label_seq_id 
1 1 Y 1 A GLY 1   ? A GLY 1   
2 1 Y 1 A SER 2   ? A SER 2   
3 1 Y 1 A GLN 121 ? A GLN 121 
4 1 Y 1 A GLY 122 ? A GLY 122 
5 1 Y 1 A ASP 123 ? A ASP 123 
6 1 Y 1 A PHE 124 ? A PHE 124 
7 1 Y 1 A SER 125 ? A SER 125 
# 
loop_
_chem_comp_atom.comp_id 
_chem_comp_atom.atom_id 
_chem_comp_atom.type_symbol 
_chem_comp_atom.pdbx_aromatic_flag 
_chem_comp_atom.pdbx_stereo_config 
_chem_comp_atom.pdbx_ordinal 
ACY C    C N N 1   
ACY O    O N N 2   
ACY OXT  O N N 3   
ACY CH3  C N N 4   
ACY HXT  H N N 5   
ACY H1   H N N 6   
ACY H2   H N N 7   
ACY H3   H N N 8   
ALA N    N N N 9   
ALA CA   C N S 10  
ALA C    C N N 11  
ALA O    O N N 12  
ALA CB   C N N 13  
ALA OXT  O N N 14  
ALA H    H N N 15  
ALA H2   H N N 16  
ALA HA   H N N 17  
ALA HB1  H N N 18  
ALA HB2  H N N 19  
ALA HB3  H N N 20  
ALA HXT  H N N 21  
ARG N    N N N 22  
ARG CA   C N S 23  
ARG C    C N N 24  
ARG O    O N N 25  
ARG CB   C N N 26  
ARG CG   C N N 27  
ARG CD   C N N 28  
ARG NE   N N N 29  
ARG CZ   C N N 30  
ARG NH1  N N N 31  
ARG NH2  N N N 32  
ARG OXT  O N N 33  
ARG H    H N N 34  
ARG H2   H N N 35  
ARG HA   H N N 36  
ARG HB2  H N N 37  
ARG HB3  H N N 38  
ARG HG2  H N N 39  
ARG HG3  H N N 40  
ARG HD2  H N N 41  
ARG HD3  H N N 42  
ARG HE   H N N 43  
ARG HH11 H N N 44  
ARG HH12 H N N 45  
ARG HH21 H N N 46  
ARG HH22 H N N 47  
ARG HXT  H N N 48  
ASN N    N N N 49  
ASN CA   C N S 50  
ASN C    C N N 51  
ASN O    O N N 52  
ASN CB   C N N 53  
ASN CG   C N N 54  
ASN OD1  O N N 55  
ASN ND2  N N N 56  
ASN OXT  O N N 57  
ASN H    H N N 58  
ASN H2   H N N 59  
ASN HA   H N N 60  
ASN HB2  H N N 61  
ASN HB3  H N N 62  
ASN HD21 H N N 63  
ASN HD22 H N N 64  
ASN HXT  H N N 65  
ASP N    N N N 66  
ASP CA   C N S 67  
ASP C    C N N 68  
ASP O    O N N 69  
ASP CB   C N N 70  
ASP CG   C N N 71  
ASP OD1  O N N 72  
ASP OD2  O N N 73  
ASP OXT  O N N 74  
ASP H    H N N 75  
ASP H2   H N N 76  
ASP HA   H N N 77  
ASP HB2  H N N 78  
ASP HB3  H N N 79  
ASP HD2  H N N 80  
ASP HXT  H N N 81  
CPS C1   C N N 82  
CPS C2   C N S 83  
CPS C3   C N N 84  
CPS C4   C N S 85  
CPS C5   C N R 86  
CPS C6   C N S 87  
CPS C7   C N N 88  
CPS C8   C N N 89  
CPS C9   C N R 90  
CPS C10  C N N 91  
CPS C11  C N N 92  
CPS C12  C N N 93  
CPS C13  C N R 94  
CPS C14  C N N 95  
CPS C15  C N S 96  
CPS C16  C N N 97  
CPS C17  C N R 98  
CPS C18  C N R 99  
CPS C19  C N S 100 
CPS C20  C N R 101 
CPS C21  C N N 102 
CPS C22  C N N 103 
CPS C23  C N N 104 
CPS C24  C N N 105 
CPS C25  C N N 106 
CPS C26  C N N 107 
CPS C27  C N N 108 
CPS C28  C N N 109 
CPS C29  C N N 110 
CPS C30  C N N 111 
CPS C31  C N N 112 
CPS C32  C N N 113 
CPS N1   N N N 114 
CPS N2   N N N 115 
CPS O1   O N N 116 
CPS O2   O N N 117 
CPS O3   O N N 118 
CPS O4   O N N 119 
CPS O2S  O N N 120 
CPS O3S  O N N 121 
CPS O1S  O N N 122 
CPS S    S N N 123 
CPS H1   H N N 124 
CPS H1A  H N N 125 
CPS H3   H N N 126 
CPS H3A  H N N 127 
CPS H4   H N N 128 
CPS H6   H N N 129 
CPS H7   H N N 130 
CPS H7A  H N N 131 
CPS H8   H N N 132 
CPS H8A  H N N 133 
CPS H9   H N N 134 
CPS H10  H N N 135 
CPS H10A H N N 136 
CPS H10B H N N 137 
CPS H11  H N N 138 
CPS H11A H N N 139 
CPS H11B H N N 140 
CPS H12  H N N 141 
CPS H12A H N N 142 
CPS H13  H N N 143 
CPS H14  H N N 144 
CPS H14A H N N 145 
CPS H15  H N N 146 
CPS H16  H N N 147 
CPS H16A H N N 148 
CPS H17  H N N 149 
CPS H18  H N N 150 
CPS H19  H N N 151 
CPS H20  H N N 152 
CPS H21  H N N 153 
CPS H21A H N N 154 
CPS H21B H N N 155 
CPS H22  H N N 156 
CPS H22A H N N 157 
CPS H23  H N N 158 
CPS H23A H N N 159 
CPS H25  H N N 160 
CPS H25A H N N 161 
CPS H261 H N N 162 
CPS H271 H N N 163 
CPS H28  H N N 164 
CPS H28A H N N 165 
CPS H28B H N N 166 
CPS H29  H N N 167 
CPS H29A H N N 168 
CPS H29B H N N 169 
CPS H30  H N N 170 
CPS H30A H N N 171 
CPS H31  H N N 172 
CPS H31A H N N 173 
CPS H32  H N N 174 
CPS H32A H N N 175 
CPS HN1  H N N 176 
CPS HO2  H N N 177 
CPS HO3  H N N 178 
CPS HO4  H N N 179 
CPS H272 H N N 180 
CPS H262 H N N 181 
GLN N    N N N 182 
GLN CA   C N S 183 
GLN C    C N N 184 
GLN O    O N N 185 
GLN CB   C N N 186 
GLN CG   C N N 187 
GLN CD   C N N 188 
GLN OE1  O N N 189 
GLN NE2  N N N 190 
GLN OXT  O N N 191 
GLN H    H N N 192 
GLN H2   H N N 193 
GLN HA   H N N 194 
GLN HB2  H N N 195 
GLN HB3  H N N 196 
GLN HG2  H N N 197 
GLN HG3  H N N 198 
GLN HE21 H N N 199 
GLN HE22 H N N 200 
GLN HXT  H N N 201 
GLU N    N N N 202 
GLU CA   C N S 203 
GLU C    C N N 204 
GLU O    O N N 205 
GLU CB   C N N 206 
GLU CG   C N N 207 
GLU CD   C N N 208 
GLU OE1  O N N 209 
GLU OE2  O N N 210 
GLU OXT  O N N 211 
GLU H    H N N 212 
GLU H2   H N N 213 
GLU HA   H N N 214 
GLU HB2  H N N 215 
GLU HB3  H N N 216 
GLU HG2  H N N 217 
GLU HG3  H N N 218 
GLU HE2  H N N 219 
GLU HXT  H N N 220 
GLY N    N N N 221 
GLY CA   C N N 222 
GLY C    C N N 223 
GLY O    O N N 224 
GLY OXT  O N N 225 
GLY H    H N N 226 
GLY H2   H N N 227 
GLY HA2  H N N 228 
GLY HA3  H N N 229 
GLY HXT  H N N 230 
HIS N    N N N 231 
HIS CA   C N S 232 
HIS C    C N N 233 
HIS O    O N N 234 
HIS CB   C N N 235 
HIS CG   C Y N 236 
HIS ND1  N Y N 237 
HIS CD2  C Y N 238 
HIS CE1  C Y N 239 
HIS NE2  N Y N 240 
HIS OXT  O N N 241 
HIS H    H N N 242 
HIS H2   H N N 243 
HIS HA   H N N 244 
HIS HB2  H N N 245 
HIS HB3  H N N 246 
HIS HD1  H N N 247 
HIS HD2  H N N 248 
HIS HE1  H N N 249 
HIS HE2  H N N 250 
HIS HXT  H N N 251 
HOH O    O N N 252 
HOH H1   H N N 253 
HOH H2   H N N 254 
ILE N    N N N 255 
ILE CA   C N S 256 
ILE C    C N N 257 
ILE O    O N N 258 
ILE CB   C N S 259 
ILE CG1  C N N 260 
ILE CG2  C N N 261 
ILE CD1  C N N 262 
ILE OXT  O N N 263 
ILE H    H N N 264 
ILE H2   H N N 265 
ILE HA   H N N 266 
ILE HB   H N N 267 
ILE HG12 H N N 268 
ILE HG13 H N N 269 
ILE HG21 H N N 270 
ILE HG22 H N N 271 
ILE HG23 H N N 272 
ILE HD11 H N N 273 
ILE HD12 H N N 274 
ILE HD13 H N N 275 
ILE HXT  H N N 276 
LEU N    N N N 277 
LEU CA   C N S 278 
LEU C    C N N 279 
LEU O    O N N 280 
LEU CB   C N N 281 
LEU CG   C N N 282 
LEU CD1  C N N 283 
LEU CD2  C N N 284 
LEU OXT  O N N 285 
LEU H    H N N 286 
LEU H2   H N N 287 
LEU HA   H N N 288 
LEU HB2  H N N 289 
LEU HB3  H N N 290 
LEU HG   H N N 291 
LEU HD11 H N N 292 
LEU HD12 H N N 293 
LEU HD13 H N N 294 
LEU HD21 H N N 295 
LEU HD22 H N N 296 
LEU HD23 H N N 297 
LEU HXT  H N N 298 
LYS N    N N N 299 
LYS CA   C N S 300 
LYS C    C N N 301 
LYS O    O N N 302 
LYS CB   C N N 303 
LYS CG   C N N 304 
LYS CD   C N N 305 
LYS CE   C N N 306 
LYS NZ   N N N 307 
LYS OXT  O N N 308 
LYS H    H N N 309 
LYS H2   H N N 310 
LYS HA   H N N 311 
LYS HB2  H N N 312 
LYS HB3  H N N 313 
LYS HG2  H N N 314 
LYS HG3  H N N 315 
LYS HD2  H N N 316 
LYS HD3  H N N 317 
LYS HE2  H N N 318 
LYS HE3  H N N 319 
LYS HZ1  H N N 320 
LYS HZ2  H N N 321 
LYS HZ3  H N N 322 
LYS HXT  H N N 323 
MET N    N N N 324 
MET CA   C N S 325 
MET C    C N N 326 
MET O    O N N 327 
MET CB   C N N 328 
MET CG   C N N 329 
MET SD   S N N 330 
MET CE   C N N 331 
MET OXT  O N N 332 
MET H    H N N 333 
MET H2   H N N 334 
MET HA   H N N 335 
MET HB2  H N N 336 
MET HB3  H N N 337 
MET HG2  H N N 338 
MET HG3  H N N 339 
MET HE1  H N N 340 
MET HE2  H N N 341 
MET HE3  H N N 342 
MET HXT  H N N 343 
PHE N    N N N 344 
PHE CA   C N S 345 
PHE C    C N N 346 
PHE O    O N N 347 
PHE CB   C N N 348 
PHE CG   C Y N 349 
PHE CD1  C Y N 350 
PHE CD2  C Y N 351 
PHE CE1  C Y N 352 
PHE CE2  C Y N 353 
PHE CZ   C Y N 354 
PHE OXT  O N N 355 
PHE H    H N N 356 
PHE H2   H N N 357 
PHE HA   H N N 358 
PHE HB2  H N N 359 
PHE HB3  H N N 360 
PHE HD1  H N N 361 
PHE HD2  H N N 362 
PHE HE1  H N N 363 
PHE HE2  H N N 364 
PHE HZ   H N N 365 
PHE HXT  H N N 366 
PRO N    N N N 367 
PRO CA   C N S 368 
PRO C    C N N 369 
PRO O    O N N 370 
PRO CB   C N N 371 
PRO CG   C N N 372 
PRO CD   C N N 373 
PRO OXT  O N N 374 
PRO H    H N N 375 
PRO HA   H N N 376 
PRO HB2  H N N 377 
PRO HB3  H N N 378 
PRO HG2  H N N 379 
PRO HG3  H N N 380 
PRO HD2  H N N 381 
PRO HD3  H N N 382 
PRO HXT  H N N 383 
SER N    N N N 384 
SER CA   C N S 385 
SER C    C N N 386 
SER O    O N N 387 
SER CB   C N N 388 
SER OG   O N N 389 
SER OXT  O N N 390 
SER H    H N N 391 
SER H2   H N N 392 
SER HA   H N N 393 
SER HB2  H N N 394 
SER HB3  H N N 395 
SER HG   H N N 396 
SER HXT  H N N 397 
THR N    N N N 398 
THR CA   C N S 399 
THR C    C N N 400 
THR O    O N N 401 
THR CB   C N R 402 
THR OG1  O N N 403 
THR CG2  C N N 404 
THR OXT  O N N 405 
THR H    H N N 406 
THR H2   H N N 407 
THR HA   H N N 408 
THR HB   H N N 409 
THR HG1  H N N 410 
THR HG21 H N N 411 
THR HG22 H N N 412 
THR HG23 H N N 413 
THR HXT  H N N 414 
TRP N    N N N 415 
TRP CA   C N S 416 
TRP C    C N N 417 
TRP O    O N N 418 
TRP CB   C N N 419 
TRP CG   C Y N 420 
TRP CD1  C Y N 421 
TRP CD2  C Y N 422 
TRP NE1  N Y N 423 
TRP CE2  C Y N 424 
TRP CE3  C Y N 425 
TRP CZ2  C Y N 426 
TRP CZ3  C Y N 427 
TRP CH2  C Y N 428 
TRP OXT  O N N 429 
TRP H    H N N 430 
TRP H2   H N N 431 
TRP HA   H N N 432 
TRP HB2  H N N 433 
TRP HB3  H N N 434 
TRP HD1  H N N 435 
TRP HE1  H N N 436 
TRP HE3  H N N 437 
TRP HZ2  H N N 438 
TRP HZ3  H N N 439 
TRP HH2  H N N 440 
TRP HXT  H N N 441 
TYR N    N N N 442 
TYR CA   C N S 443 
TYR C    C N N 444 
TYR O    O N N 445 
TYR CB   C N N 446 
TYR CG   C Y N 447 
TYR CD1  C Y N 448 
TYR CD2  C Y N 449 
TYR CE1  C Y N 450 
TYR CE2  C Y N 451 
TYR CZ   C Y N 452 
TYR OH   O N N 453 
TYR OXT  O N N 454 
TYR H    H N N 455 
TYR H2   H N N 456 
TYR HA   H N N 457 
TYR HB2  H N N 458 
TYR HB3  H N N 459 
TYR HD1  H N N 460 
TYR HD2  H N N 461 
TYR HE1  H N N 462 
TYR HE2  H N N 463 
TYR HH   H N N 464 
TYR HXT  H N N 465 
VAL N    N N N 466 
VAL CA   C N S 467 
VAL C    C N N 468 
VAL O    O N N 469 
VAL CB   C N N 470 
VAL CG1  C N N 471 
VAL CG2  C N N 472 
VAL OXT  O N N 473 
VAL H    H N N 474 
VAL H2   H N N 475 
VAL HA   H N N 476 
VAL HB   H N N 477 
VAL HG11 H N N 478 
VAL HG12 H N N 479 
VAL HG13 H N N 480 
VAL HG21 H N N 481 
VAL HG22 H N N 482 
VAL HG23 H N N 483 
VAL HXT  H N N 484 
# 
loop_
_chem_comp_bond.comp_id 
_chem_comp_bond.atom_id_1 
_chem_comp_bond.atom_id_2 
_chem_comp_bond.value_order 
_chem_comp_bond.pdbx_aromatic_flag 
_chem_comp_bond.pdbx_stereo_config 
_chem_comp_bond.pdbx_ordinal 
ACY C   O    doub N N 1   
ACY C   OXT  sing N N 2   
ACY C   CH3  sing N N 3   
ACY OXT HXT  sing N N 4   
ACY CH3 H1   sing N N 5   
ACY CH3 H2   sing N N 6   
ACY CH3 H3   sing N N 7   
ALA N   CA   sing N N 8   
ALA N   H    sing N N 9   
ALA N   H2   sing N N 10  
ALA CA  C    sing N N 11  
ALA CA  CB   sing N N 12  
ALA CA  HA   sing N N 13  
ALA C   O    doub N N 14  
ALA C   OXT  sing N N 15  
ALA CB  HB1  sing N N 16  
ALA CB  HB2  sing N N 17  
ALA CB  HB3  sing N N 18  
ALA OXT HXT  sing N N 19  
ARG N   CA   sing N N 20  
ARG N   H    sing N N 21  
ARG N   H2   sing N N 22  
ARG CA  C    sing N N 23  
ARG CA  CB   sing N N 24  
ARG CA  HA   sing N N 25  
ARG C   O    doub N N 26  
ARG C   OXT  sing N N 27  
ARG CB  CG   sing N N 28  
ARG CB  HB2  sing N N 29  
ARG CB  HB3  sing N N 30  
ARG CG  CD   sing N N 31  
ARG CG  HG2  sing N N 32  
ARG CG  HG3  sing N N 33  
ARG CD  NE   sing N N 34  
ARG CD  HD2  sing N N 35  
ARG CD  HD3  sing N N 36  
ARG NE  CZ   sing N N 37  
ARG NE  HE   sing N N 38  
ARG CZ  NH1  sing N N 39  
ARG CZ  NH2  doub N N 40  
ARG NH1 HH11 sing N N 41  
ARG NH1 HH12 sing N N 42  
ARG NH2 HH21 sing N N 43  
ARG NH2 HH22 sing N N 44  
ARG OXT HXT  sing N N 45  
ASN N   CA   sing N N 46  
ASN N   H    sing N N 47  
ASN N   H2   sing N N 48  
ASN CA  C    sing N N 49  
ASN CA  CB   sing N N 50  
ASN CA  HA   sing N N 51  
ASN C   O    doub N N 52  
ASN C   OXT  sing N N 53  
ASN CB  CG   sing N N 54  
ASN CB  HB2  sing N N 55  
ASN CB  HB3  sing N N 56  
ASN CG  OD1  doub N N 57  
ASN CG  ND2  sing N N 58  
ASN ND2 HD21 sing N N 59  
ASN ND2 HD22 sing N N 60  
ASN OXT HXT  sing N N 61  
ASP N   CA   sing N N 62  
ASP N   H    sing N N 63  
ASP N   H2   sing N N 64  
ASP CA  C    sing N N 65  
ASP CA  CB   sing N N 66  
ASP CA  HA   sing N N 67  
ASP C   O    doub N N 68  
ASP C   OXT  sing N N 69  
ASP CB  CG   sing N N 70  
ASP CB  HB2  sing N N 71  
ASP CB  HB3  sing N N 72  
ASP CG  OD1  doub N N 73  
ASP CG  OD2  sing N N 74  
ASP OD2 HD2  sing N N 75  
ASP OXT HXT  sing N N 76  
CPS C1  C2   sing N N 77  
CPS C1  C12  sing N N 78  
CPS C2  C11  sing N N 79  
CPS C2  C15  sing N N 80  
CPS C2  C19  sing N N 81  
CPS C3  C4   sing N N 82  
CPS C3  C19  sing N N 83  
CPS C4  C5   sing N N 84  
CPS C4  O4   sing N N 85  
CPS C5  C6   sing N N 86  
CPS C5  C9   sing N N 87  
CPS C5  C10  sing N N 88  
CPS C6  C7   sing N N 89  
CPS C6  C18  sing N N 90  
CPS C7  C8   sing N N 91  
CPS C8  C9   sing N N 92  
CPS C9  C20  sing N N 93  
CPS C12 C13  sing N N 94  
CPS C13 C14  sing N N 95  
CPS C13 O2   sing N N 96  
CPS C14 C15  sing N N 97  
CPS C15 C16  sing N N 98  
CPS C16 C17  sing N N 99  
CPS C17 C18  sing N N 100 
CPS C17 O3   sing N N 101 
CPS C18 C19  sing N N 102 
CPS C20 C21  sing N N 103 
CPS C20 C22  sing N N 104 
CPS C22 C23  sing N N 105 
CPS C23 C24  sing N N 106 
CPS C24 N1   sing N N 107 
CPS C24 O1   doub N N 108 
CPS C25 C26  sing N N 109 
CPS C25 N1   sing N N 110 
CPS C26 C27  sing N N 111 
CPS C27 N2   sing N N 112 
CPS C28 N2   sing N N 113 
CPS C29 N2   sing N N 114 
CPS C30 C31  sing N N 115 
CPS C30 N2   sing N N 116 
CPS C31 C32  sing N N 117 
CPS C32 S    sing N N 118 
CPS O2S S    sing N N 119 
CPS O3S S    doub N N 120 
CPS O1S S    doub N N 121 
CPS C1  H1   sing N N 122 
CPS C1  H1A  sing N N 123 
CPS C3  H3   sing N N 124 
CPS C3  H3A  sing N N 125 
CPS C4  H4   sing N N 126 
CPS C6  H6   sing N N 127 
CPS C7  H7   sing N N 128 
CPS C7  H7A  sing N N 129 
CPS C8  H8   sing N N 130 
CPS C8  H8A  sing N N 131 
CPS C9  H9   sing N N 132 
CPS C10 H10  sing N N 133 
CPS C10 H10A sing N N 134 
CPS C10 H10B sing N N 135 
CPS C11 H11  sing N N 136 
CPS C11 H11A sing N N 137 
CPS C11 H11B sing N N 138 
CPS C12 H12  sing N N 139 
CPS C12 H12A sing N N 140 
CPS C13 H13  sing N N 141 
CPS C14 H14  sing N N 142 
CPS C14 H14A sing N N 143 
CPS C15 H15  sing N N 144 
CPS C16 H16  sing N N 145 
CPS C16 H16A sing N N 146 
CPS C17 H17  sing N N 147 
CPS C18 H18  sing N N 148 
CPS C19 H19  sing N N 149 
CPS C20 H20  sing N N 150 
CPS C21 H21  sing N N 151 
CPS C21 H21A sing N N 152 
CPS C21 H21B sing N N 153 
CPS C22 H22  sing N N 154 
CPS C22 H22A sing N N 155 
CPS C23 H23  sing N N 156 
CPS C23 H23A sing N N 157 
CPS C25 H25  sing N N 158 
CPS C25 H25A sing N N 159 
CPS C26 H261 sing N N 160 
CPS C27 H271 sing N N 161 
CPS C28 H28  sing N N 162 
CPS C28 H28A sing N N 163 
CPS C28 H28B sing N N 164 
CPS C29 H29  sing N N 165 
CPS C29 H29A sing N N 166 
CPS C29 H29B sing N N 167 
CPS C30 H30  sing N N 168 
CPS C30 H30A sing N N 169 
CPS C31 H31  sing N N 170 
CPS C31 H31A sing N N 171 
CPS C32 H32  sing N N 172 
CPS C32 H32A sing N N 173 
CPS N1  HN1  sing N N 174 
CPS O2  HO2  sing N N 175 
CPS O3  HO3  sing N N 176 
CPS O4  HO4  sing N N 177 
CPS C26 H262 sing N N 178 
CPS C27 H272 sing N N 179 
GLN N   CA   sing N N 180 
GLN N   H    sing N N 181 
GLN N   H2   sing N N 182 
GLN CA  C    sing N N 183 
GLN CA  CB   sing N N 184 
GLN CA  HA   sing N N 185 
GLN C   O    doub N N 186 
GLN C   OXT  sing N N 187 
GLN CB  CG   sing N N 188 
GLN CB  HB2  sing N N 189 
GLN CB  HB3  sing N N 190 
GLN CG  CD   sing N N 191 
GLN CG  HG2  sing N N 192 
GLN CG  HG3  sing N N 193 
GLN CD  OE1  doub N N 194 
GLN CD  NE2  sing N N 195 
GLN NE2 HE21 sing N N 196 
GLN NE2 HE22 sing N N 197 
GLN OXT HXT  sing N N 198 
GLU N   CA   sing N N 199 
GLU N   H    sing N N 200 
GLU N   H2   sing N N 201 
GLU CA  C    sing N N 202 
GLU CA  CB   sing N N 203 
GLU CA  HA   sing N N 204 
GLU C   O    doub N N 205 
GLU C   OXT  sing N N 206 
GLU CB  CG   sing N N 207 
GLU CB  HB2  sing N N 208 
GLU CB  HB3  sing N N 209 
GLU CG  CD   sing N N 210 
GLU CG  HG2  sing N N 211 
GLU CG  HG3  sing N N 212 
GLU CD  OE1  doub N N 213 
GLU CD  OE2  sing N N 214 
GLU OE2 HE2  sing N N 215 
GLU OXT HXT  sing N N 216 
GLY N   CA   sing N N 217 
GLY N   H    sing N N 218 
GLY N   H2   sing N N 219 
GLY CA  C    sing N N 220 
GLY CA  HA2  sing N N 221 
GLY CA  HA3  sing N N 222 
GLY C   O    doub N N 223 
GLY C   OXT  sing N N 224 
GLY OXT HXT  sing N N 225 
HIS N   CA   sing N N 226 
HIS N   H    sing N N 227 
HIS N   H2   sing N N 228 
HIS CA  C    sing N N 229 
HIS CA  CB   sing N N 230 
HIS CA  HA   sing N N 231 
HIS C   O    doub N N 232 
HIS C   OXT  sing N N 233 
HIS CB  CG   sing N N 234 
HIS CB  HB2  sing N N 235 
HIS CB  HB3  sing N N 236 
HIS CG  ND1  sing Y N 237 
HIS CG  CD2  doub Y N 238 
HIS ND1 CE1  doub Y N 239 
HIS ND1 HD1  sing N N 240 
HIS CD2 NE2  sing Y N 241 
HIS CD2 HD2  sing N N 242 
HIS CE1 NE2  sing Y N 243 
HIS CE1 HE1  sing N N 244 
HIS NE2 HE2  sing N N 245 
HIS OXT HXT  sing N N 246 
HOH O   H1   sing N N 247 
HOH O   H2   sing N N 248 
ILE N   CA   sing N N 249 
ILE N   H    sing N N 250 
ILE N   H2   sing N N 251 
ILE CA  C    sing N N 252 
ILE CA  CB   sing N N 253 
ILE CA  HA   sing N N 254 
ILE C   O    doub N N 255 
ILE C   OXT  sing N N 256 
ILE CB  CG1  sing N N 257 
ILE CB  CG2  sing N N 258 
ILE CB  HB   sing N N 259 
ILE CG1 CD1  sing N N 260 
ILE CG1 HG12 sing N N 261 
ILE CG1 HG13 sing N N 262 
ILE CG2 HG21 sing N N 263 
ILE CG2 HG22 sing N N 264 
ILE CG2 HG23 sing N N 265 
ILE CD1 HD11 sing N N 266 
ILE CD1 HD12 sing N N 267 
ILE CD1 HD13 sing N N 268 
ILE OXT HXT  sing N N 269 
LEU N   CA   sing N N 270 
LEU N   H    sing N N 271 
LEU N   H2   sing N N 272 
LEU CA  C    sing N N 273 
LEU CA  CB   sing N N 274 
LEU CA  HA   sing N N 275 
LEU C   O    doub N N 276 
LEU C   OXT  sing N N 277 
LEU CB  CG   sing N N 278 
LEU CB  HB2  sing N N 279 
LEU CB  HB3  sing N N 280 
LEU CG  CD1  sing N N 281 
LEU CG  CD2  sing N N 282 
LEU CG  HG   sing N N 283 
LEU CD1 HD11 sing N N 284 
LEU CD1 HD12 sing N N 285 
LEU CD1 HD13 sing N N 286 
LEU CD2 HD21 sing N N 287 
LEU CD2 HD22 sing N N 288 
LEU CD2 HD23 sing N N 289 
LEU OXT HXT  sing N N 290 
LYS N   CA   sing N N 291 
LYS N   H    sing N N 292 
LYS N   H2   sing N N 293 
LYS CA  C    sing N N 294 
LYS CA  CB   sing N N 295 
LYS CA  HA   sing N N 296 
LYS C   O    doub N N 297 
LYS C   OXT  sing N N 298 
LYS CB  CG   sing N N 299 
LYS CB  HB2  sing N N 300 
LYS CB  HB3  sing N N 301 
LYS CG  CD   sing N N 302 
LYS CG  HG2  sing N N 303 
LYS CG  HG3  sing N N 304 
LYS CD  CE   sing N N 305 
LYS CD  HD2  sing N N 306 
LYS CD  HD3  sing N N 307 
LYS CE  NZ   sing N N 308 
LYS CE  HE2  sing N N 309 
LYS CE  HE3  sing N N 310 
LYS NZ  HZ1  sing N N 311 
LYS NZ  HZ2  sing N N 312 
LYS NZ  HZ3  sing N N 313 
LYS OXT HXT  sing N N 314 
MET N   CA   sing N N 315 
MET N   H    sing N N 316 
MET N   H2   sing N N 317 
MET CA  C    sing N N 318 
MET CA  CB   sing N N 319 
MET CA  HA   sing N N 320 
MET C   O    doub N N 321 
MET C   OXT  sing N N 322 
MET CB  CG   sing N N 323 
MET CB  HB2  sing N N 324 
MET CB  HB3  sing N N 325 
MET CG  SD   sing N N 326 
MET CG  HG2  sing N N 327 
MET CG  HG3  sing N N 328 
MET SD  CE   sing N N 329 
MET CE  HE1  sing N N 330 
MET CE  HE2  sing N N 331 
MET CE  HE3  sing N N 332 
MET OXT HXT  sing N N 333 
PHE N   CA   sing N N 334 
PHE N   H    sing N N 335 
PHE N   H2   sing N N 336 
PHE CA  C    sing N N 337 
PHE CA  CB   sing N N 338 
PHE CA  HA   sing N N 339 
PHE C   O    doub N N 340 
PHE C   OXT  sing N N 341 
PHE CB  CG   sing N N 342 
PHE CB  HB2  sing N N 343 
PHE CB  HB3  sing N N 344 
PHE CG  CD1  doub Y N 345 
PHE CG  CD2  sing Y N 346 
PHE CD1 CE1  sing Y N 347 
PHE CD1 HD1  sing N N 348 
PHE CD2 CE2  doub Y N 349 
PHE CD2 HD2  sing N N 350 
PHE CE1 CZ   doub Y N 351 
PHE CE1 HE1  sing N N 352 
PHE CE2 CZ   sing Y N 353 
PHE CE2 HE2  sing N N 354 
PHE CZ  HZ   sing N N 355 
PHE OXT HXT  sing N N 356 
PRO N   CA   sing N N 357 
PRO N   CD   sing N N 358 
PRO N   H    sing N N 359 
PRO CA  C    sing N N 360 
PRO CA  CB   sing N N 361 
PRO CA  HA   sing N N 362 
PRO C   O    doub N N 363 
PRO C   OXT  sing N N 364 
PRO CB  CG   sing N N 365 
PRO CB  HB2  sing N N 366 
PRO CB  HB3  sing N N 367 
PRO CG  CD   sing N N 368 
PRO CG  HG2  sing N N 369 
PRO CG  HG3  sing N N 370 
PRO CD  HD2  sing N N 371 
PRO CD  HD3  sing N N 372 
PRO OXT HXT  sing N N 373 
SER N   CA   sing N N 374 
SER N   H    sing N N 375 
SER N   H2   sing N N 376 
SER CA  C    sing N N 377 
SER CA  CB   sing N N 378 
SER CA  HA   sing N N 379 
SER C   O    doub N N 380 
SER C   OXT  sing N N 381 
SER CB  OG   sing N N 382 
SER CB  HB2  sing N N 383 
SER CB  HB3  sing N N 384 
SER OG  HG   sing N N 385 
SER OXT HXT  sing N N 386 
THR N   CA   sing N N 387 
THR N   H    sing N N 388 
THR N   H2   sing N N 389 
THR CA  C    sing N N 390 
THR CA  CB   sing N N 391 
THR CA  HA   sing N N 392 
THR C   O    doub N N 393 
THR C   OXT  sing N N 394 
THR CB  OG1  sing N N 395 
THR CB  CG2  sing N N 396 
THR CB  HB   sing N N 397 
THR OG1 HG1  sing N N 398 
THR CG2 HG21 sing N N 399 
THR CG2 HG22 sing N N 400 
THR CG2 HG23 sing N N 401 
THR OXT HXT  sing N N 402 
TRP N   CA   sing N N 403 
TRP N   H    sing N N 404 
TRP N   H2   sing N N 405 
TRP CA  C    sing N N 406 
TRP CA  CB   sing N N 407 
TRP CA  HA   sing N N 408 
TRP C   O    doub N N 409 
TRP C   OXT  sing N N 410 
TRP CB  CG   sing N N 411 
TRP CB  HB2  sing N N 412 
TRP CB  HB3  sing N N 413 
TRP CG  CD1  doub Y N 414 
TRP CG  CD2  sing Y N 415 
TRP CD1 NE1  sing Y N 416 
TRP CD1 HD1  sing N N 417 
TRP CD2 CE2  doub Y N 418 
TRP CD2 CE3  sing Y N 419 
TRP NE1 CE2  sing Y N 420 
TRP NE1 HE1  sing N N 421 
TRP CE2 CZ2  sing Y N 422 
TRP CE3 CZ3  doub Y N 423 
TRP CE3 HE3  sing N N 424 
TRP CZ2 CH2  doub Y N 425 
TRP CZ2 HZ2  sing N N 426 
TRP CZ3 CH2  sing Y N 427 
TRP CZ3 HZ3  sing N N 428 
TRP CH2 HH2  sing N N 429 
TRP OXT HXT  sing N N 430 
TYR N   CA   sing N N 431 
TYR N   H    sing N N 432 
TYR N   H2   sing N N 433 
TYR CA  C    sing N N 434 
TYR CA  CB   sing N N 435 
TYR CA  HA   sing N N 436 
TYR C   O    doub N N 437 
TYR C   OXT  sing N N 438 
TYR CB  CG   sing N N 439 
TYR CB  HB2  sing N N 440 
TYR CB  HB3  sing N N 441 
TYR CG  CD1  doub Y N 442 
TYR CG  CD2  sing Y N 443 
TYR CD1 CE1  sing Y N 444 
TYR CD1 HD1  sing N N 445 
TYR CD2 CE2  doub Y N 446 
TYR CD2 HD2  sing N N 447 
TYR CE1 CZ   doub Y N 448 
TYR CE1 HE1  sing N N 449 
TYR CE2 CZ   sing Y N 450 
TYR CE2 HE2  sing N N 451 
TYR CZ  OH   sing N N 452 
TYR OH  HH   sing N N 453 
TYR OXT HXT  sing N N 454 
VAL N   CA   sing N N 455 
VAL N   H    sing N N 456 
VAL N   H2   sing N N 457 
VAL CA  C    sing N N 458 
VAL CA  CB   sing N N 459 
VAL CA  HA   sing N N 460 
VAL C   O    doub N N 461 
VAL C   OXT  sing N N 462 
VAL CB  CG1  sing N N 463 
VAL CB  CG2  sing N N 464 
VAL CB  HB   sing N N 465 
VAL CG1 HG11 sing N N 466 
VAL CG1 HG12 sing N N 467 
VAL CG1 HG13 sing N N 468 
VAL CG2 HG21 sing N N 469 
VAL CG2 HG22 sing N N 470 
VAL CG2 HG23 sing N N 471 
VAL OXT HXT  sing N N 472 
# 
_atom_sites.entry_id                    5XGA 
_atom_sites.fract_transf_matrix[1][1]   -0.00564607 
_atom_sites.fract_transf_matrix[1][2]   -0.00239511 
_atom_sites.fract_transf_matrix[1][3]   -0.02207071 
_atom_sites.fract_transf_matrix[2][1]   0.01418582 
_atom_sites.fract_transf_matrix[2][2]   -0.01687281 
_atom_sites.fract_transf_matrix[2][3]   -0.00179794 
_atom_sites.fract_transf_matrix[3][1]   -0.01027323 
_atom_sites.fract_transf_matrix[3][2]   -0.00902159 
_atom_sites.fract_transf_matrix[3][3]   0.00360709 
_atom_sites.fract_transf_vector[1]      -0.044133 
_atom_sites.fract_transf_vector[2]      0.357049 
_atom_sites.fract_transf_vector[3]      -0.100022 
# 
loop_
_atom_type.symbol 
C 
H 
N 
O 
S 
# 
loop_
_atom_site.group_PDB 
_atom_site.id 
_atom_site.type_symbol 
_atom_site.label_atom_id 
_atom_site.label_alt_id 
_atom_site.label_comp_id 
_atom_site.label_asym_id 
_atom_site.label_entity_id 
_atom_site.label_seq_id 
_atom_site.pdbx_PDB_ins_code 
_atom_site.Cartn_x 
_atom_site.Cartn_y 
_atom_site.Cartn_z 
_atom_site.occupancy 
_atom_site.B_iso_or_equiv 
_atom_site.pdbx_formal_charge 
_atom_site.auth_seq_id 
_atom_site.auth_comp_id 
_atom_site.auth_asym_id 
_atom_site.auth_atom_id 
_atom_site.pdbx_PDB_model_num 
ATOM   1    N N   . ASN A 1 3   ? -20.628 9.998   4.756   1.00 58.40 ? 3   ASN A N   1 
ATOM   2    C CA  . ASN A 1 3   ? -21.238 10.000  3.432   1.00 58.18 ? 3   ASN A CA  1 
ATOM   3    C C   . ASN A 1 3   ? -20.391 9.195   2.444   1.00 60.31 ? 3   ASN A C   1 
ATOM   4    O O   . ASN A 1 3   ? -19.320 9.637   2.017   1.00 59.84 ? 3   ASN A O   1 
ATOM   5    C CB  . ASN A 1 3   ? -21.434 11.437  2.927   1.00 62.51 ? 3   ASN A CB  1 
ATOM   6    C CG  . ASN A 1 3   ? -22.549 11.554  1.887   1.00 68.45 ? 3   ASN A CG  1 
ATOM   7    O OD1 . ASN A 1 3   ? -22.341 11.289  0.701   1.00 72.90 ? 3   ASN A OD1 1 
ATOM   8    N ND2 . ASN A 1 3   ? -23.734 11.961  2.330   1.00 67.78 ? 3   ASN A ND2 1 
ATOM   9    N N   . PHE A 1 4   ? -20.880 8.004   2.104   1.00 60.77 ? 4   PHE A N   1 
ATOM   10   C CA  . PHE A 1 4   ? -20.217 7.106   1.159   1.00 51.91 ? 4   PHE A CA  1 
ATOM   11   C C   . PHE A 1 4   ? -19.967 7.808   -0.174  1.00 50.64 ? 4   PHE A C   1 
ATOM   12   O O   . PHE A 1 4   ? -20.692 8.731   -0.558  1.00 43.45 ? 4   PHE A O   1 
ATOM   13   C CB  . PHE A 1 4   ? -21.065 5.836   0.972   1.00 54.88 ? 4   PHE A CB  1 
ATOM   14   C CG  . PHE A 1 4   ? -20.742 5.047   -0.271  1.00 48.78 ? 4   PHE A CG  1 
ATOM   15   C CD1 . PHE A 1 4   ? -19.649 4.194   -0.307  1.00 45.18 ? 4   PHE A CD1 1 
ATOM   16   C CD2 . PHE A 1 4   ? -21.551 5.143   -1.394  1.00 44.24 ? 4   PHE A CD2 1 
ATOM   17   C CE1 . PHE A 1 4   ? -19.360 3.461   -1.454  1.00 40.19 ? 4   PHE A CE1 1 
ATOM   18   C CE2 . PHE A 1 4   ? -21.270 4.420   -2.540  1.00 38.81 ? 4   PHE A CE2 1 
ATOM   19   C CZ  . PHE A 1 4   ? -20.171 3.576   -2.572  1.00 38.25 ? 4   PHE A CZ  1 
ATOM   20   N N   . ALA A 1 5   ? -18.917 7.390   -0.864  1.00 43.00 ? 5   ALA A N   1 
ATOM   21   C CA  . ALA A 1 5   ? -18.602 7.977   -2.151  1.00 43.86 ? 5   ALA A CA  1 
ATOM   22   C C   . ALA A 1 5   ? -18.187 6.893   -3.150  1.00 41.57 ? 5   ALA A C   1 
ATOM   23   O O   . ALA A 1 5   ? -18.725 6.831   -4.254  1.00 30.48 ? 5   ALA A O   1 
ATOM   24   C CB  . ALA A 1 5   ? -17.514 9.024   -2.006  1.00 42.50 ? 5   ALA A CB  1 
ATOM   25   N N   . ILE A 1 6   ? -17.252 6.031   -2.758  1.00 35.70 ? 6   ILE A N   1 
ATOM   26   C CA  . ILE A 1 6   ? -16.770 4.990   -3.667  1.00 26.47 ? 6   ILE A CA  1 
ATOM   27   C C   . ILE A 1 6   ? -16.425 3.680   -2.962  1.00 30.39 ? 6   ILE A C   1 
ATOM   28   O O   . ILE A 1 6   ? -15.777 3.682   -1.915  1.00 28.04 ? 6   ILE A O   1 
ATOM   29   C CB  . ILE A 1 6   ? -15.510 5.454   -4.432  1.00 27.92 ? 6   ILE A CB  1 
ATOM   30   C CG1 . ILE A 1 6   ? -15.706 6.839   -5.033  1.00 26.87 ? 6   ILE A CG1 1 
ATOM   31   C CG2 . ILE A 1 6   ? -15.119 4.442   -5.513  1.00 24.50 ? 6   ILE A CG2 1 
ATOM   32   C CD1 . ILE A 1 6   ? -14.518 7.314   -5.840  1.00 33.12 ? 6   ILE A CD1 1 
ATOM   33   N N   . LEU A 1 7   ? -16.855 2.563   -3.544  1.00 26.75 ? 7   LEU A N   1 
ATOM   34   C CA  . LEU A 1 7   ? -16.304 1.250   -3.175  1.00 19.51 ? 7   LEU A CA  1 
ATOM   35   C C   . LEU A 1 7   ? -15.392 0.814   -4.314  1.00 25.25 ? 7   LEU A C   1 
ATOM   36   O O   . LEU A 1 7   ? -15.859 0.372   -5.362  1.00 20.53 ? 7   LEU A O   1 
ATOM   37   C CB  . LEU A 1 7   ? -17.396 0.213   -2.932  1.00 24.10 ? 7   LEU A CB  1 
ATOM   38   C CG  . LEU A 1 7   ? -16.900 -1.151  -2.420  1.00 29.12 ? 7   LEU A CG  1 
ATOM   39   C CD1 . LEU A 1 7   ? -16.409 -1.068  -0.966  1.00 25.61 ? 7   LEU A CD1 1 
ATOM   40   C CD2 . LEU A 1 7   ? -17.979 -2.234  -2.559  1.00 27.26 ? 7   LEU A CD2 1 
ATOM   41   N N   . PRO A 1 8   ? -14.081 0.972   -4.127  1.00 25.63 ? 8   PRO A N   1 
ATOM   42   C CA  . PRO A 1 8   ? -13.190 0.809   -5.276  1.00 21.90 ? 8   PRO A CA  1 
ATOM   43   C C   . PRO A 1 8   ? -12.916 -0.643  -5.584  1.00 20.95 ? 8   PRO A C   1 
ATOM   44   O O   . PRO A 1 8   ? -12.913 -1.478  -4.672  1.00 22.45 ? 8   PRO A O   1 
ATOM   45   C CB  . PRO A 1 8   ? -11.911 1.511   -4.822  1.00 24.93 ? 8   PRO A CB  1 
ATOM   46   C CG  . PRO A 1 8   ? -11.885 1.227   -3.337  1.00 24.75 ? 8   PRO A CG  1 
ATOM   47   C CD  . PRO A 1 8   ? -13.347 1.353   -2.910  1.00 25.83 ? 8   PRO A CD  1 
ATOM   48   N N   . SER A 1 9   ? -12.672 -0.929  -6.863  1.00 20.62 ? 9   SER A N   1 
ATOM   49   C CA  . SER A 1 9   ? -12.159 -2.220  -7.276  1.00 23.10 ? 9   SER A CA  1 
ATOM   50   C C   . SER A 1 9   ? -10.806 -2.446  -6.632  1.00 25.73 ? 9   SER A C   1 
ATOM   51   O O   . SER A 1 9   ? -10.160 -1.507  -6.171  1.00 22.27 ? 9   SER A O   1 
ATOM   52   C CB  . SER A 1 9   ? -12.016 -2.299  -8.802  1.00 24.49 ? 9   SER A CB  1 
ATOM   53   O OG  . SER A 1 9   ? -11.023 -1.383  -9.245  1.00 27.02 ? 9   SER A OG  1 
ATOM   54   N N   . LEU A 1 10  ? -10.372 -3.696  -6.614  1.00 22.09 ? 10  LEU A N   1 
ATOM   55   C CA  . LEU A 1 10  ? -9.035  -4.015  -6.152  1.00 25.77 ? 10  LEU A CA  1 
ATOM   56   C C   . LEU A 1 10  ? -7.995  -3.266  -6.986  1.00 21.97 ? 10  LEU A C   1 
ATOM   57   O O   . LEU A 1 10  ? -7.011  -2.752  -6.454  1.00 23.79 ? 10  LEU A O   1 
ATOM   58   C CB  . LEU A 1 10  ? -8.807  -5.526  -6.228  1.00 28.98 ? 10  LEU A CB  1 
ATOM   59   C CG  . LEU A 1 10  ? -7.529  -6.007  -5.563  1.00 31.83 ? 10  LEU A CG  1 
ATOM   60   C CD1 . LEU A 1 10  ? -7.575  -5.719  -4.070  1.00 26.88 ? 10  LEU A CD1 1 
ATOM   61   C CD2 . LEU A 1 10  ? -7.351  -7.501  -5.837  1.00 32.72 ? 10  LEU A CD2 1 
ATOM   62   N N   . GLN A 1 11  ? -8.229  -3.185  -8.292  1.00 21.81 ? 11  GLN A N   1 
ATOM   63   C CA  . GLN A 1 11  ? -7.285  -2.522  -9.190  1.00 30.58 ? 11  GLN A CA  1 
ATOM   64   C C   . GLN A 1 11  ? -7.196  -1.026  -8.907  1.00 30.05 ? 11  GLN A C   1 
ATOM   65   O O   . GLN A 1 11  ? -6.113  -0.443  -8.888  1.00 26.51 ? 11  GLN A O   1 
ATOM   66   C CB  . GLN A 1 11  ? -7.684  -2.756  -10.647 1.00 36.97 ? 11  GLN A CB  1 
ATOM   67   C CG  . GLN A 1 11  ? -7.769  -4.234  -11.047 1.00 41.89 ? 11  GLN A CG  1 
ATOM   68   C CD  . GLN A 1 11  ? -9.151  -4.853  -10.805 1.00 43.95 ? 11  GLN A CD  1 
ATOM   69   O OE1 . GLN A 1 11  ? -9.838  -4.519  -9.840  1.00 32.58 ? 11  GLN A OE1 1 
ATOM   70   N NE2 . GLN A 1 11  ? -9.557  -5.766  -11.692 1.00 47.40 ? 11  GLN A NE2 1 
ATOM   71   N N   . GLN A 1 12  ? -8.346  -0.392  -8.695  1.00 24.07 ? 12  GLN A N   1 
ATOM   72   C CA  . GLN A 1 12  ? -8.360  1.030   -8.355  1.00 20.77 ? 12  GLN A CA  1 
ATOM   73   C C   . GLN A 1 12  ? -7.739  1.280   -6.981  1.00 25.17 ? 12  GLN A C   1 
ATOM   74   O O   . GLN A 1 12  ? -7.044  2.284   -6.769  1.00 24.85 ? 12  GLN A O   1 
ATOM   75   C CB  . GLN A 1 12  ? -9.793  1.551   -8.372  1.00 24.34 ? 12  GLN A CB  1 
ATOM   76   C CG  . GLN A 1 12  ? -9.912  3.023   -8.141  1.00 29.13 ? 12  GLN A CG  1 
ATOM   77   C CD  . GLN A 1 12  ? -11.335 3.470   -8.322  1.00 36.43 ? 12  GLN A CD  1 
ATOM   78   O OE1 . GLN A 1 12  ? -12.265 2.683   -8.113  1.00 24.42 ? 12  GLN A OE1 1 
ATOM   79   N NE2 . GLN A 1 12  ? -11.525 4.721   -8.735  1.00 38.39 ? 12  GLN A NE2 1 
ATOM   80   N N   . PHE A 1 13  ? -8.013  0.374   -6.041  1.00 21.02 ? 13  PHE A N   1 
ATOM   81   C CA  . PHE A 1 13  ? -7.482  0.509   -4.691  1.00 19.69 ? 13  PHE A CA  1 
ATOM   82   C C   . PHE A 1 13  ? -5.965  0.434   -4.700  1.00 23.30 ? 13  PHE A C   1 
ATOM   83   O O   . PHE A 1 13  ? -5.300  1.206   -4.017  1.00 24.07 ? 13  PHE A O   1 
ATOM   84   C CB  . PHE A 1 13  ? -8.044  -0.559  -3.770  1.00 24.24 ? 13  PHE A CB  1 
ATOM   85   C CG  . PHE A 1 13  ? -7.550  -0.448  -2.359  1.00 24.60 ? 13  PHE A CG  1 
ATOM   86   C CD1 . PHE A 1 13  ? -8.008  0.555   -1.528  1.00 25.53 ? 13  PHE A CD1 1 
ATOM   87   C CD2 . PHE A 1 13  ? -6.638  -1.356  -1.861  1.00 25.81 ? 13  PHE A CD2 1 
ATOM   88   C CE1 . PHE A 1 13  ? -7.559  0.648   -0.222  1.00 30.01 ? 13  PHE A CE1 1 
ATOM   89   C CE2 . PHE A 1 13  ? -6.185  -1.265  -0.556  1.00 24.85 ? 13  PHE A CE2 1 
ATOM   90   C CZ  . PHE A 1 13  ? -6.646  -0.267  0.259   1.00 24.64 ? 13  PHE A CZ  1 
ATOM   91   N N   . ASN A 1 14  ? -5.422  -0.506  -5.474  1.00 23.20 ? 14  ASN A N   1 
ATOM   92   C CA  . ASN A 1 14  ? -3.970  -0.621  -5.617  1.00 22.29 ? 14  ASN A CA  1 
ATOM   93   C C   . ASN A 1 14  ? -3.347  0.670   -6.156  1.00 22.68 ? 14  ASN A C   1 
ATOM   94   O O   . ASN A 1 14  ? -2.256  1.084   -5.724  1.00 21.73 ? 14  ASN A O   1 
ATOM   95   C CB  . ASN A 1 14  ? -3.626  -1.804  -6.535  1.00 21.74 ? 14  ASN A CB  1 
ATOM   96   C CG  . ASN A 1 14  ? -2.189  -2.246  -6.403  1.00 26.24 ? 14  ASN A CG  1 
ATOM   97   O OD1 . ASN A 1 14  ? -1.392  -2.151  -7.356  1.00 27.10 ? 14  ASN A OD1 1 
ATOM   98   N ND2 . ASN A 1 14  ? -1.839  -2.745  -5.221  1.00 21.30 ? 14  ASN A ND2 1 
ATOM   99   N N   . LYS A 1 15  ? -4.024  1.304   -7.111  1.00 24.49 ? 15  LYS A N   1 
ATOM   100  C CA  . LYS A 1 15  ? -3.507  2.549   -7.682  1.00 24.76 ? 15  LYS A CA  1 
ATOM   101  C C   . LYS A 1 15  ? -3.474  3.634   -6.624  1.00 23.14 ? 15  LYS A C   1 
ATOM   102  O O   . LYS A 1 15  ? -2.504  4.391   -6.504  1.00 25.18 ? 15  LYS A O   1 
ATOM   103  C CB  . LYS A 1 15  ? -4.355  3.024   -8.863  1.00 27.82 ? 15  LYS A CB  1 
ATOM   104  C CG  . LYS A 1 15  ? -4.351  2.109   -10.070 1.00 38.20 ? 15  LYS A CG  1 
ATOM   105  C CD  . LYS A 1 15  ? -5.027  2.784   -11.268 1.00 35.70 ? 15  LYS A CD  1 
ATOM   106  C CE  . LYS A 1 15  ? -4.010  3.574   -12.078 1.00 56.61 ? 15  LYS A CE  1 
ATOM   107  N NZ  . LYS A 1 15  ? -2.881  2.692   -12.524 1.00 49.04 ? 15  LYS A NZ  1 
ATOM   108  N N   . VAL A 1 16  ? -4.563  3.715   -5.869  1.00 20.55 ? 16  VAL A N   1 
ATOM   109  C CA  . VAL A 1 16  ? -4.689  4.688   -4.792  1.00 22.26 ? 16  VAL A CA  1 
ATOM   110  C C   . VAL A 1 16  ? -3.632  4.459   -3.724  1.00 23.62 ? 16  VAL A C   1 
ATOM   111  O O   . VAL A 1 16  ? -2.895  5.371   -3.340  1.00 24.34 ? 16  VAL A O   1 
ATOM   112  C CB  . VAL A 1 16  ? -6.079  4.610   -4.153  1.00 27.16 ? 16  VAL A CB  1 
ATOM   113  C CG1 . VAL A 1 16  ? -6.074  5.320   -2.807  1.00 30.91 ? 16  VAL A CG1 1 
ATOM   114  C CG2 . VAL A 1 16  ? -7.117  5.196   -5.105  1.00 28.67 ? 16  VAL A CG2 1 
ATOM   115  N N   . LEU A 1 17  ? -3.559  3.222   -3.258  1.00 21.37 ? 17  LEU A N   1 
ATOM   116  C CA  . LEU A 1 17  ? -2.579  2.826   -2.261  1.00 21.61 ? 17  LEU A CA  1 
ATOM   117  C C   . LEU A 1 17  ? -1.146  3.174   -2.679  1.00 19.76 ? 17  LEU A C   1 
ATOM   118  O O   . LEU A 1 17  ? -0.357  3.689   -1.882  1.00 19.91 ? 17  LEU A O   1 
ATOM   119  C CB  . LEU A 1 17  ? -2.702  1.329   -2.013  1.00 17.51 ? 17  LEU A CB  1 
ATOM   120  C CG  . LEU A 1 17  ? -1.759  0.701   -1.011  1.00 22.31 ? 17  LEU A CG  1 
ATOM   121  C CD1 . LEU A 1 17  ? -1.990  1.299   0.350   1.00 26.86 ? 17  LEU A CD1 1 
ATOM   122  C CD2 . LEU A 1 17  ? -1.995  -0.806  -1.003  1.00 25.28 ? 17  LEU A CD2 1 
ATOM   123  N N   . ALA A 1 18  ? -0.812  2.879   -3.926  1.00 23.72 ? 18  ALA A N   1 
ATOM   124  C CA  . ALA A 1 18  ? 0.546   3.107   -4.427  1.00 24.17 ? 18  ALA A CA  1 
ATOM   125  C C   . ALA A 1 18  ? 0.927   4.579   -4.355  1.00 23.95 ? 18  ALA A C   1 
ATOM   126  O O   . ALA A 1 18  ? 2.009   4.938   -3.881  1.00 24.70 ? 18  ALA A O   1 
ATOM   127  C CB  . ALA A 1 18  ? 0.671   2.598   -5.853  1.00 21.74 ? 18  ALA A CB  1 
ATOM   128  N N   . TYR A 1 19  ? 0.032   5.429   -4.840  1.00 21.33 ? 19  TYR A N   1 
ATOM   129  C CA  . TYR A 1 19  ? 0.258   6.867   -4.821  1.00 26.71 ? 19  TYR A CA  1 
ATOM   130  C C   . TYR A 1 19  ? 0.437   7.396   -3.411  1.00 25.28 ? 19  TYR A C   1 
ATOM   131  O O   . TYR A 1 19  ? 1.359   8.165   -3.144  1.00 26.89 ? 19  TYR A O   1 
ATOM   132  C CB  . TYR A 1 19  ? -0.887  7.616   -5.493  1.00 27.64 ? 19  TYR A CB  1 
ATOM   133  C CG  . TYR A 1 19  ? -0.497  9.054   -5.725  1.00 36.32 ? 19  TYR A CG  1 
ATOM   134  C CD1 . TYR A 1 19  ? 0.627   9.361   -6.481  1.00 34.66 ? 19  TYR A CD1 1 
ATOM   135  C CD2 . TYR A 1 19  ? -1.214  10.101  -5.158  1.00 40.00 ? 19  TYR A CD2 1 
ATOM   136  C CE1 . TYR A 1 19  ? 1.021   10.675  -6.691  1.00 44.55 ? 19  TYR A CE1 1 
ATOM   137  C CE2 . TYR A 1 19  ? -0.829  11.425  -5.366  1.00 43.58 ? 19  TYR A CE2 1 
ATOM   138  C CZ  . TYR A 1 19  ? 0.294   11.701  -6.130  1.00 39.78 ? 19  TYR A CZ  1 
ATOM   139  O OH  . TYR A 1 19  ? 0.697   13.000  -6.346  1.00 46.99 ? 19  TYR A OH  1 
ATOM   140  N N   . GLU A 1 20  ? -0.434  6.974   -2.499  1.00 20.67 ? 20  GLU A N   1 
ATOM   141  C CA  . GLU A 1 20  ? -0.362  7.439   -1.119  1.00 23.24 ? 20  GLU A CA  1 
ATOM   142  C C   . GLU A 1 20  ? 0.853   6.877   -0.390  1.00 24.80 ? 20  GLU A C   1 
ATOM   143  O O   . GLU A 1 20  ? 1.504   7.595   0.353   1.00 23.19 ? 20  GLU A O   1 
ATOM   144  C CB  . GLU A 1 20  ? -1.660  7.083   -0.362  1.00 21.76 ? 20  GLU A CB  1 
ATOM   145  C CG  . GLU A 1 20  ? -2.900  7.633   -1.047  1.00 20.03 ? 20  GLU A CG  1 
ATOM   146  C CD  . GLU A 1 20  ? -4.115  7.733   -0.133  1.00 34.98 ? 20  GLU A CD  1 
ATOM   147  O OE1 . GLU A 1 20  ? -3.998  7.426   1.071   1.00 38.28 ? 20  GLU A OE1 1 
ATOM   148  O OE2 . GLU A 1 20  ? -5.189  8.138   -0.620  1.00 33.55 ? 20  GLU A OE2 1 
ATOM   149  N N   . VAL A 1 21  ? 1.170   5.597   -0.593  1.00 21.76 ? 21  VAL A N   1 
ATOM   150  C CA  . VAL A 1 21  ? 2.376   5.052   0.021   1.00 18.37 ? 21  VAL A CA  1 
ATOM   151  C C   . VAL A 1 21  ? 3.629   5.755   -0.505  1.00 23.90 ? 21  VAL A C   1 
ATOM   152  O O   . VAL A 1 21  ? 4.600   5.952   0.230   1.00 23.25 ? 21  VAL A O   1 
ATOM   153  C CB  . VAL A 1 21  ? 2.498   3.559   -0.213  1.00 19.82 ? 21  VAL A CB  1 
ATOM   154  C CG1 . VAL A 1 21  ? 3.894   3.081   0.180   1.00 22.66 ? 21  VAL A CG1 1 
ATOM   155  C CG2 . VAL A 1 21  ? 1.431   2.839   0.599   1.00 20.35 ? 21  VAL A CG2 1 
ATOM   156  N N   . ARG A 1 22  ? 3.596   6.141   -1.772  1.00 20.89 ? 22  ARG A N   1 
ATOM   157  C CA  . ARG A 1 22  ? 4.713   6.873   -2.358  1.00 26.29 ? 22  ARG A CA  1 
ATOM   158  C C   . ARG A 1 22  ? 4.944   8.171   -1.572  1.00 28.89 ? 22  ARG A C   1 
ATOM   159  O O   . ARG A 1 22  ? 6.078   8.553   -1.284  1.00 27.23 ? 22  ARG A O   1 
ATOM   160  C CB  . ARG A 1 22  ? 4.435   7.162   -3.833  1.00 27.34 ? 22  ARG A CB  1 
ATOM   161  C CG  . ARG A 1 22  ? 5.631   7.689   -4.582  1.00 36.17 ? 22  ARG A CG  1 
ATOM   162  C CD  . ARG A 1 22  ? 5.289   7.968   -6.025  1.00 38.28 ? 22  ARG A CD  1 
ATOM   163  N NE  . ARG A 1 22  ? 6.253   8.899   -6.602  1.00 38.82 ? 22  ARG A NE  1 
ATOM   164  C CZ  . ARG A 1 22  ? 6.020   9.635   -7.683  1.00 44.46 ? 22  ARG A CZ  1 
ATOM   165  N NH1 . ARG A 1 22  ? 4.857   9.541   -8.313  1.00 34.40 ? 22  ARG A NH1 1 
ATOM   166  N NH2 . ARG A 1 22  ? 6.954   10.466  -8.132  1.00 46.21 ? 22  ARG A NH2 1 
ATOM   167  N N   . MET A 1 23  ? 3.853   8.828   -1.192  1.00 24.35 ? 23  MET A N   1 
ATOM   168  C CA  . MET A 1 23  ? 3.932   10.044  -0.391  1.00 22.41 ? 23  MET A CA  1 
ATOM   169  C C   . MET A 1 23  ? 4.351   9.754   1.048   1.00 27.42 ? 23  MET A C   1 
ATOM   170  O O   . MET A 1 23  ? 5.082   10.538  1.646   1.00 25.50 ? 23  MET A O   1 
ATOM   171  C CB  . MET A 1 23  ? 2.587   10.785  -0.411  1.00 35.21 ? 23  MET A CB  1 
ATOM   172  C CG  . MET A 1 23  ? 2.389   11.738  -1.590  1.00 31.09 ? 23  MET A CG  1 
ATOM   173  S SD  . MET A 1 23  ? 0.715   12.453  -1.612  1.00 35.98 ? 23  MET A SD  1 
ATOM   174  C CE  . MET A 1 23  ? -0.230  11.033  -2.145  1.00 44.93 ? 23  MET A CE  1 
ATOM   175  N N   . LEU A 1 24  ? 3.897   8.629   1.608   1.00 26.65 ? 24  LEU A N   1 
ATOM   176  C CA  . LEU A 1 24  ? 4.344   8.220   2.933   1.00 21.86 ? 24  LEU A CA  1 
ATOM   177  C C   . LEU A 1 24  ? 5.842   8.155   2.981   1.00 26.22 ? 24  LEU A C   1 
ATOM   178  O O   . LEU A 1 24  ? 6.469   8.445   4.002   1.00 28.35 ? 24  LEU A O   1 
ATOM   179  C CB  . LEU A 1 24  ? 3.802   6.850   3.304   1.00 26.31 ? 24  LEU A CB  1 
ATOM   180  C CG  . LEU A 1 24  ? 2.477   6.825   4.019   1.00 27.65 ? 24  LEU A CG  1 
ATOM   181  C CD1 . LEU A 1 24  ? 2.206   5.379   4.366   1.00 22.51 ? 24  LEU A CD1 1 
ATOM   182  C CD2 . LEU A 1 24  ? 2.572   7.727   5.261   1.00 28.22 ? 24  LEU A CD2 1 
ATOM   183  N N   . MET A 1 25  ? 6.404   7.751   1.849   1.00 23.13 ? 25  MET A N   1 
ATOM   184  C CA  . MET A 1 25  ? 7.799   7.354   1.776   1.00 25.04 ? 25  MET A CA  1 
ATOM   185  C C   . MET A 1 25  ? 8.783   8.500   1.722   1.00 24.46 ? 25  MET A C   1 
ATOM   186  O O   . MET A 1 25  ? 9.982   8.283   1.876   1.00 26.66 ? 25  MET A O   1 
ATOM   187  C CB  . MET A 1 25  ? 8.007   6.461   0.554   1.00 22.12 ? 25  MET A CB  1 
ATOM   188  C CG  . MET A 1 25  ? 7.607   5.031   0.801   1.00 27.76 ? 25  MET A CG  1 
ATOM   189  S SD  . MET A 1 25  ? 7.944   3.971   -0.622  1.00 41.37 ? 25  MET A SD  1 
ATOM   190  C CE  . MET A 1 25  ? 7.782   5.147   -1.943  1.00 27.14 ? 25  MET A CE  1 
ATOM   191  N N   . THR A 1 26  ? 8.307   9.721   1.502   1.00 21.97 ? 26  THR A N   1 
ATOM   192  C CA  . THR A 1 26  ? 9.253   10.802  1.265   1.00 20.52 ? 26  THR A CA  1 
ATOM   193  C C   . THR A 1 26  ? 8.705   12.167  1.677   1.00 24.80 ? 26  THR A C   1 
ATOM   194  O O   . THR A 1 26  ? 7.501   12.347  1.822   1.00 20.54 ? 26  THR A O   1 
ATOM   195  C CB  . THR A 1 26  ? 9.650   10.830  -0.235  1.00 23.77 ? 26  THR A CB  1 
ATOM   196  O OG1 . THR A 1 26  ? 10.708  11.776  -0.454  1.00 24.15 ? 26  THR A OG1 1 
ATOM   197  C CG2 . THR A 1 26  ? 8.443   11.202  -1.096  1.00 23.36 ? 26  THR A CG2 1 
ATOM   198  N N   . ASP A 1 27  ? 9.601   13.129  1.858   1.00 20.79 ? 27  ASP A N   1 
ATOM   199  C CA  . ASP A 1 27  ? 9.184   14.497  2.125   1.00 23.56 ? 27  ASP A CA  1 
ATOM   200  C C   . ASP A 1 27  ? 9.155   15.318  0.828   1.00 25.38 ? 27  ASP A C   1 
ATOM   201  O O   . ASP A 1 27  ? 8.688   16.466  0.819   1.00 21.33 ? 27  ASP A O   1 
ATOM   202  C CB  . ASP A 1 27  ? 10.100  15.151  3.169   1.00 27.94 ? 27  ASP A CB  1 
ATOM   203  C CG  . ASP A 1 27  ? 11.559  15.194  2.732   1.00 29.31 ? 27  ASP A CG  1 
ATOM   204  O OD1 . ASP A 1 27  ? 11.910  14.499  1.762   1.00 28.92 ? 27  ASP A OD1 1 
ATOM   205  O OD2 . ASP A 1 27  ? 12.354  15.917  3.370   1.00 36.04 ? 27  ASP A OD2 1 
ATOM   206  N N   . LYS A 1 28  ? 9.612   14.699  -0.260  1.00 23.32 ? 28  LYS A N   1 
ATOM   207  C CA  . LYS A 1 28  ? 9.666   15.333  -1.583  1.00 24.57 ? 28  LYS A CA  1 
ATOM   208  C C   . LYS A 1 28  ? 9.409   14.326  -2.699  1.00 26.41 ? 28  LYS A C   1 
ATOM   209  O O   . LYS A 1 28  ? 10.153  13.350  -2.846  1.00 29.25 ? 28  LYS A O   1 
ATOM   210  C CB  . LYS A 1 28  ? 11.034  16.000  -1.811  1.00 29.70 ? 28  LYS A CB  1 
ATOM   211  C CG  . LYS A 1 28  ? 11.387  17.095  -0.821  1.00 36.76 ? 28  LYS A CG  1 
ATOM   212  C CD  . LYS A 1 28  ? 11.504  18.465  -1.508  1.00 44.38 ? 28  LYS A CD  1 
ATOM   213  C CE  . LYS A 1 28  ? 12.270  19.476  -0.647  1.00 44.49 ? 28  LYS A CE  1 
ATOM   214  N NZ  . LYS A 1 28  ? 11.634  19.719  0.690   1.00 41.05 ? 28  LYS A NZ  1 
ATOM   215  N N   . LEU A 1 29  ? 8.351   14.539  -3.476  1.00 25.08 ? 29  LEU A N   1 
ATOM   216  C CA  . LEU A 1 29  ? 8.147   13.738  -4.682  1.00 30.70 ? 29  LEU A CA  1 
ATOM   217  C C   . LEU A 1 29  ? 9.095   14.238  -5.759  1.00 39.60 ? 29  LEU A C   1 
ATOM   218  O O   . LEU A 1 29  ? 9.100   15.429  -6.076  1.00 32.94 ? 29  LEU A O   1 
ATOM   219  C CB  . LEU A 1 29  ? 6.708   13.814  -5.180  1.00 28.64 ? 29  LEU A CB  1 
ATOM   220  C CG  . LEU A 1 29  ? 5.587   13.072  -4.455  1.00 35.85 ? 29  LEU A CG  1 
ATOM   221  C CD1 . LEU A 1 29  ? 4.258   13.342  -5.167  1.00 36.25 ? 29  LEU A CD1 1 
ATOM   222  C CD2 . LEU A 1 29  ? 5.869   11.575  -4.387  1.00 29.57 ? 29  LEU A CD2 1 
ATOM   223  N N   . GLN A 1 30  ? 9.894   13.333  -6.320  1.00 30.78 ? 30  GLN A N   1 
ATOM   224  C CA  . GLN A 1 30  ? 10.890  13.700  -7.320  1.00 40.50 ? 30  GLN A CA  1 
ATOM   225  C C   . GLN A 1 30  ? 10.303  13.502  -8.702  1.00 48.90 ? 30  GLN A C   1 
ATOM   226  O O   . GLN A 1 30  ? 9.925   12.392  -9.063  1.00 44.89 ? 30  GLN A O   1 
ATOM   227  C CB  . GLN A 1 30  ? 12.167  12.867  -7.158  1.00 44.16 ? 30  GLN A CB  1 
ATOM   228  C CG  . GLN A 1 30  ? 13.346  13.639  -6.587  1.00 52.63 ? 30  GLN A CG  1 
ATOM   229  C CD  . GLN A 1 30  ? 13.950  14.588  -7.603  1.00 58.02 ? 30  GLN A CD  1 
ATOM   230  O OE1 . GLN A 1 30  ? 13.421  14.746  -8.704  1.00 61.02 ? 30  GLN A OE1 1 
ATOM   231  N NE2 . GLN A 1 30  ? 15.062  15.222  -7.242  1.00 60.11 ? 30  GLN A NE2 1 
ATOM   232  N N   . LEU A 1 31  ? 10.211  14.581  -9.471  1.00 48.05 ? 31  LEU A N   1 
ATOM   233  C CA  . LEU A 1 31  ? 9.625   14.480  -10.798 1.00 48.69 ? 31  LEU A CA  1 
ATOM   234  C C   . LEU A 1 31  ? 10.679  14.160  -11.851 1.00 54.39 ? 31  LEU A C   1 
ATOM   235  O O   . LEU A 1 31  ? 11.881  14.389  -11.658 1.00 46.88 ? 31  LEU A O   1 
ATOM   236  C CB  . LEU A 1 31  ? 8.877   15.764  -11.169 1.00 47.67 ? 31  LEU A CB  1 
ATOM   237  C CG  . LEU A 1 31  ? 7.557   15.978  -10.421 1.00 44.24 ? 31  LEU A CG  1 
ATOM   238  C CD1 . LEU A 1 31  ? 6.819   17.189  -10.971 1.00 47.81 ? 31  LEU A CD1 1 
ATOM   239  C CD2 . LEU A 1 31  ? 6.682   14.744  -10.505 1.00 42.60 ? 31  LEU A CD2 1 
ATOM   240  N N   . GLU A 1 32  ? 10.198  13.604  -12.957 1.00 56.98 ? 32  GLU A N   1 
ATOM   241  C CA  . GLU A 1 32  ? 11.019  13.264  -14.106 1.00 60.15 ? 32  GLU A CA  1 
ATOM   242  C C   . GLU A 1 32  ? 11.958  14.406  -14.475 1.00 60.38 ? 32  GLU A C   1 
ATOM   243  O O   . GLU A 1 32  ? 13.133  14.183  -14.772 1.00 66.44 ? 32  GLU A O   1 
ATOM   244  C CB  . GLU A 1 32  ? 10.119  12.904  -15.294 1.00 65.61 ? 32  GLU A CB  1 
ATOM   245  C CG  . GLU A 1 32  ? 8.808   13.712  -15.371 1.00 65.07 ? 32  GLU A CG  1 
ATOM   246  C CD  . GLU A 1 32  ? 7.735   13.223  -14.392 1.00 69.86 ? 32  GLU A CD  1 
ATOM   247  O OE1 . GLU A 1 32  ? 7.972   12.207  -13.700 1.00 70.63 ? 32  GLU A OE1 1 
ATOM   248  O OE2 . GLU A 1 32  ? 6.655   13.856  -14.315 1.00 57.35 ? 32  GLU A OE2 1 
ATOM   249  N N   . ASP A 1 33  ? 11.435  15.629  -14.413 1.00 50.73 ? 33  ASP A N   1 
ATOM   250  C CA  . ASP A 1 33  ? 12.156  16.818  -14.863 1.00 55.69 ? 33  ASP A CA  1 
ATOM   251  C C   . ASP A 1 33  ? 13.079  17.416  -13.801 1.00 55.38 ? 33  ASP A C   1 
ATOM   252  O O   . ASP A 1 33  ? 13.607  18.510  -13.988 1.00 63.02 ? 33  ASP A O   1 
ATOM   253  C CB  . ASP A 1 33  ? 11.156  17.890  -15.318 1.00 58.31 ? 33  ASP A CB  1 
ATOM   254  C CG  . ASP A 1 33  ? 10.362  18.478  -14.162 1.00 52.76 ? 33  ASP A CG  1 
ATOM   255  O OD1 . ASP A 1 33  ? 9.420   17.810  -13.684 1.00 50.42 ? 33  ASP A OD1 1 
ATOM   256  O OD2 . ASP A 1 33  ? 10.676  19.612  -13.734 1.00 53.00 ? 33  ASP A OD2 1 
ATOM   257  N N   . GLY A 1 34  ? 13.268  16.714  -12.689 1.00 57.18 ? 34  GLY A N   1 
ATOM   258  C CA  . GLY A 1 34  ? 14.104  17.225  -11.616 1.00 54.44 ? 34  GLY A CA  1 
ATOM   259  C C   . GLY A 1 34  ? 13.363  18.130  -10.644 1.00 59.19 ? 34  GLY A C   1 
ATOM   260  O O   . GLY A 1 34  ? 13.952  18.659  -9.698  1.00 62.26 ? 34  GLY A O   1 
ATOM   261  N N   . THR A 1 35  ? 12.068  18.318  -10.875 1.00 53.18 ? 35  THR A N   1 
ATOM   262  C CA  . THR A 1 35  ? 11.235  19.063  -9.940  1.00 48.73 ? 35  THR A CA  1 
ATOM   263  C C   . THR A 1 35  ? 10.983  18.255  -8.676  1.00 42.41 ? 35  THR A C   1 
ATOM   264  O O   . THR A 1 35  ? 10.711  17.057  -8.749  1.00 38.84 ? 35  THR A O   1 
ATOM   265  C CB  . THR A 1 35  ? 9.870   19.426  -10.550 1.00 39.45 ? 35  THR A CB  1 
ATOM   266  O OG1 . THR A 1 35  ? 10.062  20.238  -11.712 1.00 47.22 ? 35  THR A OG1 1 
ATOM   267  C CG2 . THR A 1 35  ? 9.019   20.174  -9.528  1.00 41.30 ? 35  THR A CG2 1 
ATOM   268  N N   . GLN A 1 36  ? 11.048  18.914  -7.522  1.00 44.46 ? 36  GLN A N   1 
ATOM   269  C CA  . GLN A 1 36  ? 10.694  18.268  -6.256  1.00 41.45 ? 36  GLN A CA  1 
ATOM   270  C C   . GLN A 1 36  ? 9.478   18.917  -5.592  1.00 32.37 ? 36  GLN A C   1 
ATOM   271  O O   . GLN A 1 36  ? 9.531   20.072  -5.162  1.00 30.90 ? 36  GLN A O   1 
ATOM   272  C CB  . GLN A 1 36  ? 11.888  18.284  -5.299  1.00 44.26 ? 36  GLN A CB  1 
ATOM   273  C CG  . GLN A 1 36  ? 12.987  17.304  -5.692  1.00 54.10 ? 36  GLN A CG  1 
ATOM   274  C CD  . GLN A 1 36  ? 14.289  17.567  -4.972  1.00 54.54 ? 36  GLN A CD  1 
ATOM   275  O OE1 . GLN A 1 36  ? 14.696  16.797  -4.105  1.00 51.34 ? 36  GLN A OE1 1 
ATOM   276  N NE2 . GLN A 1 36  ? 14.956  18.660  -5.332  1.00 62.76 ? 36  GLN A NE2 1 
ATOM   277  N N   . LEU A 1 37  ? 8.383   18.162  -5.513  1.00 25.74 ? 37  LEU A N   1 
ATOM   278  C CA  . LEU A 1 37  ? 7.166   18.633  -4.870  1.00 26.14 ? 37  LEU A CA  1 
ATOM   279  C C   . LEU A 1 37  ? 7.208   18.280  -3.390  1.00 30.64 ? 37  LEU A C   1 
ATOM   280  O O   . LEU A 1 37  ? 7.305   17.104  -3.035  1.00 26.39 ? 37  LEU A O   1 
ATOM   281  C CB  . LEU A 1 37  ? 5.926   18.008  -5.531  1.00 22.18 ? 37  LEU A CB  1 
ATOM   282  C CG  . LEU A 1 37  ? 5.867   18.053  -7.060  1.00 24.65 ? 37  LEU A CG  1 
ATOM   283  C CD1 . LEU A 1 37  ? 4.691   17.247  -7.591  1.00 27.83 ? 37  LEU A CD1 1 
ATOM   284  C CD2 . LEU A 1 37  ? 5.773   19.483  -7.541  1.00 25.68 ? 37  LEU A CD2 1 
ATOM   285  N N   . VAL A 1 38  ? 7.123   19.283  -2.527  1.00 24.52 ? 38  VAL A N   1 
ATOM   286  C CA  . VAL A 1 38  ? 7.180   19.026  -1.100  1.00 25.21 ? 38  VAL A CA  1 
ATOM   287  C C   . VAL A 1 38  ? 5.915   18.287  -0.631  1.00 26.31 ? 38  VAL A C   1 
ATOM   288  O O   . VAL A 1 38  ? 4.811   18.533  -1.119  1.00 25.61 ? 38  VAL A O   1 
ATOM   289  C CB  . VAL A 1 38  ? 7.359   20.330  -0.303  1.00 27.02 ? 38  VAL A CB  1 
ATOM   290  C CG1 . VAL A 1 38  ? 8.501   21.154  -0.904  1.00 22.32 ? 38  VAL A CG1 1 
ATOM   291  C CG2 . VAL A 1 38  ? 6.073   21.137  -0.286  1.00 24.15 ? 38  VAL A CG2 1 
ATOM   292  N N   . VAL A 1 39  ? 6.104   17.364  0.303   1.00 24.35 ? 39  VAL A N   1 
ATOM   293  C CA  . VAL A 1 39  ? 5.015   16.611  0.910   1.00 19.50 ? 39  VAL A CA  1 
ATOM   294  C C   . VAL A 1 39  ? 4.929   17.046  2.366   1.00 26.50 ? 39  VAL A C   1 
ATOM   295  O O   . VAL A 1 39  ? 5.800   16.715  3.163   1.00 27.02 ? 39  VAL A O   1 
ATOM   296  C CB  . VAL A 1 39  ? 5.258   15.082  0.821   1.00 22.56 ? 39  VAL A CB  1 
ATOM   297  C CG1 . VAL A 1 39  ? 4.136   14.307  1.510   1.00 22.06 ? 39  VAL A CG1 1 
ATOM   298  C CG2 . VAL A 1 39  ? 5.413   14.635  -0.636  1.00 22.53 ? 39  VAL A CG2 1 
ATOM   299  N N   . PRO A 1 40  ? 3.892   17.811  2.717   1.00 24.35 ? 40  PRO A N   1 
ATOM   300  C CA  . PRO A 1 40  ? 3.797   18.250  4.117   1.00 24.60 ? 40  PRO A CA  1 
ATOM   301  C C   . PRO A 1 40  ? 3.703   17.057  5.075   1.00 26.68 ? 40  PRO A C   1 
ATOM   302  O O   . PRO A 1 40  ? 2.995   16.091  4.778   1.00 25.50 ? 40  PRO A O   1 
ATOM   303  C CB  . PRO A 1 40  ? 2.509   19.081  4.142   1.00 29.86 ? 40  PRO A CB  1 
ATOM   304  C CG  . PRO A 1 40  ? 2.337   19.569  2.697   1.00 28.32 ? 40  PRO A CG  1 
ATOM   305  C CD  . PRO A 1 40  ? 2.847   18.403  1.860   1.00 28.81 ? 40  PRO A CD  1 
ATOM   306  N N   . PRO A 1 41  ? 4.426   17.108  6.204   1.00 25.68 ? 41  PRO A N   1 
ATOM   307  C CA  . PRO A 1 41  ? 4.355   16.015  7.190   1.00 31.08 ? 41  PRO A CA  1 
ATOM   308  C C   . PRO A 1 41  ? 2.917   15.688  7.585   1.00 29.87 ? 41  PRO A C   1 
ATOM   309  O O   . PRO A 1 41  ? 2.550   14.521  7.699   1.00 28.29 ? 41  PRO A O   1 
ATOM   310  C CB  . PRO A 1 41  ? 5.128   16.565  8.392   1.00 30.68 ? 41  PRO A CB  1 
ATOM   311  C CG  . PRO A 1 41  ? 6.038   17.600  7.814   1.00 34.90 ? 41  PRO A CG  1 
ATOM   312  C CD  . PRO A 1 41  ? 5.332   18.189  6.627   1.00 31.45 ? 41  PRO A CD  1 
ATOM   313  N N   . ALA A 1 42  ? 2.103   16.722  7.784   1.00 27.92 ? 42  ALA A N   1 
ATOM   314  C CA  . ALA A 1 42  ? 0.705   16.516  8.169   1.00 25.69 ? 42  ALA A CA  1 
ATOM   315  C C   . ALA A 1 42  ? -0.025  15.572  7.215   1.00 25.16 ? 42  ALA A C   1 
ATOM   316  O O   . ALA A 1 42  ? -0.847  14.765  7.647   1.00 27.34 ? 42  ALA A O   1 
ATOM   317  C CB  . ALA A 1 42  ? -0.022  17.854  8.244   1.00 33.41 ? 42  ALA A CB  1 
ATOM   318  N N   . PHE A 1 43  ? 0.260   15.680  5.921   1.00 26.06 ? 43  PHE A N   1 
ATOM   319  C CA  . PHE A 1 43  ? -0.378  14.822  4.919   1.00 23.97 ? 43  PHE A CA  1 
ATOM   320  C C   . PHE A 1 43  ? 0.018   13.376  5.136   1.00 24.26 ? 43  PHE A C   1 
ATOM   321  O O   . PHE A 1 43  ? -0.783  12.447  4.967   1.00 23.41 ? 43  PHE A O   1 
ATOM   322  C CB  . PHE A 1 43  ? 0.025   15.236  3.498   1.00 28.66 ? 43  PHE A CB  1 
ATOM   323  C CG  . PHE A 1 43  ? -0.599  16.518  3.039   1.00 28.64 ? 43  PHE A CG  1 
ATOM   324  C CD1 . PHE A 1 43  ? -1.491  17.202  3.851   1.00 31.96 ? 43  PHE A CD1 1 
ATOM   325  C CD2 . PHE A 1 43  ? -0.304  17.035  1.790   1.00 35.94 ? 43  PHE A CD2 1 
ATOM   326  C CE1 . PHE A 1 43  ? -2.075  18.382  3.424   1.00 37.96 ? 43  PHE A CE1 1 
ATOM   327  C CE2 . PHE A 1 43  ? -0.879  18.223  1.361   1.00 30.78 ? 43  PHE A CE2 1 
ATOM   328  C CZ  . PHE A 1 43  ? -1.764  18.891  2.176   1.00 32.23 ? 43  PHE A CZ  1 
ATOM   329  N N   . ARG A 1 44  ? 1.283   13.197  5.476   1.00 23.12 ? 44  ARG A N   1 
ATOM   330  C CA  . ARG A 1 44  ? 1.843   11.861  5.636   1.00 26.56 ? 44  ARG A CA  1 
ATOM   331  C C   . ARG A 1 44  ? 1.238   11.160  6.846   1.00 24.42 ? 44  ARG A C   1 
ATOM   332  O O   . ARG A 1 44  ? 0.877   9.987   6.772   1.00 25.07 ? 44  ARG A O   1 
ATOM   333  C CB  . ARG A 1 44  ? 3.361   11.950  5.749   1.00 24.40 ? 44  ARG A CB  1 
ATOM   334  C CG  . ARG A 1 44  ? 4.022   12.314  4.418   1.00 25.99 ? 44  ARG A CG  1 
ATOM   335  C CD  . ARG A 1 44  ? 5.338   11.532  4.295   1.00 39.10 ? 44  ARG A CD  1 
ATOM   336  N NE  . ARG A 1 44  ? 6.425   12.362  4.732   1.00 33.41 ? 44  ARG A NE  1 
ATOM   337  C CZ  . ARG A 1 44  ? 7.675   11.972  4.968   1.00 38.30 ? 44  ARG A CZ  1 
ATOM   338  N NH1 . ARG A 1 44  ? 8.073   10.702  4.841   1.00 27.97 ? 44  ARG A NH1 1 
ATOM   339  N NH2 . ARG A 1 44  ? 8.532   12.893  5.355   1.00 26.52 ? 44  ARG A NH2 1 
ATOM   340  N N   . ARG A 1 45  ? 1.124   11.896  7.949   1.00 26.43 ? 45  ARG A N   1 
ATOM   341  C CA  . ARG A 1 45  ? 0.420   11.418  9.131   1.00 30.36 ? 45  ARG A CA  1 
ATOM   342  C C   . ARG A 1 45  ? -1.022  11.043  8.818   1.00 27.23 ? 45  ARG A C   1 
ATOM   343  O O   . ARG A 1 45  ? -1.513  10.015  9.276   1.00 27.51 ? 45  ARG A O   1 
ATOM   344  C CB  . ARG A 1 45  ? 0.453   12.474  10.238  1.00 30.77 ? 45  ARG A CB  1 
ATOM   345  C CG  . ARG A 1 45  ? 1.753   12.511  11.010  1.00 33.78 ? 45  ARG A CG  1 
ATOM   346  C CD  . ARG A 1 45  ? 1.655   13.404  12.235  1.00 37.33 ? 45  ARG A CD  1 
ATOM   347  N NE  . ARG A 1 45  ? 1.455   14.805  11.874  1.00 37.33 ? 45  ARG A NE  1 
ATOM   348  C CZ  . ARG A 1 45  ? 2.438   15.690  11.710  1.00 44.58 ? 45  ARG A CZ  1 
ATOM   349  N NH1 . ARG A 1 45  ? 3.704   15.322  11.867  1.00 46.90 ? 45  ARG A NH1 1 
ATOM   350  N NH2 . ARG A 1 45  ? 2.157   16.948  11.386  1.00 41.34 ? 45  ARG A NH2 1 
ATOM   351  N N   . GLU A 1 46  ? -1.707  11.862  8.025   1.00 27.43 ? 46  GLU A N   1 
ATOM   352  C CA  . GLU A 1 46  ? -3.118  11.597  7.739   1.00 29.64 ? 46  GLU A CA  1 
ATOM   353  C C   . GLU A 1 46  ? -3.301  10.429  6.759   1.00 27.82 ? 46  GLU A C   1 
ATOM   354  O O   . GLU A 1 46  ? -4.234  9.638   6.894   1.00 27.51 ? 46  GLU A O   1 
ATOM   355  C CB  . GLU A 1 46  ? -3.797  12.855  7.199   1.00 31.54 ? 46  GLU A CB  1 
ATOM   356  C CG  . GLU A 1 46  ? -5.306  12.858  7.391   1.00 43.22 ? 46  GLU A CG  1 
ATOM   357  C CD  . GLU A 1 46  ? -5.715  12.610  8.836   1.00 48.42 ? 46  GLU A CD  1 
ATOM   358  O OE1 . GLU A 1 46  ? -6.125  11.470  9.164   1.00 54.90 ? 46  GLU A OE1 1 
ATOM   359  O OE2 . GLU A 1 46  ? -5.627  13.555  9.647   1.00 54.89 ? 46  GLU A OE2 1 
ATOM   360  N N   . ILE A 1 47  ? -2.420  10.319  5.771   1.00 19.52 ? 47  ILE A N   1 
ATOM   361  C CA  . ILE A 1 47  ? -2.441  9.164   4.858   1.00 20.82 ? 47  ILE A CA  1 
ATOM   362  C C   . ILE A 1 47  ? -2.298  7.849   5.619   1.00 19.87 ? 47  ILE A C   1 
ATOM   363  O O   . ILE A 1 47  ? -3.047  6.892   5.386   1.00 24.02 ? 47  ILE A O   1 
ATOM   364  C CB  . ILE A 1 47  ? -1.304  9.220   3.814   1.00 22.46 ? 47  ILE A CB  1 
ATOM   365  C CG1 . ILE A 1 47  ? -1.614  10.262  2.739   1.00 26.10 ? 47  ILE A CG1 1 
ATOM   366  C CG2 . ILE A 1 47  ? -1.125  7.835   3.170   1.00 19.31 ? 47  ILE A CG2 1 
ATOM   367  C CD1 . ILE A 1 47  ? -0.403  10.639  1.842   1.00 26.34 ? 47  ILE A CD1 1 
ATOM   368  N N   . TYR A 1 48  ? -1.313  7.808   6.512   1.00 19.51 ? 48  TYR A N   1 
ATOM   369  C CA  . TYR A 1 48  ? -1.075  6.626   7.333   1.00 23.11 ? 48  TYR A CA  1 
ATOM   370  C C   . TYR A 1 48  ? -2.345  6.254   8.101   1.00 24.59 ? 48  TYR A C   1 
ATOM   371  O O   . TYR A 1 48  ? -2.785  5.120   8.066   1.00 21.20 ? 48  TYR A O   1 
ATOM   372  C CB  . TYR A 1 48  ? 0.083   6.852   8.305   1.00 21.14 ? 48  TYR A CB  1 
ATOM   373  C CG  . TYR A 1 48  ? 0.571   5.561   8.955   1.00 24.93 ? 48  TYR A CG  1 
ATOM   374  C CD1 . TYR A 1 48  ? 1.554   4.788   8.348   1.00 21.14 ? 48  TYR A CD1 1 
ATOM   375  C CD2 . TYR A 1 48  ? 0.030   5.107   10.156  1.00 27.40 ? 48  TYR A CD2 1 
ATOM   376  C CE1 . TYR A 1 48  ? 1.989   3.600   8.918   1.00 25.05 ? 48  TYR A CE1 1 
ATOM   377  C CE2 . TYR A 1 48  ? 0.470   3.920   10.744  1.00 25.78 ? 48  TYR A CE2 1 
ATOM   378  C CZ  . TYR A 1 48  ? 1.448   3.173   10.115  1.00 25.55 ? 48  TYR A CZ  1 
ATOM   379  O OH  . TYR A 1 48  ? 1.898   1.998   10.676  1.00 22.86 ? 48  TYR A OH  1 
ATOM   380  N N   . ARG A 1 49  ? -2.949  7.219   8.778   1.00 24.99 ? 49  ARG A N   1 
ATOM   381  C CA  . ARG A 1 49  ? -4.163  6.918   9.531   1.00 24.70 ? 49  ARG A CA  1 
ATOM   382  C C   . ARG A 1 49  ? -5.339  6.537   8.648   1.00 26.12 ? 49  ARG A C   1 
ATOM   383  O O   . ARG A 1 49  ? -6.004  5.530   8.892   1.00 30.68 ? 49  ARG A O   1 
ATOM   384  C CB  . ARG A 1 49  ? -4.536  8.104   10.413  1.00 32.53 ? 49  ARG A CB  1 
ATOM   385  C CG  . ARG A 1 49  ? -3.579  8.320   11.551  1.00 36.90 ? 49  ARG A CG  1 
ATOM   386  C CD  . ARG A 1 49  ? -4.114  9.341   12.541  1.00 45.47 ? 49  ARG A CD  1 
ATOM   387  N NE  . ARG A 1 49  ? -3.028  10.078  13.176  1.00 52.28 ? 49  ARG A NE  1 
ATOM   388  C CZ  . ARG A 1 49  ? -2.730  11.345  12.907  1.00 52.41 ? 49  ARG A CZ  1 
ATOM   389  N NH1 . ARG A 1 49  ? -3.452  12.030  12.022  1.00 47.57 ? 49  ARG A NH1 1 
ATOM   390  N NH2 . ARG A 1 49  ? -1.716  11.931  13.531  1.00 53.12 ? 49  ARG A NH2 1 
ATOM   391  N N   . GLU A 1 50  ? -5.603  7.334   7.621   1.00 22.85 ? 50  GLU A N   1 
ATOM   392  C CA  . GLU A 1 50  ? -6.746  7.092   6.747   1.00 29.30 ? 50  GLU A CA  1 
ATOM   393  C C   . GLU A 1 50  ? -6.636  5.745   6.018   1.00 34.02 ? 50  GLU A C   1 
ATOM   394  O O   . GLU A 1 50  ? -7.643  5.088   5.766   1.00 27.06 ? 50  GLU A O   1 
ATOM   395  C CB  . GLU A 1 50  ? -6.889  8.233   5.735   1.00 33.07 ? 50  GLU A CB  1 
ATOM   396  C CG  . GLU A 1 50  ? -8.133  8.148   4.865   1.00 48.16 ? 50  GLU A CG  1 
ATOM   397  C CD  . GLU A 1 50  ? -9.428  8.227   5.667   1.00 53.37 ? 50  GLU A CD  1 
ATOM   398  O OE1 . GLU A 1 50  ? -9.443  8.898   6.723   1.00 51.93 ? 50  GLU A OE1 1 
ATOM   399  O OE2 . GLU A 1 50  ? -10.430 7.609   5.240   1.00 49.82 ? 50  GLU A OE2 1 
ATOM   400  N N   . LEU A 1 51  ? -5.420  5.320   5.685   1.00 24.94 ? 51  LEU A N   1 
ATOM   401  C CA  . LEU A 1 51  ? -5.292  4.025   5.028   1.00 26.46 ? 51  LEU A CA  1 
ATOM   402  C C   . LEU A 1 51  ? -5.573  2.876   5.984   1.00 28.07 ? 51  LEU A C   1 
ATOM   403  O O   . LEU A 1 51  ? -5.865  1.767   5.547   1.00 30.74 ? 51  LEU A O   1 
ATOM   404  C CB  . LEU A 1 51  ? -3.909  3.848   4.423   1.00 19.46 ? 51  LEU A CB  1 
ATOM   405  C CG  . LEU A 1 51  ? -3.643  4.589   3.124   1.00 25.43 ? 51  LEU A CG  1 
ATOM   406  C CD1 . LEU A 1 51  ? -2.164  4.442   2.779   1.00 25.87 ? 51  LEU A CD1 1 
ATOM   407  C CD2 . LEU A 1 51  ? -4.499  4.030   2.021   1.00 26.11 ? 51  LEU A CD2 1 
ATOM   408  N N   . GLY A 1 52  ? -5.456  3.126   7.283   1.00 25.88 ? 52  GLY A N   1 
ATOM   409  C CA  . GLY A 1 52  ? -5.611  2.048   8.256   1.00 23.22 ? 52  GLY A CA  1 
ATOM   410  C C   . GLY A 1 52  ? -4.494  1.012   8.162   1.00 25.75 ? 52  GLY A C   1 
ATOM   411  O O   . GLY A 1 52  ? -4.711  -0.192  8.332   1.00 22.32 ? 52  GLY A O   1 
ATOM   412  N N   . ILE A 1 53  ? -3.284  1.479   7.892   1.00 23.45 ? 53  ILE A N   1 
ATOM   413  C CA  . ILE A 1 53  ? -2.136  0.596   7.811   1.00 23.37 ? 53  ILE A CA  1 
ATOM   414  C C   . ILE A 1 53  ? -1.839  -0.032  9.166   1.00 24.59 ? 53  ILE A C   1 
ATOM   415  O O   . ILE A 1 53  ? -1.776  0.670   10.178  1.00 21.81 ? 53  ILE A O   1 
ATOM   416  C CB  . ILE A 1 53  ? -0.889  1.353   7.323   1.00 25.56 ? 53  ILE A CB  1 
ATOM   417  C CG1 . ILE A 1 53  ? -0.976  1.610   5.817   1.00 23.85 ? 53  ILE A CG1 1 
ATOM   418  C CG2 . ILE A 1 53  ? 0.408   0.600   7.709   1.00 21.36 ? 53  ILE A CG2 1 
ATOM   419  C CD1 . ILE A 1 53  ? 0.005   2.659   5.317   1.00 23.60 ? 53  ILE A CD1 1 
ATOM   420  N N   . SER A 1 54  ? -1.670  -1.353  9.173   1.00 17.26 ? 54  SER A N   1 
ATOM   421  C CA  . SER A 1 54  ? -1.054  -2.046  10.299  1.00 20.23 ? 54  SER A CA  1 
ATOM   422  C C   . SER A 1 54  ? 0.281   -2.590  9.838   1.00 22.73 ? 54  SER A C   1 
ATOM   423  O O   . SER A 1 54  ? 0.403   -3.014  8.685   1.00 22.82 ? 54  SER A O   1 
ATOM   424  C CB  . SER A 1 54  ? -1.935  -3.196  10.810  1.00 21.33 ? 54  SER A CB  1 
ATOM   425  O OG  . SER A 1 54  ? -3.155  -2.702  11.338  1.00 29.10 ? 54  SER A OG  1 
ATOM   426  N N   . LEU A 1 55  ? 1.269   -2.585  10.733  1.00 20.78 ? 55  LEU A N   1 
ATOM   427  C CA  . LEU A 1 55  ? 2.593   -3.146  10.449  1.00 24.04 ? 55  LEU A CA  1 
ATOM   428  C C   . LEU A 1 55  ? 2.782   -4.468  11.175  1.00 25.21 ? 55  LEU A C   1 
ATOM   429  O O   . LEU A 1 55  ? 2.573   -4.546  12.386  1.00 25.80 ? 55  LEU A O   1 
ATOM   430  C CB  . LEU A 1 55  ? 3.699   -2.180  10.865  1.00 17.35 ? 55  LEU A CB  1 
ATOM   431  C CG  . LEU A 1 55  ? 3.635   -0.775  10.280  1.00 22.41 ? 55  LEU A CG  1 
ATOM   432  C CD1 . LEU A 1 55  ? 4.859   0.029   10.729  1.00 23.80 ? 55  LEU A CD1 1 
ATOM   433  C CD2 . LEU A 1 55  ? 3.567   -0.841  8.756   1.00 19.68 ? 55  LEU A CD2 1 
ATOM   434  N N   . TYR A 1 56  ? 3.193   -5.490  10.430  1.00 22.27 ? 56  TYR A N   1 
ATOM   435  C CA  . TYR A 1 56  ? 3.358   -6.847  10.956  1.00 25.45 ? 56  TYR A CA  1 
ATOM   436  C C   . TYR A 1 56  ? 4.778   -7.366  10.799  1.00 31.05 ? 56  TYR A C   1 
ATOM   437  O O   . TYR A 1 56  ? 5.401   -7.161  9.764   1.00 27.04 ? 56  TYR A O   1 
ATOM   438  C CB  . TYR A 1 56  ? 2.425   -7.813  10.238  1.00 27.86 ? 56  TYR A CB  1 
ATOM   439  C CG  . TYR A 1 56  ? 0.986   -7.765  10.676  1.00 24.25 ? 56  TYR A CG  1 
ATOM   440  C CD1 . TYR A 1 56  ? 0.185   -6.666  10.390  1.00 23.73 ? 56  TYR A CD1 1 
ATOM   441  C CD2 . TYR A 1 56  ? 0.419   -8.837  11.344  1.00 30.01 ? 56  TYR A CD2 1 
ATOM   442  C CE1 . TYR A 1 56  ? -1.146  -6.634  10.778  1.00 23.26 ? 56  TYR A CE1 1 
ATOM   443  C CE2 . TYR A 1 56  ? -0.911  -8.812  11.744  1.00 28.32 ? 56  TYR A CE2 1 
ATOM   444  C CZ  . TYR A 1 56  ? -1.686  -7.709  11.458  1.00 25.90 ? 56  TYR A CZ  1 
ATOM   445  O OH  . TYR A 1 56  ? -3.016  -7.695  11.850  1.00 25.65 ? 56  TYR A OH  1 
ATOM   446  N N   . SER A 1 57  ? 5.278   -8.062  11.816  1.00 30.66 ? 57  SER A N   1 
ATOM   447  C CA  . SER A 1 57  ? 6.482   -8.873  11.643  1.00 34.16 ? 57  SER A CA  1 
ATOM   448  C C   . SER A 1 57  ? 6.151   -10.031 10.718  1.00 27.36 ? 57  SER A C   1 
ATOM   449  O O   . SER A 1 57  ? 4.985   -10.366 10.539  1.00 28.81 ? 57  SER A O   1 
ATOM   450  C CB  . SER A 1 57  ? 6.993   -9.403  12.986  1.00 35.09 ? 57  SER A CB  1 
ATOM   451  O OG  . SER A 1 57  ? 6.067   -10.317 13.536  1.00 33.32 ? 57  SER A OG  1 
ATOM   452  N N   . ASN A 1 58  ? 7.176   -10.653 10.141  1.00 34.47 ? 58  ASN A N   1 
ATOM   453  C CA  . ASN A 1 58  ? 6.977   -11.823 9.284   1.00 36.61 ? 58  ASN A CA  1 
ATOM   454  C C   . ASN A 1 58  ? 6.181   -12.920 9.982   1.00 39.13 ? 58  ASN A C   1 
ATOM   455  O O   . ASN A 1 58  ? 5.262   -13.514 9.400   1.00 35.78 ? 58  ASN A O   1 
ATOM   456  C CB  . ASN A 1 58  ? 8.330   -12.376 8.812   1.00 39.33 ? 58  ASN A CB  1 
ATOM   457  C CG  . ASN A 1 58  ? 9.088   -11.384 7.956   1.00 44.36 ? 58  ASN A CG  1 
ATOM   458  O OD1 . ASN A 1 58  ? 8.481   -10.592 7.239   1.00 38.86 ? 58  ASN A OD1 1 
ATOM   459  N ND2 . ASN A 1 58  ? 10.416  -11.411 8.031   1.00 42.95 ? 58  ASN A ND2 1 
ATOM   460  N N   . GLU A 1 59  ? 6.533   -13.178 11.236  1.00 40.37 ? 59  GLU A N   1 
ATOM   461  C CA  . GLU A 1 59  ? 5.896   -14.242 12.009  1.00 40.65 ? 59  GLU A CA  1 
ATOM   462  C C   . GLU A 1 59  ? 4.417   -13.927 12.242  1.00 43.93 ? 59  GLU A C   1 
ATOM   463  O O   . GLU A 1 59  ? 3.544   -14.750 11.946  1.00 43.76 ? 59  GLU A O   1 
ATOM   464  C CB  . GLU A 1 59  ? 6.620   -14.438 13.347  1.00 43.83 ? 59  GLU A CB  1 
ATOM   465  C CG  . GLU A 1 59  ? 5.976   -15.469 14.273  1.00 58.31 ? 59  GLU A CG  1 
ATOM   466  C CD  . GLU A 1 59  ? 6.609   -15.496 15.659  1.00 63.61 ? 59  GLU A CD  1 
ATOM   467  O OE1 . GLU A 1 59  ? 7.835   -15.277 15.757  1.00 61.75 ? 59  GLU A OE1 1 
ATOM   468  O OE2 . GLU A 1 59  ? 5.879   -15.729 16.650  1.00 63.86 ? 59  GLU A OE2 1 
ATOM   469  N N   . ALA A 1 60  ? 4.146   -12.727 12.752  1.00 41.49 ? 60  ALA A N   1 
ATOM   470  C CA  . ALA A 1 60  ? 2.782   -12.285 13.041  1.00 34.47 ? 60  ALA A CA  1 
ATOM   471  C C   . ALA A 1 60  ? 1.926   -12.267 11.792  1.00 36.15 ? 60  ALA A C   1 
ATOM   472  O O   . ALA A 1 60  ? 0.774   -12.704 11.811  1.00 39.30 ? 60  ALA A O   1 
ATOM   473  C CB  . ALA A 1 60  ? 2.802   -10.918 13.679  1.00 31.32 ? 60  ALA A CB  1 
ATOM   474  N N   . ALA A 1 61  ? 2.490   -11.760 10.700  1.00 31.86 ? 61  ALA A N   1 
ATOM   475  C CA  . ALA A 1 61  ? 1.772   -11.700 9.429   1.00 28.26 ? 61  ALA A CA  1 
ATOM   476  C C   . ALA A 1 61  ? 1.310   -13.074 8.979   1.00 33.76 ? 61  ALA A C   1 
ATOM   477  O O   . ALA A 1 61  ? 0.169   -13.250 8.542   1.00 33.85 ? 61  ALA A O   1 
ATOM   478  C CB  . ALA A 1 61  ? 2.642   -11.089 8.359   1.00 32.75 ? 61  ALA A CB  1 
ATOM   479  N N   . GLU A 1 62  ? 2.215   -14.041 9.065   1.00 36.05 ? 62  GLU A N   1 
ATOM   480  C CA  . GLU A 1 62  ? 1.924   -15.386 8.590   1.00 48.37 ? 62  GLU A CA  1 
ATOM   481  C C   . GLU A 1 62  ? 0.747   -15.991 9.350   1.00 49.78 ? 62  GLU A C   1 
ATOM   482  O O   . GLU A 1 62  ? 0.135   -16.955 8.900   1.00 60.47 ? 62  GLU A O   1 
ATOM   483  C CB  . GLU A 1 62  ? 3.170   -16.273 8.700   1.00 45.95 ? 62  GLU A CB  1 
ATOM   484  C CG  . GLU A 1 62  ? 4.265   -15.900 7.694   1.00 50.52 ? 62  GLU A CG  1 
ATOM   485  C CD  . GLU A 1 62  ? 5.489   -16.802 7.778   1.00 70.56 ? 62  GLU A CD  1 
ATOM   486  O OE1 . GLU A 1 62  ? 5.821   -17.259 8.893   1.00 75.03 ? 62  GLU A OE1 1 
ATOM   487  O OE2 . GLU A 1 62  ? 6.123   -17.057 6.729   1.00 73.65 ? 62  GLU A OE2 1 
ATOM   488  N N   . GLU A 1 63  ? 0.405   -15.398 10.486  1.00 49.53 ? 63  GLU A N   1 
ATOM   489  C CA  . GLU A 1 63  ? -0.716  -15.889 11.282  1.00 49.14 ? 63  GLU A CA  1 
ATOM   490  C C   . GLU A 1 63  ? -1.976  -15.021 11.157  1.00 54.27 ? 63  GLU A C   1 
ATOM   491  O O   . GLU A 1 63  ? -3.074  -15.471 11.480  1.00 60.66 ? 63  GLU A O   1 
ATOM   492  C CB  . GLU A 1 63  ? -0.295  -16.000 12.756  1.00 55.41 ? 63  GLU A CB  1 
ATOM   493  C CG  . GLU A 1 63  ? 0.898   -16.933 12.994  1.00 55.80 ? 63  GLU A CG  1 
ATOM   494  C CD  . GLU A 1 63  ? 1.455   -16.848 14.408  1.00 62.23 ? 63  GLU A CD  1 
ATOM   495  O OE1 . GLU A 1 63  ? 0.881   -16.107 15.238  1.00 59.67 ? 63  GLU A OE1 1 
ATOM   496  O OE2 . GLU A 1 63  ? 2.477   -17.517 14.688  1.00 61.56 ? 63  GLU A OE2 1 
ATOM   497  N N   . ALA A 1 64  ? -1.836  -13.791 10.677  1.00 40.22 ? 64  ALA A N   1 
ATOM   498  C CA  . ALA A 1 64  ? -2.954  -12.850 10.738  1.00 41.07 ? 64  ALA A CA  1 
ATOM   499  C C   . ALA A 1 64  ? -3.763  -12.775 9.442   1.00 45.04 ? 64  ALA A C   1 
ATOM   500  O O   . ALA A 1 64  ? -4.791  -12.084 9.380   1.00 44.95 ? 64  ALA A O   1 
ATOM   501  C CB  . ALA A 1 64  ? -2.452  -11.480 11.107  1.00 42.08 ? 64  ALA A CB  1 
ATOM   502  N N   . GLY A 1 65  ? -3.306  -13.480 8.414   1.00 34.06 ? 65  GLY A N   1 
ATOM   503  C CA  . GLY A 1 65  ? -4.020  -13.518 7.149   1.00 33.92 ? 65  GLY A CA  1 
ATOM   504  C C   . GLY A 1 65  ? -3.106  -13.636 5.945   1.00 33.94 ? 65  GLY A C   1 
ATOM   505  O O   . GLY A 1 65  ? -3.548  -13.956 4.842   1.00 33.86 ? 65  GLY A O   1 
ATOM   506  N N   . LEU A 1 66  ? -1.824  -13.369 6.157   1.00 30.89 ? 66  LEU A N   1 
ATOM   507  C CA  . LEU A 1 66  ? -0.856  -13.423 5.071   1.00 31.61 ? 66  LEU A CA  1 
ATOM   508  C C   . LEU A 1 66  ? -0.814  -14.807 4.439   1.00 36.43 ? 66  LEU A C   1 
ATOM   509  O O   . LEU A 1 66  ? -0.626  -14.948 3.237   1.00 34.65 ? 66  LEU A O   1 
ATOM   510  C CB  . LEU A 1 66  ? 0.529   -13.038 5.578   1.00 28.64 ? 66  LEU A CB  1 
ATOM   511  C CG  . LEU A 1 66  ? 1.637   -13.153 4.532   1.00 34.85 ? 66  LEU A CG  1 
ATOM   512  C CD1 . LEU A 1 66  ? 1.368   -12.206 3.374   1.00 33.70 ? 66  LEU A CD1 1 
ATOM   513  C CD2 . LEU A 1 66  ? 2.982   -12.873 5.163   1.00 31.60 ? 66  LEU A CD2 1 
ATOM   514  N N   . ARG A 1 67  ? -1.007  -15.840 5.250   1.00 42.55 ? 67  ARG A N   1 
ATOM   515  C CA  . ARG A 1 67  ? -0.814  -17.195 4.757   1.00 41.42 ? 67  ARG A CA  1 
ATOM   516  C C   . ARG A 1 67  ? -1.836  -17.580 3.696   1.00 45.97 ? 67  ARG A C   1 
ATOM   517  O O   . ARG A 1 67  ? -1.554  -18.406 2.832   1.00 54.01 ? 67  ARG A O   1 
ATOM   518  C CB  . ARG A 1 67  ? -0.844  -18.185 5.916   1.00 59.98 ? 67  ARG A CB  1 
ATOM   519  C CG  . ARG A 1 67  ? 0.531   -18.423 6.530   1.00 65.08 ? 67  ARG A CG  1 
ATOM   520  C CD  . ARG A 1 67  ? 1.269   -19.531 5.814   1.00 62.59 ? 67  ARG A CD  1 
ATOM   521  N NE  . ARG A 1 67  ? 0.439   -20.728 5.711   1.00 73.49 ? 67  ARG A NE  1 
ATOM   522  C CZ  . ARG A 1 67  ? 0.372   -21.681 6.638   1.00 79.04 ? 67  ARG A CZ  1 
ATOM   523  N NH1 . ARG A 1 67  ? 1.094   -21.589 7.748   1.00 79.05 ? 67  ARG A NH1 1 
ATOM   524  N NH2 . ARG A 1 67  ? -0.417  -22.730 6.453   1.00 74.52 ? 67  ARG A NH2 1 
ATOM   525  N N   . TRP A 1 68  ? -3.010  -16.961 3.741   1.00 44.50 ? 68  TRP A N   1 
ATOM   526  C CA  . TRP A 1 68  ? -4.052  -17.243 2.760   1.00 44.44 ? 68  TRP A CA  1 
ATOM   527  C C   . TRP A 1 68  ? -3.950  -16.299 1.565   1.00 42.79 ? 68  TRP A C   1 
ATOM   528  O O   . TRP A 1 68  ? -4.615  -16.483 0.546   1.00 46.53 ? 68  TRP A O   1 
ATOM   529  C CB  . TRP A 1 68  ? -5.431  -17.126 3.407   1.00 53.41 ? 68  TRP A CB  1 
ATOM   530  C CG  . TRP A 1 68  ? -5.483  -17.686 4.805   1.00 61.54 ? 68  TRP A CG  1 
ATOM   531  C CD1 . TRP A 1 68  ? -6.008  -17.085 5.916   1.00 60.07 ? 68  TRP A CD1 1 
ATOM   532  C CD2 . TRP A 1 68  ? -4.968  -18.953 5.241   1.00 68.98 ? 68  TRP A CD2 1 
ATOM   533  N NE1 . TRP A 1 68  ? -5.862  -17.904 7.012   1.00 70.62 ? 68  TRP A NE1 1 
ATOM   534  C CE2 . TRP A 1 68  ? -5.226  -19.056 6.625   1.00 75.17 ? 68  TRP A CE2 1 
ATOM   535  C CE3 . TRP A 1 68  ? -4.319  -20.013 4.593   1.00 72.73 ? 68  TRP A CE3 1 
ATOM   536  C CZ2 . TRP A 1 68  ? -4.854  -20.177 7.374   1.00 78.06 ? 68  TRP A CZ2 1 
ATOM   537  C CZ3 . TRP A 1 68  ? -3.951  -21.128 5.339   1.00 73.69 ? 68  TRP A CZ3 1 
ATOM   538  C CH2 . TRP A 1 68  ? -4.220  -21.200 6.714   1.00 77.49 ? 68  TRP A CH2 1 
ATOM   539  N N   . ALA A 1 69  ? -3.111  -15.282 1.707   1.00 30.28 ? 69  ALA A N   1 
ATOM   540  C CA  . ALA A 1 69  ? -2.971  -14.243 0.697   1.00 37.44 ? 69  ALA A CA  1 
ATOM   541  C C   . ALA A 1 69  ? -2.186  -14.742 -0.517  1.00 35.88 ? 69  ALA A C   1 
ATOM   542  O O   . ALA A 1 69  ? -1.144  -15.375 -0.367  1.00 36.98 ? 69  ALA A O   1 
ATOM   543  C CB  . ALA A 1 69  ? -2.286  -13.020 1.306   1.00 27.27 ? 69  ALA A CB  1 
ATOM   544  N N   . GLN A 1 70  ? -2.672  -14.442 -1.718  1.00 30.93 ? 70  GLN A N   1 
ATOM   545  C CA  . GLN A 1 70  ? -2.014  -14.921 -2.934  1.00 38.91 ? 70  GLN A CA  1 
ATOM   546  C C   . GLN A 1 70  ? -1.267  -13.806 -3.654  1.00 32.30 ? 70  GLN A C   1 
ATOM   547  O O   . GLN A 1 70  ? -1.716  -12.663 -3.660  1.00 27.52 ? 70  GLN A O   1 
ATOM   548  C CB  . GLN A 1 70  ? -3.037  -15.549 -3.882  1.00 44.64 ? 70  GLN A CB  1 
ATOM   549  C CG  . GLN A 1 70  ? -4.173  -16.292 -3.170  1.00 57.00 ? 70  GLN A CG  1 
ATOM   550  C CD  . GLN A 1 70  ? -5.495  -15.535 -3.237  1.00 60.83 ? 70  GLN A CD  1 
ATOM   551  O OE1 . GLN A 1 70  ? -5.954  -14.956 -2.244  1.00 54.48 ? 70  GLN A OE1 1 
ATOM   552  N NE2 . GLN A 1 70  ? -6.115  -15.538 -4.414  1.00 65.19 ? 70  GLN A NE2 1 
ATOM   553  N N   . HIS A 1 71  ? -0.139  -14.153 -4.271  1.00 30.14 ? 71  HIS A N   1 
ATOM   554  C CA  . HIS A 1 71  ? 0.673   -13.197 -5.012  1.00 28.97 ? 71  HIS A CA  1 
ATOM   555  C C   . HIS A 1 71  ? -0.094  -12.652 -6.209  1.00 31.19 ? 71  HIS A C   1 
ATOM   556  O O   . HIS A 1 71  ? -0.698  -13.400 -6.958  1.00 29.90 ? 71  HIS A O   1 
ATOM   557  C CB  . HIS A 1 71  ? 1.987   -13.856 -5.462  1.00 32.83 ? 71  HIS A CB  1 
ATOM   558  C CG  . HIS A 1 71  ? 2.787   -13.042 -6.437  1.00 33.28 ? 71  HIS A CG  1 
ATOM   559  N ND1 . HIS A 1 71  ? 3.712   -12.100 -6.042  1.00 31.26 ? 71  HIS A ND1 1 
ATOM   560  C CD2 . HIS A 1 71  ? 2.818   -13.052 -7.792  1.00 36.94 ? 71  HIS A CD2 1 
ATOM   561  C CE1 . HIS A 1 71  ? 4.265   -11.552 -7.112  1.00 32.88 ? 71  HIS A CE1 1 
ATOM   562  N NE2 . HIS A 1 71  ? 3.739   -12.110 -8.186  1.00 29.21 ? 71  HIS A NE2 1 
ATOM   563  N N   . TYR A 1 72  ? -0.098  -11.332 -6.361  1.00 28.75 ? 72  TYR A N   1 
ATOM   564  C CA  . TYR A 1 72  ? -0.663  -10.689 -7.546  1.00 28.86 ? 72  TYR A CA  1 
ATOM   565  C C   . TYR A 1 72  ? 0.447   -10.038 -8.369  1.00 30.24 ? 72  TYR A C   1 
ATOM   566  O O   . TYR A 1 72  ? 1.047   -9.053  -7.939  1.00 24.38 ? 72  TYR A O   1 
ATOM   567  C CB  . TYR A 1 72  ? -1.698  -9.641  -7.151  1.00 30.30 ? 72  TYR A CB  1 
ATOM   568  C CG  . TYR A 1 72  ? -3.066  -10.224 -6.913  1.00 33.19 ? 72  TYR A CG  1 
ATOM   569  C CD1 . TYR A 1 72  ? -3.267  -11.198 -5.939  1.00 29.81 ? 72  TYR A CD1 1 
ATOM   570  C CD2 . TYR A 1 72  ? -4.158  -9.797  -7.654  1.00 36.40 ? 72  TYR A CD2 1 
ATOM   571  C CE1 . TYR A 1 72  ? -4.527  -11.727 -5.715  1.00 35.51 ? 72  TYR A CE1 1 
ATOM   572  C CE2 . TYR A 1 72  ? -5.419  -10.322 -7.437  1.00 37.59 ? 72  TYR A CE2 1 
ATOM   573  C CZ  . TYR A 1 72  ? -5.596  -11.283 -6.470  1.00 37.97 ? 72  TYR A CZ  1 
ATOM   574  O OH  . TYR A 1 72  ? -6.851  -11.803 -6.261  1.00 43.14 ? 72  TYR A OH  1 
ATOM   575  N N   . GLU A 1 73  ? 0.709   -10.589 -9.547  1.00 26.80 ? 73  GLU A N   1 
ATOM   576  C CA  . GLU A 1 73  ? 1.875   -10.204 -10.325 1.00 26.16 ? 73  GLU A CA  1 
ATOM   577  C C   . GLU A 1 73  ? 1.709   -8.812  -10.898 1.00 28.99 ? 73  GLU A C   1 
ATOM   578  O O   . GLU A 1 73  ? 2.601   -7.972  -10.777 1.00 25.92 ? 73  GLU A O   1 
ATOM   579  C CB  . GLU A 1 73  ? 2.128   -11.221 -11.442 1.00 35.55 ? 73  GLU A CB  1 
ATOM   580  C CG  . GLU A 1 73  ? 3.315   -10.913 -12.351 1.00 30.43 ? 73  GLU A CG  1 
ATOM   581  C CD  . GLU A 1 73  ? 4.665   -11.167 -11.702 1.00 36.77 ? 73  GLU A CD  1 
ATOM   582  O OE1 . GLU A 1 73  ? 4.703   -11.588 -10.528 1.00 36.54 ? 73  GLU A OE1 1 
ATOM   583  O OE2 . GLU A 1 73  ? 5.698   -10.933 -12.372 1.00 34.40 ? 73  GLU A OE2 1 
ATOM   584  N N   . PHE A 1 74  ? 0.566   -8.550  -11.523 1.00 26.84 ? 74  PHE A N   1 
ATOM   585  C CA  . PHE A 1 74  ? 0.371   -7.233  -12.099 1.00 28.39 ? 74  PHE A CA  1 
ATOM   586  C C   . PHE A 1 74  ? 0.337   -6.172  -11.002 1.00 30.12 ? 74  PHE A C   1 
ATOM   587  O O   . PHE A 1 74  ? 1.003   -5.145  -11.110 1.00 28.08 ? 74  PHE A O   1 
ATOM   588  C CB  . PHE A 1 74  ? -0.901  -7.167  -12.942 1.00 31.23 ? 74  PHE A CB  1 
ATOM   589  C CG  . PHE A 1 74  ? -1.137  -5.817  -13.543 1.00 37.45 ? 74  PHE A CG  1 
ATOM   590  C CD1 . PHE A 1 74  ? -0.326  -5.355  -14.570 1.00 39.83 ? 74  PHE A CD1 1 
ATOM   591  C CD2 . PHE A 1 74  ? -2.145  -4.992  -13.065 1.00 33.06 ? 74  PHE A CD2 1 
ATOM   592  C CE1 . PHE A 1 74  ? -0.526  -4.094  -15.122 1.00 42.66 ? 74  PHE A CE1 1 
ATOM   593  C CE2 . PHE A 1 74  ? -2.351  -3.738  -13.613 1.00 35.98 ? 74  PHE A CE2 1 
ATOM   594  C CZ  . PHE A 1 74  ? -1.539  -3.289  -14.640 1.00 33.71 ? 74  PHE A CZ  1 
ATOM   595  N N   . LEU A 1 75  ? -0.427  -6.416  -9.941  1.00 26.96 ? 75  LEU A N   1 
ATOM   596  C CA  . LEU A 1 75  ? -0.483  -5.441  -8.851  1.00 26.38 ? 75  LEU A CA  1 
ATOM   597  C C   . LEU A 1 75  ? 0.910   -5.176  -8.277  1.00 20.12 ? 75  LEU A C   1 
ATOM   598  O O   . LEU A 1 75  ? 1.248   -4.037  -7.948  1.00 20.87 ? 75  LEU A O   1 
ATOM   599  C CB  . LEU A 1 75  ? -1.416  -5.917  -7.740  1.00 24.02 ? 75  LEU A CB  1 
ATOM   600  C CG  . LEU A 1 75  ? -2.897  -6.159  -8.067  1.00 25.66 ? 75  LEU A CG  1 
ATOM   601  C CD1 . LEU A 1 75  ? -3.637  -6.480  -6.790  1.00 25.74 ? 75  LEU A CD1 1 
ATOM   602  C CD2 . LEU A 1 75  ? -3.541  -4.963  -8.783  1.00 28.19 ? 75  LEU A CD2 1 
ATOM   603  N N   . SER A 1 76  ? 1.710   -6.233  -8.136  1.00 21.47 ? 76  SER A N   1 
ATOM   604  C CA  . SER A 1 76  ? 3.057   -6.073  -7.589  1.00 22.33 ? 76  SER A CA  1 
ATOM   605  C C   . SER A 1 76  ? 3.929   -5.197  -8.498  1.00 19.96 ? 76  SER A C   1 
ATOM   606  O O   . SER A 1 76  ? 4.675   -4.349  -8.020  1.00 24.26 ? 76  SER A O   1 
ATOM   607  C CB  . SER A 1 76  ? 3.720   -7.442  -7.373  1.00 24.54 ? 76  SER A CB  1 
ATOM   608  O OG  . SER A 1 76  ? 2.949   -8.257  -6.494  1.00 24.36 ? 76  SER A OG  1 
ATOM   609  N N   . HIS A 1 77  ? 3.859   -5.415  -9.806  1.00 23.14 ? 77  HIS A N   1 
ATOM   610  C CA  . HIS A 1 77  ? 4.651   -4.597  -10.729 1.00 23.49 ? 77  HIS A CA  1 
ATOM   611  C C   . HIS A 1 77  ? 4.137   -3.156  -10.761 1.00 28.98 ? 77  HIS A C   1 
ATOM   612  O O   . HIS A 1 77  ? 4.919   -2.197  -10.756 1.00 25.11 ? 77  HIS A O   1 
ATOM   613  C CB  . HIS A 1 77  ? 4.625   -5.188  -12.132 1.00 27.86 ? 77  HIS A CB  1 
ATOM   614  C CG  . HIS A 1 77  ? 5.643   -6.253  -12.352 1.00 31.62 ? 77  HIS A CG  1 
ATOM   615  N ND1 . HIS A 1 77  ? 6.929   -5.978  -12.775 1.00 38.20 ? 77  HIS A ND1 1 
ATOM   616  C CD2 . HIS A 1 77  ? 5.577   -7.597  -12.199 1.00 29.60 ? 77  HIS A CD2 1 
ATOM   617  C CE1 . HIS A 1 77  ? 7.606   -7.107  -12.879 1.00 31.18 ? 77  HIS A CE1 1 
ATOM   618  N NE2 . HIS A 1 77  ? 6.810   -8.103  -12.532 1.00 33.56 ? 77  HIS A NE2 1 
ATOM   619  N N   . GLN A 1 78  ? 2.814   -3.017  -10.789 1.00 23.41 ? 78  GLN A N   1 
ATOM   620  C CA  . GLN A 1 78  ? 2.184   -1.702  -10.790 1.00 26.09 ? 78  GLN A CA  1 
ATOM   621  C C   . GLN A 1 78  ? 2.604   -0.936  -9.535  1.00 24.18 ? 78  GLN A C   1 
ATOM   622  O O   . GLN A 1 78  ? 2.943   0.238   -9.598  1.00 25.78 ? 78  GLN A O   1 
ATOM   623  C CB  . GLN A 1 78  ? 0.656   -1.828  -10.871 1.00 26.17 ? 78  GLN A CB  1 
ATOM   624  C CG  . GLN A 1 78  ? -0.076  -0.477  -10.873 1.00 35.51 ? 78  GLN A CG  1 
ATOM   625  C CD  . GLN A 1 78  ? -1.599  -0.598  -10.969 1.00 39.08 ? 78  GLN A CD  1 
ATOM   626  O OE1 . GLN A 1 78  ? -2.219  -0.051  -11.885 1.00 39.85 ? 78  GLN A OE1 1 
ATOM   627  N NE2 . GLN A 1 78  ? -2.203  -1.300  -10.013 1.00 28.94 ? 78  GLN A NE2 1 
ATOM   628  N N   . MET A 1 79  ? 2.598   -1.612  -8.395  1.00 23.37 ? 79  MET A N   1 
ATOM   629  C CA  . MET A 1 79  ? 3.043   -1.006  -7.145  1.00 22.41 ? 79  MET A CA  1 
ATOM   630  C C   . MET A 1 79  ? 4.543   -0.707  -7.208  1.00 24.18 ? 79  MET A C   1 
ATOM   631  O O   . MET A 1 79  ? 4.974   0.394   -6.870  1.00 22.75 ? 79  MET A O   1 
ATOM   632  C CB  . MET A 1 79  ? 2.721   -1.930  -5.964  1.00 24.67 ? 79  MET A CB  1 
ATOM   633  C CG  . MET A 1 79  ? 3.218   -1.426  -4.606  1.00 24.04 ? 79  MET A CG  1 
ATOM   634  S SD  . MET A 1 79  ? 2.240   -0.046  -3.955  1.00 23.63 ? 79  MET A SD  1 
ATOM   635  C CE  . MET A 1 79  ? 0.610   -0.813  -3.803  1.00 19.12 ? 79  MET A CE  1 
ATOM   636  N N   . ALA A 1 80  ? 5.332   -1.675  -7.664  1.00 22.55 ? 80  ALA A N   1 
ATOM   637  C CA  . ALA A 1 80  ? 6.792   -1.484  -7.743  1.00 24.97 ? 80  ALA A CA  1 
ATOM   638  C C   . ALA A 1 80  ? 7.159   -0.252  -8.572  1.00 25.16 ? 80  ALA A C   1 
ATOM   639  O O   . ALA A 1 80  ? 8.036   0.536   -8.193  1.00 26.72 ? 80  ALA A O   1 
ATOM   640  C CB  . ALA A 1 80  ? 7.468   -2.726  -8.335  1.00 23.13 ? 80  ALA A CB  1 
ATOM   641  N N   . GLN A 1 81  ? 6.494   -0.102  -9.708  1.00 25.41 ? 81  GLN A N   1 
ATOM   642  C CA  . GLN A 1 81  ? 6.751   1.023   -10.603 1.00 31.43 ? 81  GLN A CA  1 
ATOM   643  C C   . GLN A 1 81  ? 6.437   2.368   -9.957  1.00 30.42 ? 81  GLN A C   1 
ATOM   644  O O   . GLN A 1 81  ? 7.148   3.338   -10.182 1.00 27.28 ? 81  GLN A O   1 
ATOM   645  C CB  . GLN A 1 81  ? 5.941   0.871   -11.888 1.00 32.10 ? 81  GLN A CB  1 
ATOM   646  C CG  . GLN A 1 81  ? 6.725   1.181   -13.145 1.00 49.26 ? 81  GLN A CG  1 
ATOM   647  C CD  . GLN A 1 81  ? 6.345   0.266   -14.288 1.00 59.29 ? 81  GLN A CD  1 
ATOM   648  O OE1 . GLN A 1 81  ? 5.268   -0.340  -14.282 1.00 52.81 ? 81  GLN A OE1 1 
ATOM   649  N NE2 . GLN A 1 81  ? 7.232   0.146   -15.273 1.00 46.48 ? 81  GLN A NE2 1 
ATOM   650  N N   . GLN A 1 82  ? 5.370   2.437   -9.166  1.00 26.31 ? 82  GLN A N   1 
ATOM   651  C CA  . GLN A 1 82  ? 4.986   3.695   -8.528  1.00 29.78 ? 82  GLN A CA  1 
ATOM   652  C C   . GLN A 1 82  ? 5.871   4.011   -7.339  1.00 26.89 ? 82  GLN A C   1 
ATOM   653  O O   . GLN A 1 82  ? 6.244   5.161   -7.117  1.00 30.58 ? 82  GLN A O   1 
ATOM   654  C CB  . GLN A 1 82  ? 3.522   3.655   -8.078  1.00 26.02 ? 82  GLN A CB  1 
ATOM   655  C CG  . GLN A 1 82  ? 2.523   3.765   -9.200  1.00 37.84 ? 82  GLN A CG  1 
ATOM   656  C CD  . GLN A 1 82  ? 2.607   5.094   -9.921  1.00 43.45 ? 82  GLN A CD  1 
ATOM   657  O OE1 . GLN A 1 82  ? 2.432   6.164   -9.322  1.00 42.27 ? 82  GLN A OE1 1 
ATOM   658  N NE2 . GLN A 1 82  ? 2.883   5.033   -11.219 1.00 42.24 ? 82  GLN A NE2 1 
ATOM   659  N N   . LEU A 1 83  ? 6.198   2.993   -6.553  1.00 25.61 ? 83  LEU A N   1 
ATOM   660  C CA  . LEU A 1 83  ? 7.029   3.211   -5.370  1.00 24.21 ? 83  LEU A CA  1 
ATOM   661  C C   . LEU A 1 83  ? 8.488   3.344   -5.747  1.00 30.48 ? 83  LEU A C   1 
ATOM   662  O O   . LEU A 1 83  ? 9.294   3.836   -4.956  1.00 34.37 ? 83  LEU A O   1 
ATOM   663  C CB  . LEU A 1 83  ? 6.874   2.071   -4.359  1.00 22.05 ? 83  LEU A CB  1 
ATOM   664  C CG  . LEU A 1 83  ? 5.457   1.822   -3.830  1.00 22.46 ? 83  LEU A CG  1 
ATOM   665  C CD1 . LEU A 1 83  ? 5.498   0.901   -2.615  1.00 31.21 ? 83  LEU A CD1 1 
ATOM   666  C CD2 . LEU A 1 83  ? 4.750   3.137   -3.500  1.00 23.37 ? 83  LEU A CD2 1 
ATOM   667  N N   . GLY A 1 84  ? 8.832   2.866   -6.939  1.00 25.37 ? 84  GLY A N   1 
ATOM   668  C CA  . GLY A 1 84  ? 10.186  2.999   -7.461  1.00 30.47 ? 84  GLY A CA  1 
ATOM   669  C C   . GLY A 1 84  ? 11.212  2.038   -6.892  1.00 32.37 ? 84  GLY A C   1 
ATOM   670  O O   . GLY A 1 84  ? 12.393  2.376   -6.780  1.00 29.64 ? 84  GLY A O   1 
ATOM   671  N N   . GLY A 1 85  ? 10.772  0.836   -6.541  1.00 26.38 ? 85  GLY A N   1 
ATOM   672  C CA  . GLY A 1 85  ? 11.660  -0.187  -6.010  1.00 25.58 ? 85  GLY A CA  1 
ATOM   673  C C   . GLY A 1 85  ? 10.948  -1.525  -5.949  1.00 27.06 ? 85  GLY A C   1 
ATOM   674  O O   . GLY A 1 85  ? 9.725   -1.568  -6.084  1.00 24.75 ? 85  GLY A O   1 
ATOM   675  N N   . PRO A 1 86  ? 11.706  -2.627  -5.759  1.00 26.82 ? 86  PRO A N   1 
ATOM   676  C CA  . PRO A 1 86  ? 11.124  -3.975  -5.747  1.00 24.24 ? 86  PRO A CA  1 
ATOM   677  C C   . PRO A 1 86  ? 10.062  -4.135  -4.674  1.00 24.66 ? 86  PRO A C   1 
ATOM   678  O O   . PRO A 1 86  ? 10.293  -3.844  -3.491  1.00 22.04 ? 86  PRO A O   1 
ATOM   679  C CB  . PRO A 1 86  ? 12.328  -4.877  -5.458  1.00 28.87 ? 86  PRO A CB  1 
ATOM   680  C CG  . PRO A 1 86  ? 13.493  -4.112  -6.006  1.00 31.25 ? 86  PRO A CG  1 
ATOM   681  C CD  . PRO A 1 86  ? 13.177  -2.669  -5.697  1.00 29.22 ? 86  PRO A CD  1 
ATOM   682  N N   A THR A 1 87  ? 8.884   -4.585  -5.083  0.41 25.90 ? 87  THR A N   1 
ATOM   683  N N   B THR A 1 87  ? 8.908   -4.639  -5.086  0.59 25.89 ? 87  THR A N   1 
ATOM   684  C CA  A THR A 1 87  ? 7.793   -4.744  -4.136  0.41 22.31 ? 87  THR A CA  1 
ATOM   685  C CA  B THR A 1 87  ? 7.774   -4.737  -4.186  0.59 22.28 ? 87  THR A CA  1 
ATOM   686  C C   A THR A 1 87  ? 7.060   -6.055  -4.352  0.41 23.45 ? 87  THR A C   1 
ATOM   687  C C   B THR A 1 87  ? 7.046   -6.058  -4.364  0.59 23.44 ? 87  THR A C   1 
ATOM   688  O O   A THR A 1 87  ? 7.105   -6.642  -5.434  0.41 23.43 ? 87  THR A O   1 
ATOM   689  O O   B THR A 1 87  ? 7.084   -6.662  -5.438  0.59 23.43 ? 87  THR A O   1 
ATOM   690  C CB  A THR A 1 87  ? 6.789   -3.573  -4.233  0.41 23.83 ? 87  THR A CB  1 
ATOM   691  C CB  B THR A 1 87  ? 6.807   -3.562  -4.420  0.59 23.79 ? 87  THR A CB  1 
ATOM   692  O OG1 A THR A 1 87  ? 6.059   -3.653  -5.464  0.41 24.19 ? 87  THR A OG1 1 
ATOM   693  O OG1 B THR A 1 87  ? 7.531   -2.328  -4.317  0.59 24.18 ? 87  THR A OG1 1 
ATOM   694  C CG2 A THR A 1 87  ? 7.526   -2.242  -4.167  0.41 24.19 ? 87  THR A CG2 1 
ATOM   695  C CG2 B THR A 1 87  ? 5.683   -3.576  -3.409  0.59 21.16 ? 87  THR A CG2 1 
ATOM   696  N N   . GLU A 1 88  ? 6.388   -6.509  -3.300  1.00 23.73 ? 88  GLU A N   1 
ATOM   697  C CA  . GLU A 1 88  ? 5.505   -7.655  -3.375  1.00 19.54 ? 88  GLU A CA  1 
ATOM   698  C C   . GLU A 1 88  ? 4.111   -7.231  -2.894  1.00 23.40 ? 88  GLU A C   1 
ATOM   699  O O   . GLU A 1 88  ? 3.984   -6.647  -1.829  1.00 21.60 ? 88  GLU A O   1 
ATOM   700  C CB  . GLU A 1 88  ? 6.044   -8.810  -2.525  1.00 21.56 ? 88  GLU A CB  1 
ATOM   701  C CG  . GLU A 1 88  ? 5.036   -9.902  -2.181  1.00 35.12 ? 88  GLU A CG  1 
ATOM   702  C CD  . GLU A 1 88  ? 4.740   -10.826 -3.332  1.00 37.52 ? 88  GLU A CD  1 
ATOM   703  O OE1 . GLU A 1 88  ? 4.528   -10.318 -4.448  1.00 39.87 ? 88  GLU A OE1 1 
ATOM   704  O OE2 . GLU A 1 88  ? 4.710   -12.060 -3.120  1.00 39.50 ? 88  GLU A OE2 1 
ATOM   705  N N   . VAL A 1 89  ? 3.085   -7.509  -3.694  1.00 21.50 ? 89  VAL A N   1 
ATOM   706  C CA  . VAL A 1 89  ? 1.709   -7.296  -3.276  1.00 23.68 ? 89  VAL A CA  1 
ATOM   707  C C   . VAL A 1 89  ? 0.995   -8.639  -3.258  1.00 24.92 ? 89  VAL A C   1 
ATOM   708  O O   . VAL A 1 89  ? 0.966   -9.350  -4.261  1.00 23.80 ? 89  VAL A O   1 
ATOM   709  C CB  . VAL A 1 89  ? 0.955   -6.323  -4.210  1.00 20.35 ? 89  VAL A CB  1 
ATOM   710  C CG1 . VAL A 1 89  ? -0.544  -6.332  -3.903  1.00 26.24 ? 89  VAL A CG1 1 
ATOM   711  C CG2 . VAL A 1 89  ? 1.553   -4.890  -4.118  1.00 19.24 ? 89  VAL A CG2 1 
ATOM   712  N N   . ARG A 1 90  ? 0.424   -8.984  -2.112  1.00 20.09 ? 90  ARG A N   1 
ATOM   713  C CA  . ARG A 1 90  ? -0.406  -10.180 -2.013  1.00 20.51 ? 90  ARG A CA  1 
ATOM   714  C C   . ARG A 1 90  ? -1.801  -9.775  -1.579  1.00 25.64 ? 90  ARG A C   1 
ATOM   715  O O   . ARG A 1 90  ? -1.965  -8.787  -0.849  1.00 27.88 ? 90  ARG A O   1 
ATOM   716  C CB  . ARG A 1 90  ? 0.198   -11.181 -1.028  1.00 23.59 ? 90  ARG A CB  1 
ATOM   717  C CG  . ARG A 1 90  ? 1.561   -11.693 -1.437  1.00 25.63 ? 90  ARG A CG  1 
ATOM   718  C CD  . ARG A 1 90  ? 1.961   -12.919 -0.638  1.00 29.57 ? 90  ARG A CD  1 
ATOM   719  N NE  . ARG A 1 90  ? 3.405   -13.106 -0.707  1.00 31.64 ? 90  ARG A NE  1 
ATOM   720  C CZ  . ARG A 1 90  ? 4.111   -13.788 0.182   1.00 37.57 ? 90  ARG A CZ  1 
ATOM   721  N NH1 . ARG A 1 90  ? 3.498   -14.362 1.210   1.00 29.71 ? 90  ARG A NH1 1 
ATOM   722  N NH2 . ARG A 1 90  ? 5.427   -13.891 0.048   1.00 32.45 ? 90  ARG A NH2 1 
ATOM   723  N N   . VAL A 1 91  ? -2.818  -10.508 -2.026  1.00 24.51 ? 91  VAL A N   1 
ATOM   724  C CA  . VAL A 1 91  ? -4.181  -10.139 -1.654  1.00 21.95 ? 91  VAL A CA  1 
ATOM   725  C C   . VAL A 1 91  ? -4.927  -11.300 -1.029  1.00 33.06 ? 91  VAL A C   1 
ATOM   726  O O   . VAL A 1 91  ? -4.993  -12.407 -1.586  1.00 29.20 ? 91  VAL A O   1 
ATOM   727  C CB  . VAL A 1 91  ? -5.005  -9.624  -2.845  1.00 23.83 ? 91  VAL A CB  1 
ATOM   728  C CG1 . VAL A 1 91  ? -6.403  -9.196  -2.363  1.00 26.13 ? 91  VAL A CG1 1 
ATOM   729  C CG2 . VAL A 1 91  ? -4.291  -8.452  -3.530  1.00 22.86 ? 91  VAL A CG2 1 
ATOM   730  N N   . GLU A 1 92  ? -5.480  -11.013 0.139   1.00 25.78 ? 92  GLU A N   1 
ATOM   731  C CA  . GLU A 1 92  ? -6.299  -11.947 0.890   1.00 37.92 ? 92  GLU A CA  1 
ATOM   732  C C   . GLU A 1 92  ? -7.732  -11.638 0.524   1.00 42.59 ? 92  GLU A C   1 
ATOM   733  O O   . GLU A 1 92  ? -8.306  -10.639 0.979   1.00 36.64 ? 92  GLU A O   1 
ATOM   734  C CB  . GLU A 1 92  ? -6.021  -11.792 2.390   1.00 38.75 ? 92  GLU A CB  1 
ATOM   735  C CG  . GLU A 1 92  ? -6.993  -12.425 3.337   1.00 42.05 ? 92  GLU A CG  1 
ATOM   736  C CD  . GLU A 1 92  ? -6.616  -12.131 4.775   1.00 40.48 ? 92  GLU A CD  1 
ATOM   737  O OE1 . GLU A 1 92  ? -7.271  -12.660 5.690   1.00 43.83 ? 92  GLU A OE1 1 
ATOM   738  O OE2 . GLU A 1 92  ? -5.653  -11.360 4.989   1.00 31.46 ? 92  GLU A OE2 1 
ATOM   739  N N   . VAL A 1 93  ? -8.287  -12.458 -0.360  1.00 43.14 ? 93  VAL A N   1 
ATOM   740  C CA  . VAL A 1 93  ? -9.629  -12.217 -0.866  1.00 53.67 ? 93  VAL A CA  1 
ATOM   741  C C   . VAL A 1 93  ? -10.631 -12.907 0.040   1.00 56.11 ? 93  VAL A C   1 
ATOM   742  O O   . VAL A 1 93  ? -11.837 -12.876 -0.204  1.00 63.50 ? 93  VAL A O   1 
ATOM   743  C CB  . VAL A 1 93  ? -9.784  -12.690 -2.319  1.00 53.49 ? 93  VAL A CB  1 
ATOM   744  C CG1 . VAL A 1 93  ? -9.082  -11.713 -3.261  1.00 53.00 ? 93  VAL A CG1 1 
ATOM   745  C CG2 . VAL A 1 93  ? -9.230  -14.101 -2.483  1.00 58.72 ? 93  VAL A CG2 1 
ATOM   746  N N   . ASN A 1 94  ? -10.110 -13.522 1.096   1.00 58.47 ? 94  ASN A N   1 
ATOM   747  C CA  . ASN A 1 94  ? -10.940 -13.948 2.213   1.00 60.65 ? 94  ASN A CA  1 
ATOM   748  C C   . ASN A 1 94  ? -11.463 -12.703 2.918   1.00 62.68 ? 94  ASN A C   1 
ATOM   749  O O   . ASN A 1 94  ? -11.019 -11.586 2.626   1.00 61.45 ? 94  ASN A O   1 
ATOM   750  C CB  . ASN A 1 94  ? -10.157 -14.838 3.194   1.00 59.06 ? 94  ASN A CB  1 
ATOM   751  C CG  . ASN A 1 94  ? -8.749  -15.173 2.704   1.00 60.63 ? 94  ASN A CG  1 
ATOM   752  O OD1 . ASN A 1 94  ? -8.437  -15.061 1.514   1.00 55.45 ? 94  ASN A OD1 1 
ATOM   753  N ND2 . ASN A 1 94  ? -7.893  -15.597 3.630   1.00 58.79 ? 94  ASN A ND2 1 
ATOM   754  N N   . LYS A 1 95  ? -12.402 -12.896 3.842   1.00 65.37 ? 95  LYS A N   1 
ATOM   755  C CA  . LYS A 1 95  ? -13.053 -11.787 4.537   1.00 63.35 ? 95  LYS A CA  1 
ATOM   756  C C   . LYS A 1 95  ? -13.953 -11.031 3.557   1.00 68.83 ? 95  LYS A C   1 
ATOM   757  O O   . LYS A 1 95  ? -14.472 -9.956  3.870   1.00 71.68 ? 95  LYS A O   1 
ATOM   758  C CB  . LYS A 1 95  ? -12.015 -10.845 5.165   1.00 64.52 ? 95  LYS A CB  1 
ATOM   759  C CG  . LYS A 1 95  ? -10.997 -11.544 6.061   1.00 61.67 ? 95  LYS A CG  1 
ATOM   760  C CD  . LYS A 1 95  ? -9.718  -10.725 6.217   1.00 52.57 ? 95  LYS A CD  1 
ATOM   761  C CE  . LYS A 1 95  ? -9.745  -9.857  7.471   1.00 51.38 ? 95  LYS A CE  1 
ATOM   762  N NZ  . LYS A 1 95  ? -10.852 -8.865  7.452   1.00 54.55 ? 95  LYS A NZ  1 
ATOM   763  N N   . SER A 1 96  ? -14.126 -11.607 2.367   1.00 66.21 ? 96  SER A N   1 
ATOM   764  C CA  . SER A 1 96  ? -14.993 -11.064 1.317   1.00 67.04 ? 96  SER A CA  1 
ATOM   765  C C   . SER A 1 96  ? -14.575 -9.659  0.842   1.00 60.75 ? 96  SER A C   1 
ATOM   766  O O   . SER A 1 96  ? -14.576 -9.383  -0.364  1.00 62.45 ? 96  SER A O   1 
ATOM   767  C CB  . SER A 1 96  ? -16.450 -11.052 1.790   1.00 67.59 ? 96  SER A CB  1 
ATOM   768  O OG  . SER A 1 96  ? -17.345 -10.954 0.692   1.00 65.43 ? 96  SER A OG  1 
ATOM   769  N N   . SER A 1 97  ? -14.244 -8.769  1.776   1.00 58.52 ? 97  SER A N   1 
ATOM   770  C CA  . SER A 1 97  ? -13.651 -7.482  1.419   1.00 50.09 ? 97  SER A CA  1 
ATOM   771  C C   . SER A 1 97  ? -12.136 -7.642  1.454   1.00 36.77 ? 97  SER A C   1 
ATOM   772  O O   . SER A 1 97  ? -11.576 -7.987  2.487   1.00 38.29 ? 97  SER A O   1 
ATOM   773  C CB  . SER A 1 97  ? -14.106 -6.371  2.365   1.00 51.29 ? 97  SER A CB  1 
ATOM   774  O OG  . SER A 1 97  ? -13.769 -5.092  1.847   1.00 46.36 ? 97  SER A OG  1 
ATOM   775  N N   . PRO A 1 98  ? -11.471 -7.409  0.314   1.00 35.12 ? 98  PRO A N   1 
ATOM   776  C CA  . PRO A 1 98  ? -10.057 -7.763  0.177   1.00 29.00 ? 98  PRO A CA  1 
ATOM   777  C C   . PRO A 1 98  ? -9.166  -7.083  1.222   1.00 28.79 ? 98  PRO A C   1 
ATOM   778  O O   . PRO A 1 98  ? -9.485  -5.989  1.704   1.00 25.64 ? 98  PRO A O   1 
ATOM   779  C CB  . PRO A 1 98  ? -9.698  -7.265  -1.234  1.00 36.72 ? 98  PRO A CB  1 
ATOM   780  C CG  . PRO A 1 98  ? -10.985 -7.010  -1.916  1.00 38.52 ? 98  PRO A CG  1 
ATOM   781  C CD  . PRO A 1 98  ? -11.958 -6.641  -0.844  1.00 42.50 ? 98  PRO A CD  1 
ATOM   782  N N   . VAL A 1 99  ? -8.071  -7.753  1.568   1.00 28.48 ? 99  VAL A N   1 
ATOM   783  C CA  . VAL A 1 99  ? -7.032  -7.177  2.398   1.00 25.64 ? 99  VAL A CA  1 
ATOM   784  C C   . VAL A 1 99  ? -5.717  -7.248  1.627   1.00 27.77 ? 99  VAL A C   1 
ATOM   785  O O   . VAL A 1 99  ? -5.306  -8.326  1.190   1.00 26.83 ? 99  VAL A O   1 
ATOM   786  C CB  . VAL A 1 99  ? -6.920  -7.908  3.740   1.00 25.25 ? 99  VAL A CB  1 
ATOM   787  C CG1 . VAL A 1 99  ? -5.766  -7.347  4.571   1.00 24.40 ? 99  VAL A CG1 1 
ATOM   788  C CG2 . VAL A 1 99  ? -8.222  -7.787  4.503   1.00 35.88 ? 99  VAL A CG2 1 
ATOM   789  N N   . VAL A 1 100 ? -5.072  -6.102  1.425   1.00 24.07 ? 100 VAL A N   1 
ATOM   790  C CA  . VAL A 1 100 ? -3.808  -6.073  0.694   1.00 19.02 ? 100 VAL A CA  1 
ATOM   791  C C   . VAL A 1 100 ? -2.647  -6.222  1.665   1.00 19.34 ? 100 VAL A C   1 
ATOM   792  O O   . VAL A 1 100 ? -2.630  -5.606  2.740   1.00 21.07 ? 100 VAL A O   1 
ATOM   793  C CB  . VAL A 1 100 ? -3.639  -4.771  -0.122  1.00 27.02 ? 100 VAL A CB  1 
ATOM   794  C CG1 . VAL A 1 100 ? -2.203  -4.658  -0.674  1.00 20.86 ? 100 VAL A CG1 1 
ATOM   795  C CG2 . VAL A 1 100 ? -4.671  -4.715  -1.244  1.00 23.73 ? 100 VAL A CG2 1 
ATOM   796  N N   . TRP A 1 101 ? -1.709  -7.087  1.302   1.00 18.60 ? 101 TRP A N   1 
ATOM   797  C CA  . TRP A 1 101 ? -0.484  -7.280  2.057   1.00 17.06 ? 101 TRP A CA  1 
ATOM   798  C C   . TRP A 1 101 ? 0.669   -6.823  1.166   1.00 20.05 ? 101 TRP A C   1 
ATOM   799  O O   . TRP A 1 101 ? 0.779   -7.270  0.032   1.00 18.74 ? 101 TRP A O   1 
ATOM   800  C CB  . TRP A 1 101 ? -0.313  -8.746  2.467   1.00 18.95 ? 101 TRP A CB  1 
ATOM   801  C CG  . TRP A 1 101 ? -1.290  -9.188  3.515   1.00 21.84 ? 101 TRP A CG  1 
ATOM   802  C CD1 . TRP A 1 101 ? -2.548  -9.690  3.317   1.00 27.66 ? 101 TRP A CD1 1 
ATOM   803  C CD2 . TRP A 1 101 ? -1.084  -9.168  4.931   1.00 19.15 ? 101 TRP A CD2 1 
ATOM   804  N NE1 . TRP A 1 101 ? -3.140  -9.972  4.526   1.00 21.85 ? 101 TRP A NE1 1 
ATOM   805  C CE2 . TRP A 1 101 ? -2.255  -9.665  5.533   1.00 26.81 ? 101 TRP A CE2 1 
ATOM   806  C CE3 . TRP A 1 101 ? -0.016  -8.777  5.749   1.00 23.40 ? 101 TRP A CE3 1 
ATOM   807  C CZ2 . TRP A 1 101 ? -2.390  -9.782  6.916   1.00 27.41 ? 101 TRP A CZ2 1 
ATOM   808  C CZ3 . TRP A 1 101 ? -0.148  -8.892  7.119   1.00 28.64 ? 101 TRP A CZ3 1 
ATOM   809  C CH2 . TRP A 1 101 ? -1.328  -9.389  7.692   1.00 24.46 ? 101 TRP A CH2 1 
ATOM   810  N N   . LEU A 1 102 ? 1.501   -5.928  1.693   1.00 21.79 ? 102 LEU A N   1 
ATOM   811  C CA  . LEU A 1 102 ? 2.520   -5.236  0.918   1.00 24.90 ? 102 LEU A CA  1 
ATOM   812  C C   . LEU A 1 102 ? 3.865   -5.335  1.627   1.00 25.73 ? 102 LEU A C   1 
ATOM   813  O O   . LEU A 1 102 ? 3.951   -5.100  2.833   1.00 21.06 ? 102 LEU A O   1 
ATOM   814  C CB  . LEU A 1 102 ? 2.127   -3.758  0.725   1.00 21.35 ? 102 LEU A CB  1 
ATOM   815  C CG  . LEU A 1 102 ? 3.184   -2.801  0.193   1.00 29.50 ? 102 LEU A CG  1 
ATOM   816  C CD1 . LEU A 1 102 ? 3.479   -3.076  -1.278  1.00 26.74 ? 102 LEU A CD1 1 
ATOM   817  C CD2 . LEU A 1 102 ? 2.772   -1.358  0.391   1.00 26.56 ? 102 LEU A CD2 1 
ATOM   818  N N   . LYS A 1 103 ? 4.904   -5.705  0.879   1.00 24.82 ? 103 LYS A N   1 
ATOM   819  C CA  . LYS A 1 103 ? 6.267   -5.657  1.377   1.00 21.14 ? 103 LYS A CA  1 
ATOM   820  C C   . LYS A 1 103 ? 7.133   -4.951  0.334   1.00 21.15 ? 103 LYS A C   1 
ATOM   821  O O   . LYS A 1 103 ? 6.949   -5.159  -0.867  1.00 23.11 ? 103 LYS A O   1 
ATOM   822  C CB  . LYS A 1 103 ? 6.795   -7.073  1.674   1.00 22.58 ? 103 LYS A CB  1 
ATOM   823  C CG  . LYS A 1 103 ? 8.220   -7.082  2.221   1.00 27.41 ? 103 LYS A CG  1 
ATOM   824  C CD  . LYS A 1 103 ? 8.647   -8.451  2.732   1.00 29.49 ? 103 LYS A CD  1 
ATOM   825  C CE  . LYS A 1 103 ? 8.245   -8.653  4.199   1.00 33.59 ? 103 LYS A CE  1 
ATOM   826  N NZ  . LYS A 1 103 ? 8.873   -9.891  4.755   1.00 35.00 ? 103 LYS A NZ  1 
ATOM   827  N N   . THR A 1 104 ? 8.049   -4.095  0.783   1.00 23.78 ? 104 THR A N   1 
ATOM   828  C CA  . THR A 1 104 ? 8.922   -3.373  -0.151  1.00 24.92 ? 104 THR A CA  1 
ATOM   829  C C   . THR A 1 104 ? 10.377  -3.534  0.197   1.00 28.26 ? 104 THR A C   1 
ATOM   830  O O   . THR A 1 104 ? 10.721  -3.968  1.296   1.00 26.34 ? 104 THR A O   1 
ATOM   831  C CB  . THR A 1 104 ? 8.653   -1.853  -0.197  1.00 20.98 ? 104 THR A CB  1 
ATOM   832  O OG1 . THR A 1 104 ? 9.332   -1.213  0.897   1.00 26.32 ? 104 THR A OG1 1 
ATOM   833  C CG2 . THR A 1 104 ? 7.143   -1.539  -0.178  1.00 21.82 ? 104 THR A CG2 1 
ATOM   834  N N   . TRP A 1 105 ? 11.229  -3.134  -0.741  1.00 28.34 ? 105 TRP A N   1 
ATOM   835  C CA  . TRP A 1 105 ? 12.667  -3.309  -0.586  1.00 33.61 ? 105 TRP A CA  1 
ATOM   836  C C   . TRP A 1 105 ? 13.189  -2.454  0.561   1.00 33.13 ? 105 TRP A C   1 
ATOM   837  O O   . TRP A 1 105 ? 14.249  -2.743  1.118   1.00 35.20 ? 105 TRP A O   1 
ATOM   838  C CB  . TRP A 1 105 ? 13.395  -2.955  -1.887  1.00 27.12 ? 105 TRP A CB  1 
ATOM   839  C CG  . TRP A 1 105 ? 13.515  -1.469  -2.133  1.00 29.58 ? 105 TRP A CG  1 
ATOM   840  C CD1 . TRP A 1 105 ? 14.645  -0.710  -2.009  1.00 33.38 ? 105 TRP A CD1 1 
ATOM   841  C CD2 . TRP A 1 105 ? 12.473  -0.569  -2.537  1.00 27.74 ? 105 TRP A CD2 1 
ATOM   842  N NE1 . TRP A 1 105 ? 14.373  0.604   -2.317  1.00 33.46 ? 105 TRP A NE1 1 
ATOM   843  C CE2 . TRP A 1 105 ? 13.046  0.719   -2.642  1.00 36.46 ? 105 TRP A CE2 1 
ATOM   844  C CE3 . TRP A 1 105 ? 11.111  -0.724  -2.817  1.00 27.86 ? 105 TRP A CE3 1 
ATOM   845  C CZ2 . TRP A 1 105 ? 12.306  1.846   -3.014  1.00 31.49 ? 105 TRP A CZ2 1 
ATOM   846  C CZ3 . TRP A 1 105 ? 10.375  0.394   -3.191  1.00 30.77 ? 105 TRP A CZ3 1 
ATOM   847  C CH2 . TRP A 1 105 ? 10.976  1.663   -3.286  1.00 35.04 ? 105 TRP A CH2 1 
ATOM   848  N N   . LEU A 1 106 ? 12.427  -1.414  0.905   1.00 30.09 ? 106 LEU A N   1 
ATOM   849  C CA  . LEU A 1 106 ? 12.780  -0.460  1.961   1.00 35.05 ? 106 LEU A CA  1 
ATOM   850  C C   . LEU A 1 106 ? 12.714  -1.057  3.366   1.00 36.45 ? 106 LEU A C   1 
ATOM   851  O O   . LEU A 1 106 ? 13.471  -0.660  4.251   1.00 38.94 ? 106 LEU A O   1 
ATOM   852  C CB  . LEU A 1 106 ? 11.859  0.768   1.900   1.00 35.23 ? 106 LEU A CB  1 
ATOM   853  C CG  . LEU A 1 106 ? 11.900  1.713   0.700   1.00 36.58 ? 106 LEU A CG  1 
ATOM   854  C CD1 . LEU A 1 106 ? 10.674  2.619   0.708   1.00 43.79 ? 106 LEU A CD1 1 
ATOM   855  C CD2 . LEU A 1 106 ? 13.176  2.548   0.685   1.00 36.62 ? 106 LEU A CD2 1 
ATOM   856  N N   . SER A 1 107 ? 11.801  -1.996  3.579   1.00 32.16 ? 107 SER A N   1 
ATOM   857  C CA  . SER A 1 107 ? 11.646  -2.623  4.891   1.00 32.02 ? 107 SER A CA  1 
ATOM   858  C C   . SER A 1 107 ? 11.349  -4.093  4.739   1.00 35.08 ? 107 SER A C   1 
ATOM   859  O O   . SER A 1 107 ? 10.213  -4.523  4.932   1.00 33.79 ? 107 SER A O   1 
ATOM   860  C CB  . SER A 1 107 ? 10.528  -1.953  5.690   1.00 36.87 ? 107 SER A CB  1 
ATOM   861  O OG  . SER A 1 107 ? 10.766  -0.569  5.834   1.00 41.75 ? 107 SER A OG  1 
ATOM   862  N N   . PRO A 1 108 ? 12.374  -4.873  4.391   1.00 38.33 ? 108 PRO A N   1 
ATOM   863  C CA  . PRO A 1 108 ? 12.233  -6.281  4.014   1.00 30.83 ? 108 PRO A CA  1 
ATOM   864  C C   . PRO A 1 108 ? 11.686  -7.178  5.116   1.00 32.87 ? 108 PRO A C   1 
ATOM   865  O O   . PRO A 1 108 ? 11.221  -8.279  4.814   1.00 29.01 ? 108 PRO A O   1 
ATOM   866  C CB  . PRO A 1 108 ? 13.671  -6.689  3.654   1.00 40.81 ? 108 PRO A CB  1 
ATOM   867  C CG  . PRO A 1 108 ? 14.538  -5.680  4.293   1.00 39.44 ? 108 PRO A CG  1 
ATOM   868  C CD  . PRO A 1 108 ? 13.768  -4.408  4.288   1.00 35.38 ? 108 PRO A CD  1 
ATOM   869  N N   . ASN A 1 109 ? 11.734  -6.724  6.367   1.00 32.94 ? 109 ASN A N   1 
ATOM   870  C CA  . ASN A 1 109 ? 11.234  -7.543  7.474   1.00 32.86 ? 109 ASN A CA  1 
ATOM   871  C C   . ASN A 1 109 ? 9.892   -7.069  8.048   1.00 35.55 ? 109 ASN A C   1 
ATOM   872  O O   . ASN A 1 109 ? 9.483   -7.529  9.112   1.00 34.67 ? 109 ASN A O   1 
ATOM   873  C CB  . ASN A 1 109 ? 12.272  -7.601  8.596   1.00 39.38 ? 109 ASN A CB  1 
ATOM   874  C CG  . ASN A 1 109 ? 13.548  -8.307  8.175   1.00 45.46 ? 109 ASN A CG  1 
ATOM   875  O OD1 . ASN A 1 109 ? 13.516  -9.408  7.616   1.00 46.40 ? 109 ASN A OD1 1 
ATOM   876  N ND2 . ASN A 1 109 ? 14.681  -7.668  8.431   1.00 50.08 ? 109 ASN A ND2 1 
ATOM   877  N N   . ILE A 1 110 ? 9.220   -6.162  7.338   1.00 30.52 ? 110 ILE A N   1 
ATOM   878  C CA  . ILE A 1 110 ? 7.894   -5.664  7.731   1.00 30.52 ? 110 ILE A CA  1 
ATOM   879  C C   . ILE A 1 110 ? 6.853   -5.949  6.645   1.00 32.82 ? 110 ILE A C   1 
ATOM   880  O O   . ILE A 1 110 ? 7.081   -5.660  5.465   1.00 28.19 ? 110 ILE A O   1 
ATOM   881  C CB  . ILE A 1 110 ? 7.908   -4.128  8.005   1.00 31.94 ? 110 ILE A CB  1 
ATOM   882  C CG1 . ILE A 1 110 ? 8.822   -3.788  9.179   1.00 32.51 ? 110 ILE A CG1 1 
ATOM   883  C CG2 . ILE A 1 110 ? 6.496   -3.596  8.251   1.00 29.76 ? 110 ILE A CG2 1 
ATOM   884  C CD1 . ILE A 1 110 ? 8.463   -4.525  10.458  1.00 40.36 ? 110 ILE A CD1 1 
ATOM   885  N N   . TRP A 1 111 ? 5.715   -6.513  7.038   1.00 23.89 ? 111 TRP A N   1 
ATOM   886  C CA  . TRP A 1 111 ? 4.565   -6.569  6.153   1.00 27.43 ? 111 TRP A CA  1 
ATOM   887  C C   . TRP A 1 111 ? 3.601   -5.422  6.457   1.00 27.78 ? 111 TRP A C   1 
ATOM   888  O O   . TRP A 1 111 ? 3.280   -5.153  7.617   1.00 26.39 ? 111 TRP A O   1 
ATOM   889  C CB  . TRP A 1 111 ? 3.835   -7.905  6.286   1.00 29.81 ? 111 TRP A CB  1 
ATOM   890  C CG  . TRP A 1 111 ? 4.472   -9.014  5.504   1.00 30.27 ? 111 TRP A CG  1 
ATOM   891  C CD1 . TRP A 1 111 ? 5.337   -9.957  5.976   1.00 33.67 ? 111 TRP A CD1 1 
ATOM   892  C CD2 . TRP A 1 111 ? 4.296   -9.292  4.110   1.00 30.96 ? 111 TRP A CD2 1 
ATOM   893  N NE1 . TRP A 1 111 ? 5.704   -10.814 4.964   1.00 28.79 ? 111 TRP A NE1 1 
ATOM   894  C CE2 . TRP A 1 111 ? 5.077   -10.425 3.806   1.00 30.82 ? 111 TRP A CE2 1 
ATOM   895  C CE3 . TRP A 1 111 ? 3.551   -8.694  3.086   1.00 25.94 ? 111 TRP A CE3 1 
ATOM   896  C CZ2 . TRP A 1 111 ? 5.145   -10.965 2.524   1.00 28.82 ? 111 TRP A CZ2 1 
ATOM   897  C CZ3 . TRP A 1 111 ? 3.610   -9.240  1.815   1.00 25.80 ? 111 TRP A CZ3 1 
ATOM   898  C CH2 . TRP A 1 111 ? 4.412   -10.356 1.543   1.00 31.36 ? 111 TRP A CH2 1 
ATOM   899  N N   . VAL A 1 112 ? 3.136   -4.759  5.408   1.00 23.25 ? 112 VAL A N   1 
ATOM   900  C CA  . VAL A 1 112 ? 2.146   -3.691  5.539   1.00 23.60 ? 112 VAL A CA  1 
ATOM   901  C C   . VAL A 1 112 ? 0.765   -4.258  5.237   1.00 25.22 ? 112 VAL A C   1 
ATOM   902  O O   . VAL A 1 112 ? 0.539   -4.788  4.145   1.00 21.21 ? 112 VAL A O   1 
ATOM   903  C CB  . VAL A 1 112 ? 2.469   -2.513  4.586   1.00 23.58 ? 112 VAL A CB  1 
ATOM   904  C CG1 . VAL A 1 112 ? 1.334   -1.525  4.533   1.00 25.59 ? 112 VAL A CG1 1 
ATOM   905  C CG2 . VAL A 1 112 ? 3.772   -1.825  5.010   1.00 23.08 ? 112 VAL A CG2 1 
ATOM   906  N N   . ARG A 1 113 ? -0.145  -4.171  6.207   1.00 17.08 ? 113 ARG A N   1 
ATOM   907  C CA  . ARG A 1 113 ? -1.498  -4.685  6.019   1.00 21.84 ? 113 ARG A CA  1 
ATOM   908  C C   . ARG A 1 113 ? -2.478  -3.547  5.826   1.00 21.07 ? 113 ARG A C   1 
ATOM   909  O O   . ARG A 1 113 ? -2.596  -2.678  6.685   1.00 20.24 ? 113 ARG A O   1 
ATOM   910  C CB  . ARG A 1 113 ? -1.944  -5.533  7.209   1.00 20.59 ? 113 ARG A CB  1 
ATOM   911  C CG  . ARG A 1 113 ? -3.348  -6.116  7.017   1.00 21.40 ? 113 ARG A CG  1 
ATOM   912  C CD  . ARG A 1 113 ? -3.912  -6.629  8.331   1.00 23.47 ? 113 ARG A CD  1 
ATOM   913  N NE  . ARG A 1 113 ? -5.223  -7.248  8.137   1.00 26.05 ? 113 ARG A NE  1 
ATOM   914  C CZ  . ARG A 1 113 ? -6.383  -6.611  8.276   1.00 27.25 ? 113 ARG A CZ  1 
ATOM   915  N NH1 . ARG A 1 113 ? -6.413  -5.332  8.621   1.00 24.28 ? 113 ARG A NH1 1 
ATOM   916  N NH2 . ARG A 1 113 ? -7.524  -7.264  8.076   1.00 32.45 ? 113 ARG A NH2 1 
ATOM   917  N N   . VAL A 1 114 ? -3.181  -3.561  4.696   1.00 18.40 ? 114 VAL A N   1 
ATOM   918  C CA  . VAL A 1 114 ? -4.132  -2.499  4.368   1.00 17.94 ? 114 VAL A CA  1 
ATOM   919  C C   . VAL A 1 114 ? -5.430  -3.091  3.832   1.00 26.08 ? 114 VAL A C   1 
ATOM   920  O O   . VAL A 1 114 ? -5.464  -3.625  2.726   1.00 21.73 ? 114 VAL A O   1 
ATOM   921  C CB  . VAL A 1 114 ? -3.556  -1.517  3.313   1.00 24.57 ? 114 VAL A CB  1 
ATOM   922  C CG1 . VAL A 1 114 ? -4.421  -0.276  3.206   1.00 24.49 ? 114 VAL A CG1 1 
ATOM   923  C CG2 . VAL A 1 114 ? -2.151  -1.111  3.684   1.00 25.07 ? 114 VAL A CG2 1 
ATOM   924  N N   . PRO A 1 115 ? -6.503  -3.007  4.624   1.00 23.69 ? 115 PRO A N   1 
ATOM   925  C CA  . PRO A 1 115 ? -7.837  -3.420  4.172   1.00 26.07 ? 115 PRO A CA  1 
ATOM   926  C C   . PRO A 1 115 ? -8.385  -2.489  3.105   1.00 24.52 ? 115 PRO A C   1 
ATOM   927  O O   . PRO A 1 115 ? -8.233  -1.265  3.214   1.00 22.07 ? 115 PRO A O   1 
ATOM   928  C CB  . PRO A 1 115 ? -8.685  -3.331  5.446   1.00 27.11 ? 115 PRO A CB  1 
ATOM   929  C CG  . PRO A 1 115 ? -8.028  -2.253  6.232   1.00 34.87 ? 115 PRO A CG  1 
ATOM   930  C CD  . PRO A 1 115 ? -6.535  -2.459  5.990   1.00 29.95 ? 115 PRO A CD  1 
ATOM   931  N N   . LEU A 1 116 ? -9.006  -3.062  2.077   1.00 22.87 ? 116 LEU A N   1 
ATOM   932  C CA  . LEU A 1 116 ? -9.740  -2.270  1.095   1.00 25.32 ? 116 LEU A CA  1 
ATOM   933  C C   . LEU A 1 116 ? -11.023 -1.757  1.750   1.00 30.14 ? 116 LEU A C   1 
ATOM   934  O O   . LEU A 1 116 ? -11.808 -2.544  2.273   1.00 30.49 ? 116 LEU A O   1 
ATOM   935  C CB  . LEU A 1 116 ? -10.052 -3.101  -0.158  1.00 25.80 ? 116 LEU A CB  1 
ATOM   936  C CG  . LEU A 1 116 ? -10.675 -2.391  -1.370  1.00 21.73 ? 116 LEU A CG  1 
ATOM   937  C CD1 . LEU A 1 116 ? -10.393 -3.181  -2.632  1.00 18.85 ? 116 LEU A CD1 1 
ATOM   938  C CD2 . LEU A 1 116 ? -12.174 -2.207  -1.200  1.00 27.33 ? 116 LEU A CD2 1 
ATOM   939  N N   . THR A 1 117 ? -11.236 -0.446  1.737   1.00 27.46 ? 117 THR A N   1 
ATOM   940  C CA  . THR A 1 117 ? -12.421 0.110   2.382   1.00 30.26 ? 117 THR A CA  1 
ATOM   941  C C   . THR A 1 117 ? -13.142 1.110   1.500   1.00 29.89 ? 117 THR A C   1 
ATOM   942  O O   . THR A 1 117 ? -12.617 1.544   0.479   1.00 34.94 ? 117 THR A O   1 
ATOM   943  C CB  . THR A 1 117 ? -12.070 0.814   3.708   1.00 33.69 ? 117 THR A CB  1 
ATOM   944  O OG1 . THR A 1 117 ? -11.244 1.949   3.431   1.00 35.58 ? 117 THR A OG1 1 
ATOM   945  C CG2 . THR A 1 117 ? -11.321 -0.126  4.633   1.00 38.49 ? 117 THR A CG2 1 
ATOM   946  N N   . GLU A 1 118 ? -14.358 1.465   1.905   1.00 33.03 ? 118 GLU A N   1 
ATOM   947  C CA  . GLU A 1 118 ? -15.074 2.565   1.283   1.00 38.29 ? 118 GLU A CA  1 
ATOM   948  C C   . GLU A 1 118 ? -14.230 3.824   1.289   1.00 39.68 ? 118 GLU A C   1 
ATOM   949  O O   . GLU A 1 118 ? -13.441 4.059   2.203   1.00 47.71 ? 118 GLU A O   1 
ATOM   950  C CB  . GLU A 1 118 ? -16.394 2.848   2.008   1.00 39.29 ? 118 GLU A CB  1 
ATOM   951  C CG  . GLU A 1 118 ? -17.494 1.843   1.763   1.00 49.60 ? 118 GLU A CG  1 
ATOM   952  C CD  . GLU A 1 118 ? -18.816 2.314   2.327   1.00 58.07 ? 118 GLU A CD  1 
ATOM   953  O OE1 . GLU A 1 118 ? -18.933 3.528   2.618   1.00 57.27 ? 118 GLU A OE1 1 
ATOM   954  O OE2 . GLU A 1 118 ? -19.729 1.475   2.481   1.00 60.45 ? 118 GLU A OE2 1 
ATOM   955  N N   . ILE A 1 119 ? -14.403 4.625   0.250   1.00 35.70 ? 119 ILE A N   1 
ATOM   956  C CA  . ILE A 1 119 ? -13.884 5.976   0.217   1.00 44.00 ? 119 ILE A CA  1 
ATOM   957  C C   . ILE A 1 119 ? -15.030 6.943   0.501   1.00 49.79 ? 119 ILE A C   1 
ATOM   958  O O   . ILE A 1 119 ? -16.148 6.745   0.017   1.00 40.90 ? 119 ILE A O   1 
ATOM   959  C CB  . ILE A 1 119 ? -13.256 6.289   -1.126  1.00 40.33 ? 119 ILE A CB  1 
ATOM   960  C CG1 . ILE A 1 119 ? -12.046 5.375   -1.351  1.00 39.28 ? 119 ILE A CG1 1 
ATOM   961  C CG2 . ILE A 1 119 ? -12.879 7.757   -1.197  1.00 40.70 ? 119 ILE A CG2 1 
ATOM   962  C CD1 . ILE A 1 119 ? -11.504 5.442   -2.751  1.00 38.34 ? 119 ILE A CD1 1 
ATOM   963  N N   . HIS A 1 120 ? -14.759 7.977   1.294   1.00 51.84 ? 120 HIS A N   1 
ATOM   964  C CA  . HIS A 1 120 ? -15.817 8.891   1.730   1.00 54.68 ? 120 HIS A CA  1 
ATOM   965  C C   . HIS A 1 120 ? -15.626 10.310  1.200   1.00 50.49 ? 120 HIS A C   1 
ATOM   966  O O   . HIS A 1 120 ? -16.590 11.074  1.085   1.00 58.33 ? 120 HIS A O   1 
ATOM   967  C CB  . HIS A 1 120 ? -15.897 8.909   3.257   1.00 58.94 ? 120 HIS A CB  1 
ATOM   968  C CG  . HIS A 1 120 ? -16.056 7.552   3.867   1.00 55.22 ? 120 HIS A CG  1 
ATOM   969  N ND1 . HIS A 1 120 ? -17.197 6.791   3.710   1.00 61.21 ? 120 HIS A ND1 1 
ATOM   970  C CD2 . HIS A 1 120 ? -15.219 6.818   4.639   1.00 57.13 ? 120 HIS A CD2 1 
ATOM   971  C CE1 . HIS A 1 120 ? -17.055 5.648   4.356   1.00 60.11 ? 120 HIS A CE1 1 
ATOM   972  N NE2 . HIS A 1 120 ? -15.862 5.638   4.928   1.00 66.75 ? 120 HIS A NE2 1 
HETATM 973  C C1  . CPS B 2 .   ? 6.149   2.096   3.649   1.00 32.74 ? 201 CPS A C1  1 
HETATM 974  C C2  . CPS B 2 .   ? 6.372   2.283   5.131   1.00 30.99 ? 201 CPS A C2  1 
HETATM 975  C C3  . CPS B 2 .   ? 7.765   4.367   4.668   1.00 30.45 ? 201 CPS A C3  1 
HETATM 976  C C4  . CPS B 2 .   ? 9.023   5.142   4.978   1.00 26.03 ? 201 CPS A C4  1 
HETATM 977  C C5  . CPS B 2 .   ? 9.199   5.337   6.447   1.00 28.35 ? 201 CPS A C5  1 
HETATM 978  C C6  . CPS B 2 .   ? 9.146   3.984   7.104   1.00 29.46 ? 201 CPS A C6  1 
HETATM 979  C C7  . CPS B 2 .   ? 9.544   4.194   8.534   1.00 30.61 ? 201 CPS A C7  1 
HETATM 980  C C8  . CPS B 2 .   ? 10.594  5.273   8.393   1.00 33.34 ? 201 CPS A C8  1 
HETATM 981  C C9  . CPS B 2 .   ? 10.569  5.754   6.942   1.00 26.69 ? 201 CPS A C9  1 
HETATM 982  C C10 . CPS B 2 .   ? 8.116   6.306   6.905   1.00 28.48 ? 201 CPS A C10 1 
HETATM 983  C C11 . CPS B 2 .   ? 5.252   3.164   5.633   1.00 33.91 ? 201 CPS A C11 1 
HETATM 984  C C12 . CPS B 2 .   ? 7.121   1.104   3.040   1.00 28.58 ? 201 CPS A C12 1 
HETATM 985  C C13 . CPS B 2 .   ? 6.969   -0.234  3.718   1.00 26.16 ? 201 CPS A C13 1 
HETATM 986  C C14 . CPS B 2 .   ? 7.316   -0.066  5.189   1.00 24.08 ? 201 CPS A C14 1 
HETATM 987  C C15 . CPS B 2 .   ? 6.375   0.922   5.832   1.00 33.50 ? 201 CPS A C15 1 
HETATM 988  C C16 . CPS B 2 .   ? 6.656   1.017   7.322   1.00 28.15 ? 201 CPS A C16 1 
HETATM 989  C C17 . CPS B 2 .   ? 7.873   1.881   7.645   1.00 28.89 ? 201 CPS A C17 1 
HETATM 990  C C18 . CPS B 2 .   ? 7.847   3.229   6.894   1.00 29.23 ? 201 CPS A C18 1 
HETATM 991  C C19 . CPS B 2 .   ? 7.668   3.038   5.406   1.00 26.44 ? 201 CPS A C19 1 
HETATM 992  C C20 . CPS B 2 .   ? 10.996  7.233   6.822   1.00 36.82 ? 201 CPS A C20 1 
HETATM 993  C C21 . CPS B 2 .   ? 10.777  7.882   5.452   1.00 32.93 ? 201 CPS A C21 1 
HETATM 994  C C22 . CPS B 2 .   ? 12.436  7.439   7.280   1.00 41.06 ? 201 CPS A C22 1 
HETATM 995  C C23 . CPS B 2 .   ? 12.895  8.871   7.496   1.00 53.99 ? 201 CPS A C23 1 
HETATM 996  C C24 . CPS B 2 .   ? 13.993  8.909   8.553   1.00 66.55 ? 201 CPS A C24 1 
HETATM 997  C C25 . CPS B 2 .   ? 14.667  9.563   10.832  1.00 78.87 ? 201 CPS A C25 1 
HETATM 998  C C26 . CPS B 2 .   ? 14.101  10.162  12.134  1.00 87.41 ? 201 CPS A C26 1 
HETATM 999  C C27 . CPS B 2 .   ? 15.078  10.174  13.325  1.00 90.01 ? 201 CPS A C27 1 
HETATM 1000 C C28 . CPS B 2 .   ? 14.652  12.396  14.077  1.00 81.85 ? 201 CPS A C28 1 
HETATM 1001 C C29 . CPS B 2 .   ? 13.223  10.637  14.788  1.00 78.64 ? 201 CPS A C29 1 
HETATM 1002 C C30 . CPS B 2 .   ? 15.437  10.642  15.645  1.00 84.82 ? 201 CPS A C30 1 
HETATM 1003 N N1  . CPS B 2 .   ? 13.697  9.467   9.730   1.00 78.32 ? 201 CPS A N1  1 
HETATM 1004 N N2  . CPS B 2 .   ? 14.611  10.983  14.469  1.00 88.92 1 201 CPS A N2  1 
HETATM 1005 O O1  . CPS B 2 .   ? 15.114  8.463   8.343   1.00 70.28 ? 201 CPS A O1  1 
HETATM 1006 O O2  . CPS B 2 .   ? 7.781   -1.193  3.040   1.00 28.18 ? 201 CPS A O2  1 
HETATM 1007 O O3  . CPS B 2 .   ? 9.074   1.139   7.433   1.00 26.13 ? 201 CPS A O3  1 
HETATM 1008 O O4  . CPS B 2 .   ? 10.112  4.391   4.507   1.00 27.49 ? 201 CPS A O4  1 
HETATM 1009 C C1  . CPS C 2 .   ? 5.225   11.377  11.190  1.00 56.19 ? 202 CPS A C1  1 
HETATM 1010 C C2  . CPS C 2 .   ? 4.991   10.188  10.275  1.00 48.10 ? 202 CPS A C2  1 
HETATM 1011 C C3  . CPS C 2 .   ? 3.643   8.574   11.787  1.00 53.98 ? 202 CPS A C3  1 
HETATM 1012 C C4  . CPS C 2 .   ? 3.737   7.438   12.806  1.00 50.49 ? 202 CPS A C4  1 
HETATM 1013 C C5  . CPS C 2 .   ? 4.516   6.227   12.322  1.00 56.09 ? 202 CPS A C5  1 
HETATM 1014 C C6  . CPS C 2 .   ? 5.592   6.573   11.330  1.00 45.51 ? 202 CPS A C6  1 
HETATM 1015 C C7  . CPS C 2 .   ? 5.947   5.225   10.788  1.00 49.00 ? 202 CPS A C7  1 
HETATM 1016 C C8  . CPS C 2 .   ? 6.290   4.633   12.131  1.00 46.32 ? 202 CPS A C8  1 
HETATM 1017 C C9  . CPS C 2 .   ? 5.545   5.482   13.179  1.00 52.95 ? 202 CPS A C9  1 
HETATM 1018 C C10 . CPS C 2 .   ? 3.472   5.263   11.790  1.00 49.25 ? 202 CPS A C10 1 
HETATM 1019 C C11 . CPS C 2 .   ? 3.588   10.278  9.737   1.00 50.77 ? 202 CPS A C11 1 
HETATM 1020 C C12 . CPS C 2 .   ? 5.547   12.712  10.521  1.00 53.68 ? 202 CPS A C12 1 
HETATM 1021 C C13 . CPS C 2 .   ? 6.672   12.652  9.509   1.00 48.45 ? 202 CPS A C13 1 
HETATM 1022 C C14 . CPS C 2 .   ? 7.165   11.225  9.372   1.00 47.19 ? 202 CPS A C14 1 
HETATM 1023 C C15 . CPS C 2 .   ? 6.009   10.282  9.120   1.00 49.91 ? 202 CPS A C15 1 
HETATM 1024 C C16 . CPS C 2 .   ? 6.550   8.954   8.641   1.00 48.60 ? 202 CPS A C16 1 
HETATM 1025 C C17 . CPS C 2 .   ? 6.765   8.031   9.810   1.00 48.39 ? 202 CPS A C17 1 
HETATM 1026 C C18 . CPS C 2 .   ? 5.395   7.685   10.343  1.00 45.44 ? 202 CPS A C18 1 
HETATM 1027 C C19 . CPS C 2 .   ? 4.964   8.894   11.108  1.00 47.27 ? 202 CPS A C19 1 
HETATM 1028 C C20 . CPS C 2 .   ? 5.135   4.604   14.378  1.00 46.36 ? 202 CPS A C20 1 
HETATM 1029 C C21 . CPS C 2 .   ? 4.162   5.255   15.366  1.00 51.23 ? 202 CPS A C21 1 
HETATM 1030 C C22 . CPS C 2 .   ? 6.332   4.009   15.130  1.00 52.47 ? 202 CPS A C22 1 
HETATM 1031 C C23 . CPS C 2 .   ? 6.884   2.671   14.631  1.00 51.52 ? 202 CPS A C23 1 
HETATM 1032 C C24 . CPS C 2 .   ? 7.985   2.121   15.542  1.00 57.63 ? 202 CPS A C24 1 
HETATM 1033 C C25 . CPS C 2 .   ? 8.183   0.155   14.095  1.00 56.88 ? 202 CPS A C25 1 
HETATM 1034 C C26 . CPS C 2 .   ? 7.844   -1.304  14.418  1.00 55.34 ? 202 CPS A C26 1 
HETATM 1035 C C27 . CPS C 2 .   ? 8.936   -1.985  15.250  1.00 58.54 ? 202 CPS A C27 1 
HETATM 1036 C C28 . CPS C 2 .   ? 9.153   -3.406  13.361  1.00 56.13 ? 202 CPS A C28 1 
HETATM 1037 C C29 . CPS C 2 .   ? 10.811  -1.766  13.802  1.00 68.48 ? 202 CPS A C29 1 
HETATM 1038 C C30 . CPS C 2 .   ? 10.678  -3.608  15.307  1.00 66.05 ? 202 CPS A C30 1 
HETATM 1039 N N1  . CPS C 2 .   ? 8.557   0.952   15.257  1.00 56.59 ? 202 CPS A N1  1 
HETATM 1040 N N2  . CPS C 2 .   ? 9.896   -2.725  14.422  1.00 61.29 1 202 CPS A N2  1 
HETATM 1041 O O1  . CPS C 2 .   ? 8.372   2.710   16.540  1.00 63.95 ? 202 CPS A O1  1 
HETATM 1042 O O2  . CPS C 2 .   ? 7.684   13.564  9.917   1.00 53.05 ? 202 CPS A O2  1 
HETATM 1043 O O3  . CPS C 2 .   ? 7.515   8.694   10.822  1.00 38.96 ? 202 CPS A O3  1 
HETATM 1044 O O4  . CPS C 2 .   ? 4.254   7.940   14.015  1.00 58.02 ? 202 CPS A O4  1 
HETATM 1045 C C   . ACY D 3 .   ? -4.523  13.497  -0.034  1.00 54.34 ? 203 ACY A C   1 
HETATM 1046 O O   . ACY D 3 .   ? -3.858  14.558  -0.054  1.00 52.88 ? 203 ACY A O   1 
HETATM 1047 O OXT . ACY D 3 .   ? -5.117  13.185  0.977   1.00 58.70 ? 203 ACY A OXT 1 
HETATM 1048 C CH3 . ACY D 3 .   ? -4.638  12.571  -1.217  1.00 51.92 ? 203 ACY A CH3 1 
HETATM 1049 H H1  . ACY D 3 .   ? -4.271  13.048  -2.086  1.00 62.31 ? 203 ACY A H1  1 
HETATM 1050 H H2  . ACY D 3 .   ? -5.651  12.312  -1.363  1.00 62.31 ? 203 ACY A H2  1 
HETATM 1051 H H3  . ACY D 3 .   ? -4.086  11.691  -1.035  1.00 62.31 ? 203 ACY A H3  1 
HETATM 1052 O O   . HOH E 4 .   ? 5.018   -2.445  -14.930 1.00 42.80 ? 301 HOH A O   1 
HETATM 1053 O O   . HOH E 4 .   ? -4.126  -9.571  12.788  1.00 40.12 ? 302 HOH A O   1 
HETATM 1054 O O   . HOH E 4 .   ? 6.296   -11.408 15.770  1.00 42.90 ? 303 HOH A O   1 
HETATM 1055 O O   . HOH E 4 .   ? 0.927   -15.681 1.346   1.00 40.25 ? 304 HOH A O   1 
HETATM 1056 O O   . HOH E 4 .   ? -11.260 -1.174  -11.799 1.00 25.72 ? 305 HOH A O   1 
HETATM 1057 O O   . HOH E 4 .   ? 7.307   15.647  5.033   1.00 30.58 ? 306 HOH A O   1 
HETATM 1058 O O   . HOH E 4 .   ? 9.538   18.427  2.352   1.00 32.48 ? 307 HOH A O   1 
HETATM 1059 O O   . HOH E 4 .   ? -0.912  -12.159 13.758  1.00 39.08 ? 308 HOH A O   1 
HETATM 1060 O O   . HOH E 4 .   ? 7.776   -3.741  3.707   1.00 27.41 ? 309 HOH A O   1 
HETATM 1061 O O   . HOH E 4 .   ? -6.422  5.533   11.497  1.00 34.50 ? 310 HOH A O   1 
HETATM 1062 O O   . HOH E 4 .   ? 5.203   -10.332 -14.926 1.00 44.79 ? 311 HOH A O   1 
HETATM 1063 O O   . HOH E 4 .   ? -0.008  0.928   12.262  1.00 26.08 ? 312 HOH A O   1 
HETATM 1064 O O   . HOH E 4 .   ? 11.081  11.983  5.385   1.00 29.86 ? 313 HOH A O   1 
HETATM 1065 O O   . HOH E 4 .   ? 3.260   19.342  10.705  1.00 40.67 ? 314 HOH A O   1 
HETATM 1066 O O   . HOH E 4 .   ? -11.809 -5.870  -7.406  1.00 27.90 ? 315 HOH A O   1 
HETATM 1067 O O   . HOH E 4 .   ? 9.857   -9.715  10.705  1.00 39.95 ? 316 HOH A O   1 
HETATM 1068 O O   . HOH E 4 .   ? 11.880  2.475   5.336   1.00 38.17 ? 317 HOH A O   1 
HETATM 1069 O O   . HOH E 4 .   ? -14.024 -3.992  -4.511  1.00 25.71 ? 318 HOH A O   1 
HETATM 1070 O O   . HOH E 4 .   ? 11.185  5.822   2.392   1.00 34.06 ? 319 HOH A O   1 
HETATM 1071 O O   . HOH E 4 .   ? -3.028  3.196   10.275  1.00 24.47 ? 320 HOH A O   1 
HETATM 1072 O O   . HOH E 4 .   ? 6.544   -4.002  -14.768 1.00 37.25 ? 321 HOH A O   1 
HETATM 1073 O O   . HOH E 4 .   ? -1.604  -10.291 -12.092 1.00 39.10 ? 322 HOH A O   1 
HETATM 1074 O O   . HOH E 4 .   ? -4.430  -3.241  8.785   1.00 25.15 ? 323 HOH A O   1 
HETATM 1075 O O   . HOH E 4 .   ? -6.009  -10.110 7.698   1.00 33.94 ? 324 HOH A O   1 
HETATM 1076 O O   . HOH E 4 .   ? -0.670  5.008   -8.641  1.00 39.82 ? 325 HOH A O   1 
HETATM 1077 O O   . HOH E 4 .   ? 2.559   19.598  7.540   1.00 29.39 ? 326 HOH A O   1 
HETATM 1078 O O   . HOH E 4 .   ? -8.484  -3.449  9.539   1.00 36.92 ? 327 HOH A O   1 
HETATM 1079 O O   . HOH E 4 .   ? 6.360   -20.144 8.408   1.00 58.45 ? 328 HOH A O   1 
HETATM 1080 O O   . HOH E 4 .   ? -15.678 -10.549 -2.910  1.00 54.74 ? 329 HOH A O   1 
HETATM 1081 O O   . HOH E 4 .   ? -4.994  -0.936  -12.657 1.00 52.13 ? 330 HOH A O   1 
HETATM 1082 O O   . HOH E 4 .   ? -2.397  -8.662  -10.616 1.00 32.15 ? 331 HOH A O   1 
HETATM 1083 O O   . HOH E 4 .   ? 11.488  1.419   14.460  1.00 57.28 ? 332 HOH A O   1 
HETATM 1084 O O   . HOH E 4 .   ? -9.792  -3.078  -13.208 1.00 40.86 ? 333 HOH A O   1 
HETATM 1085 O O   . HOH E 4 .   ? -1.044  7.816   13.906  1.00 49.59 ? 334 HOH A O   1 
HETATM 1086 O O   . HOH E 4 .   ? 16.256  -5.068  0.081   1.00 52.82 ? 335 HOH A O   1 
HETATM 1087 O O   . HOH E 4 .   ? 12.626  -3.997  7.894   1.00 37.64 ? 336 HOH A O   1 
HETATM 1088 O O   . HOH E 4 .   ? 9.072   16.514  9.583   1.00 44.69 ? 337 HOH A O   1 
HETATM 1089 O O   . HOH E 4 .   ? -1.997  -12.195 -10.943 1.00 48.06 ? 338 HOH A O   1 
HETATM 1090 O O   . HOH E 4 .   ? 0.439   7.773   -11.623 1.00 57.45 ? 339 HOH A O   1 
HETATM 1091 O O   . HOH E 4 .   ? 3.673   12.346  -9.953  1.00 53.16 ? 340 HOH A O   1 
HETATM 1092 O O   . HOH E 4 .   ? 9.184   9.942   -5.044  1.00 43.01 ? 341 HOH A O   1 
HETATM 1093 O O   . HOH E 4 .   ? 16.627  2.274   -4.391  1.00 50.97 ? 342 HOH A O   1 
HETATM 1094 O O   . HOH E 4 .   ? -7.698  -8.606  -10.605 1.00 49.10 ? 343 HOH A O   1 
HETATM 1095 O O   . HOH E 4 .   ? 12.149  7.211   -1.173  1.00 47.44 ? 344 HOH A O   1 
HETATM 1096 O O   . HOH E 4 .   ? 3.722   -14.065 -13.777 1.00 51.06 ? 345 HOH A O   1 
HETATM 1097 O O   . HOH E 4 .   ? -15.072 -4.973  -1.902  1.00 39.61 ? 346 HOH A O   1 
HETATM 1098 O O   . HOH E 4 .   ? 9.546   -9.520  -15.378 1.00 32.29 ? 347 HOH A O   1 
HETATM 1099 O O   . HOH E 4 .   ? 17.925  -0.916  2.055   1.00 49.78 ? 348 HOH A O   1 
HETATM 1100 O O   . HOH E 4 .   ? -10.308 8.419   -6.324  1.00 47.62 ? 349 HOH A O   1 
HETATM 1101 O O   . HOH E 4 .   ? -13.429 -6.524  -4.587  1.00 39.92 ? 350 HOH A O   1 
HETATM 1102 O O   . HOH E 4 .   ? -8.550  8.170   -7.787  1.00 55.93 ? 351 HOH A O   1 
HETATM 1103 O O   . HOH E 4 .   ? -6.844  -3.479  -14.795 1.00 46.25 ? 352 HOH A O   1 
HETATM 1104 O O   . HOH E 4 .   ? -7.188  6.698   -8.496  1.00 50.11 ? 353 HOH A O   1 
HETATM 1105 O O   . HOH E 4 .   ? -3.724  7.411   -9.951  1.00 47.54 ? 354 HOH A O   1 
HETATM 1106 O O   . HOH E 4 .   ? -5.017  -7.245  -11.093 1.00 39.52 ? 355 HOH A O   1 
HETATM 1107 O O   . HOH E 4 .   ? -8.117  16.720  6.950   1.00 46.76 ? 356 HOH A O   1 
HETATM 1108 O O   . HOH E 4 .   ? 18.999  -9.778  9.971   1.00 78.35 ? 357 HOH A O   1 
HETATM 1109 O O   . HOH E 4 .   ? -2.655  -12.367 -13.098 1.00 48.08 ? 358 HOH A O   1 
HETATM 1110 O O   . HOH E 4 .   ? 19.996  -6.876  8.752   1.00 75.91 ? 359 HOH A O   1 
HETATM 1111 O O   . HOH E 4 .   ? 13.472  6.276   -2.586  1.00 46.22 ? 360 HOH A O   1 
HETATM 1112 O O   . HOH E 4 .   ? -3.623  9.882   -9.140  1.00 48.71 ? 361 HOH A O   1 
HETATM 1113 O O   . HOH E 4 .   ? 7.153   7.031   -16.913 1.00 54.73 ? 362 HOH A O   1 
HETATM 1114 O O   . HOH E 4 .   ? -10.575 12.837  -2.462  1.00 42.92 ? 363 HOH A O   1 
HETATM 1115 O O   . HOH E 4 .   ? 23.514  -7.034  8.798   1.00 79.96 ? 364 HOH A O   1 
# 
